data_2ZND
# 
_entry.id   2ZND 
# 
_audit_conform.dict_name       mmcif_pdbx.dic 
_audit_conform.dict_version    5.380 
_audit_conform.dict_location   http://mmcif.pdb.org/dictionaries/ascii/mmcif_pdbx.dic 
# 
loop_
_database_2.database_id 
_database_2.database_code 
_database_2.pdbx_database_accession 
_database_2.pdbx_DOI 
PDB   2ZND         pdb_00002znd 10.2210/pdb2znd/pdb 
RCSB  RCSB028186   ?            ?                   
WWPDB D_1000028186 ?            ?                   
# 
loop_
_pdbx_database_related.db_name 
_pdbx_database_related.db_id 
_pdbx_database_related.details 
_pdbx_database_related.content_type 
PDB 2ZN8 'Crystal structure of Zn2+-bound form of ALG-2'                                        unspecified 
PDB 2ZN9 'Crystal structure of Ca2+-bound form of des3-20ALG-2'                                 unspecified 
PDB 2ZNE 'Crystal structure of Zn2+-bound form of des3-23ALG-2 complexed with Alix ABS peptide' unspecified 
# 
_pdbx_database_status.status_code                     REL 
_pdbx_database_status.entry_id                        2ZND 
_pdbx_database_status.recvd_initial_deposition_date   2008-04-22 
_pdbx_database_status.deposit_site                    PDBJ 
_pdbx_database_status.process_site                    PDBJ 
_pdbx_database_status.status_code_sf                  REL 
_pdbx_database_status.status_code_mr                  ? 
_pdbx_database_status.SG_entry                        ? 
_pdbx_database_status.pdb_format_compatible           Y 
_pdbx_database_status.status_code_cs                  ? 
_pdbx_database_status.status_code_nmr_data            ? 
_pdbx_database_status.methods_development_category    ? 
# 
loop_
_audit_author.name 
_audit_author.pdbx_ordinal 
'Suzuki, H.'    1 
'Kawasaki, M.'  2 
'Inuzuka, T.'   3 
'Kakiuchi, T.'  4 
'Shibata, H.'   5 
'Wakatsuki, S.' 6 
'Maki, M.'      7 
# 
loop_
_citation.id 
_citation.title 
_citation.journal_abbrev 
_citation.journal_volume 
_citation.page_first 
_citation.page_last 
_citation.year 
_citation.journal_id_ASTM 
_citation.country 
_citation.journal_id_ISSN 
_citation.journal_id_CSD 
_citation.book_publisher 
_citation.pdbx_database_id_PubMed 
_citation.pdbx_database_id_DOI 
primary 
'Structural Basis for Ca(2+)-Dependent Formation of ALG-2/Alix Peptide Complex: Ca(2+)/EF3-Driven Arginine Switch Mechanism' 
Structure                  16 1562 1573 2008 STRUE6 UK 0969-2126 2005 ? 18940611 10.1016/j.str.2008.07.012 
1       'Crystallization and preliminary crystallographic studies of an apoptosis-linked calcium-binding protein ALG-2' 
'Acta Crystallogr.,Sect.D' 57 1162 1163 2001 ABCRE6 DK 0907-4449 0766 ? 11468406 10.1107/S090744490100926X 
# 
loop_
_citation_author.citation_id 
_citation_author.name 
_citation_author.ordinal 
_citation_author.identifier_ORCID 
primary 'Suzuki, H.'    1  ? 
primary 'Kawasaki, M.'  2  ? 
primary 'Inuzuka, T.'   3  ? 
primary 'Okumura, M.'   4  ? 
primary 'Kakiuchi, T.'  5  ? 
primary 'Shibata, H.'   6  ? 
primary 'Wakatsuki, S.' 7  ? 
primary 'Maki, M.'      8  ? 
1       'Wu, F.'        9  ? 
1       'Zhang, M.'     10 ? 
1       'Gong, W.'      11 ? 
# 
_cell.entry_id           2ZND 
_cell.length_a           71.148 
_cell.length_b           48.833 
_cell.length_c           54.183 
_cell.angle_alpha        90.00 
_cell.angle_beta         90.00 
_cell.angle_gamma        90.00 
_cell.Z_PDB              4 
_cell.pdbx_unique_axis   ? 
_cell.length_a_esd       ? 
_cell.length_b_esd       ? 
_cell.length_c_esd       ? 
_cell.angle_alpha_esd    ? 
_cell.angle_beta_esd     ? 
_cell.angle_gamma_esd    ? 
# 
_symmetry.entry_id                         2ZND 
_symmetry.space_group_name_H-M             'P 21 21 2' 
_symmetry.pdbx_full_space_group_name_H-M   ? 
_symmetry.cell_setting                     ? 
_symmetry.Int_Tables_number                18 
_symmetry.space_group_name_Hall            ? 
# 
loop_
_entity.id 
_entity.type 
_entity.src_method 
_entity.pdbx_description 
_entity.formula_weight 
_entity.pdbx_number_of_molecules 
_entity.pdbx_ec 
_entity.pdbx_mutation 
_entity.pdbx_fragment 
_entity.details 
1 polymer     man 'Programmed cell death protein 6' 20158.492 1   ? ? 'residues 20-191' ? 
2 non-polymer syn '(4R)-2-METHYLPENTANE-2,4-DIOL'   118.174   5   ? ? ?                 ? 
3 non-polymer syn 'PHOSPHATE ION'                   94.971    2   ? ? ?                 ? 
4 non-polymer syn 'SODIUM ION'                      22.990    3   ? ? ?                 ? 
5 water       nat water                             18.015    131 ? ? ?                 ? 
# 
_entity_name_com.entity_id   1 
_entity_name_com.name        'Apoptosis-linked gene 2 protein, Probable calcium-binding protein ALG-2' 
# 
_entity_poly.entity_id                      1 
_entity_poly.type                           'polypeptide(L)' 
_entity_poly.nstd_linkage                   no 
_entity_poly.nstd_monomer                   no 
_entity_poly.pdbx_seq_one_letter_code       
;AALPDQSFLWNVFQRVDKDRSGVISDTELQQALSNGTWTPFNPVTVRSIISMFDRENKAGVNFSEFTGVWKYITDWQNVF
RTYDRDNSGMIDKNELKQALSGFGYRLSDQFHDILIRKFDRQGRGQIAFDDFIQGCIVLQRLTDIFRRYDTDQDGWIQVS
YEQYLSMVFSIV
;
_entity_poly.pdbx_seq_one_letter_code_can   
;AALPDQSFLWNVFQRVDKDRSGVISDTELQQALSNGTWTPFNPVTVRSIISMFDRENKAGVNFSEFTGVWKYITDWQNVF
RTYDRDNSGMIDKNELKQALSGFGYRLSDQFHDILIRKFDRQGRGQIAFDDFIQGCIVLQRLTDIFRRYDTDQDGWIQVS
YEQYLSMVFSIV
;
_entity_poly.pdbx_strand_id                 A 
_entity_poly.pdbx_target_identifier         ? 
# 
loop_
_entity_poly_seq.entity_id 
_entity_poly_seq.num 
_entity_poly_seq.mon_id 
_entity_poly_seq.hetero 
1 1   ALA n 
1 2   ALA n 
1 3   LEU n 
1 4   PRO n 
1 5   ASP n 
1 6   GLN n 
1 7   SER n 
1 8   PHE n 
1 9   LEU n 
1 10  TRP n 
1 11  ASN n 
1 12  VAL n 
1 13  PHE n 
1 14  GLN n 
1 15  ARG n 
1 16  VAL n 
1 17  ASP n 
1 18  LYS n 
1 19  ASP n 
1 20  ARG n 
1 21  SER n 
1 22  GLY n 
1 23  VAL n 
1 24  ILE n 
1 25  SER n 
1 26  ASP n 
1 27  THR n 
1 28  GLU n 
1 29  LEU n 
1 30  GLN n 
1 31  GLN n 
1 32  ALA n 
1 33  LEU n 
1 34  SER n 
1 35  ASN n 
1 36  GLY n 
1 37  THR n 
1 38  TRP n 
1 39  THR n 
1 40  PRO n 
1 41  PHE n 
1 42  ASN n 
1 43  PRO n 
1 44  VAL n 
1 45  THR n 
1 46  VAL n 
1 47  ARG n 
1 48  SER n 
1 49  ILE n 
1 50  ILE n 
1 51  SER n 
1 52  MET n 
1 53  PHE n 
1 54  ASP n 
1 55  ARG n 
1 56  GLU n 
1 57  ASN n 
1 58  LYS n 
1 59  ALA n 
1 60  GLY n 
1 61  VAL n 
1 62  ASN n 
1 63  PHE n 
1 64  SER n 
1 65  GLU n 
1 66  PHE n 
1 67  THR n 
1 68  GLY n 
1 69  VAL n 
1 70  TRP n 
1 71  LYS n 
1 72  TYR n 
1 73  ILE n 
1 74  THR n 
1 75  ASP n 
1 76  TRP n 
1 77  GLN n 
1 78  ASN n 
1 79  VAL n 
1 80  PHE n 
1 81  ARG n 
1 82  THR n 
1 83  TYR n 
1 84  ASP n 
1 85  ARG n 
1 86  ASP n 
1 87  ASN n 
1 88  SER n 
1 89  GLY n 
1 90  MET n 
1 91  ILE n 
1 92  ASP n 
1 93  LYS n 
1 94  ASN n 
1 95  GLU n 
1 96  LEU n 
1 97  LYS n 
1 98  GLN n 
1 99  ALA n 
1 100 LEU n 
1 101 SER n 
1 102 GLY n 
1 103 PHE n 
1 104 GLY n 
1 105 TYR n 
1 106 ARG n 
1 107 LEU n 
1 108 SER n 
1 109 ASP n 
1 110 GLN n 
1 111 PHE n 
1 112 HIS n 
1 113 ASP n 
1 114 ILE n 
1 115 LEU n 
1 116 ILE n 
1 117 ARG n 
1 118 LYS n 
1 119 PHE n 
1 120 ASP n 
1 121 ARG n 
1 122 GLN n 
1 123 GLY n 
1 124 ARG n 
1 125 GLY n 
1 126 GLN n 
1 127 ILE n 
1 128 ALA n 
1 129 PHE n 
1 130 ASP n 
1 131 ASP n 
1 132 PHE n 
1 133 ILE n 
1 134 GLN n 
1 135 GLY n 
1 136 CYS n 
1 137 ILE n 
1 138 VAL n 
1 139 LEU n 
1 140 GLN n 
1 141 ARG n 
1 142 LEU n 
1 143 THR n 
1 144 ASP n 
1 145 ILE n 
1 146 PHE n 
1 147 ARG n 
1 148 ARG n 
1 149 TYR n 
1 150 ASP n 
1 151 THR n 
1 152 ASP n 
1 153 GLN n 
1 154 ASP n 
1 155 GLY n 
1 156 TRP n 
1 157 ILE n 
1 158 GLN n 
1 159 VAL n 
1 160 SER n 
1 161 TYR n 
1 162 GLU n 
1 163 GLN n 
1 164 TYR n 
1 165 LEU n 
1 166 SER n 
1 167 MET n 
1 168 VAL n 
1 169 PHE n 
1 170 SER n 
1 171 ILE n 
1 172 VAL n 
# 
_entity_src_gen.entity_id                          1 
_entity_src_gen.pdbx_src_id                        1 
_entity_src_gen.pdbx_alt_source_flag               sample 
_entity_src_gen.pdbx_seq_type                      ? 
_entity_src_gen.pdbx_beg_seq_num                   ? 
_entity_src_gen.pdbx_end_seq_num                   ? 
_entity_src_gen.gene_src_common_name               Human 
_entity_src_gen.gene_src_genus                     ? 
_entity_src_gen.pdbx_gene_src_gene                 'PDCD6, ALG2' 
_entity_src_gen.gene_src_species                   ? 
_entity_src_gen.gene_src_strain                    ? 
_entity_src_gen.gene_src_tissue                    ? 
_entity_src_gen.gene_src_tissue_fraction           ? 
_entity_src_gen.gene_src_details                   ? 
_entity_src_gen.pdbx_gene_src_fragment             ? 
_entity_src_gen.pdbx_gene_src_scientific_name      'Homo sapiens' 
_entity_src_gen.pdbx_gene_src_ncbi_taxonomy_id     9606 
_entity_src_gen.pdbx_gene_src_variant              ? 
_entity_src_gen.pdbx_gene_src_cell_line            ? 
_entity_src_gen.pdbx_gene_src_atcc                 ? 
_entity_src_gen.pdbx_gene_src_organ                ? 
_entity_src_gen.pdbx_gene_src_organelle            ? 
_entity_src_gen.pdbx_gene_src_cell                 ? 
_entity_src_gen.pdbx_gene_src_cellular_location    ? 
_entity_src_gen.host_org_common_name               ? 
_entity_src_gen.pdbx_host_org_scientific_name      'Escherichia coli' 
_entity_src_gen.pdbx_host_org_ncbi_taxonomy_id     562 
_entity_src_gen.host_org_genus                     ? 
_entity_src_gen.pdbx_host_org_gene                 ? 
_entity_src_gen.pdbx_host_org_organ                ? 
_entity_src_gen.host_org_species                   ? 
_entity_src_gen.pdbx_host_org_tissue               ? 
_entity_src_gen.pdbx_host_org_tissue_fraction      ? 
_entity_src_gen.pdbx_host_org_strain               'BL21(DE3)pLysS' 
_entity_src_gen.pdbx_host_org_variant              ? 
_entity_src_gen.pdbx_host_org_cell_line            ? 
_entity_src_gen.pdbx_host_org_atcc                 ? 
_entity_src_gen.pdbx_host_org_culture_collection   ? 
_entity_src_gen.pdbx_host_org_cell                 ? 
_entity_src_gen.pdbx_host_org_organelle            ? 
_entity_src_gen.pdbx_host_org_cellular_location    ? 
_entity_src_gen.pdbx_host_org_vector_type          plasmid 
_entity_src_gen.pdbx_host_org_vector               ? 
_entity_src_gen.host_org_details                   ? 
_entity_src_gen.expression_system_id               ? 
_entity_src_gen.plasmid_name                       pET3d 
_entity_src_gen.plasmid_details                    ? 
_entity_src_gen.pdbx_description                   ? 
# 
_struct_ref.id                         1 
_struct_ref.db_name                    UNP 
_struct_ref.db_code                    PDCD6_HUMAN 
_struct_ref.pdbx_db_accession          O75340 
_struct_ref.entity_id                  1 
_struct_ref.pdbx_seq_one_letter_code   
;AALPDQSFLWNVFQRVDKDRSGVISDTELQQALSNGTWTPFNPVTVRSIISMFDRENKAGVNFSEFTGVWKYITDWQNVF
RTYDRDNSGMIDKNELKQALSGFGYRLSDQFHDILIRKFDRQGRGQIAFDDFIQGCIVLQRLTDIFRRYDTDQDGWIQVS
YEQYLSMVFSIV
;
_struct_ref.pdbx_align_begin           20 
_struct_ref.pdbx_db_isoform            ? 
# 
_struct_ref_seq.align_id                      1 
_struct_ref_seq.ref_id                        1 
_struct_ref_seq.pdbx_PDB_id_code              2ZND 
_struct_ref_seq.pdbx_strand_id                A 
_struct_ref_seq.seq_align_beg                 1 
_struct_ref_seq.pdbx_seq_align_beg_ins_code   ? 
_struct_ref_seq.seq_align_end                 172 
_struct_ref_seq.pdbx_seq_align_end_ins_code   ? 
_struct_ref_seq.pdbx_db_accession             O75340 
_struct_ref_seq.db_align_beg                  20 
_struct_ref_seq.pdbx_db_align_beg_ins_code    ? 
_struct_ref_seq.db_align_end                  191 
_struct_ref_seq.pdbx_db_align_end_ins_code    ? 
_struct_ref_seq.pdbx_auth_seq_align_beg       20 
_struct_ref_seq.pdbx_auth_seq_align_end       191 
# 
loop_
_chem_comp.id 
_chem_comp.type 
_chem_comp.mon_nstd_flag 
_chem_comp.name 
_chem_comp.pdbx_synonyms 
_chem_comp.formula 
_chem_comp.formula_weight 
ALA 'L-peptide linking' y ALANINE                         ? 'C3 H7 N O2'     89.093  
ARG 'L-peptide linking' y ARGININE                        ? 'C6 H15 N4 O2 1' 175.209 
ASN 'L-peptide linking' y ASPARAGINE                      ? 'C4 H8 N2 O3'    132.118 
ASP 'L-peptide linking' y 'ASPARTIC ACID'                 ? 'C4 H7 N O4'     133.103 
CYS 'L-peptide linking' y CYSTEINE                        ? 'C3 H7 N O2 S'   121.158 
GLN 'L-peptide linking' y GLUTAMINE                       ? 'C5 H10 N2 O3'   146.144 
GLU 'L-peptide linking' y 'GLUTAMIC ACID'                 ? 'C5 H9 N O4'     147.129 
GLY 'peptide linking'   y GLYCINE                         ? 'C2 H5 N O2'     75.067  
HIS 'L-peptide linking' y HISTIDINE                       ? 'C6 H10 N3 O2 1' 156.162 
HOH non-polymer         . WATER                           ? 'H2 O'           18.015  
ILE 'L-peptide linking' y ISOLEUCINE                      ? 'C6 H13 N O2'    131.173 
LEU 'L-peptide linking' y LEUCINE                         ? 'C6 H13 N O2'    131.173 
LYS 'L-peptide linking' y LYSINE                          ? 'C6 H15 N2 O2 1' 147.195 
MET 'L-peptide linking' y METHIONINE                      ? 'C5 H11 N O2 S'  149.211 
MRD non-polymer         . '(4R)-2-METHYLPENTANE-2,4-DIOL' ? 'C6 H14 O2'      118.174 
NA  non-polymer         . 'SODIUM ION'                    ? 'Na 1'           22.990  
PHE 'L-peptide linking' y PHENYLALANINE                   ? 'C9 H11 N O2'    165.189 
PO4 non-polymer         . 'PHOSPHATE ION'                 ? 'O4 P -3'        94.971  
PRO 'L-peptide linking' y PROLINE                         ? 'C5 H9 N O2'     115.130 
SER 'L-peptide linking' y SERINE                          ? 'C3 H7 N O3'     105.093 
THR 'L-peptide linking' y THREONINE                       ? 'C4 H9 N O3'     119.119 
TRP 'L-peptide linking' y TRYPTOPHAN                      ? 'C11 H12 N2 O2'  204.225 
TYR 'L-peptide linking' y TYROSINE                        ? 'C9 H11 N O3'    181.189 
VAL 'L-peptide linking' y VALINE                          ? 'C5 H11 N O2'    117.146 
# 
_exptl.entry_id          2ZND 
_exptl.method            'X-RAY DIFFRACTION' 
_exptl.crystals_number   1 
# 
_exptl_crystal.id                    1 
_exptl_crystal.density_meas          ? 
_exptl_crystal.density_Matthews      2.33 
_exptl_crystal.density_percent_sol   47.31 
_exptl_crystal.description           ? 
_exptl_crystal.F_000                 ? 
_exptl_crystal.preparation           ? 
# 
_exptl_crystal_grow.crystal_id      1 
_exptl_crystal_grow.method          'VAPOR DIFFUSION, HANGING DROP' 
_exptl_crystal_grow.temp            277 
_exptl_crystal_grow.temp_details    ? 
_exptl_crystal_grow.pH              6.5 
_exptl_crystal_grow.pdbx_pH_range   ? 
_exptl_crystal_grow.pdbx_details    
'40% 2-methyl-2,4-pentanediol, 0.1M Na2HPO4-KH2PO4, 2mM EDTA, pH 6.5, VAPOR DIFFUSION, HANGING DROP, temperature 277K' 
# 
_diffrn.id                     1 
_diffrn.ambient_temp           100 
_diffrn.ambient_temp_details   ? 
_diffrn.crystal_id             1 
# 
_diffrn_detector.diffrn_id              1 
_diffrn_detector.detector               CCD 
_diffrn_detector.type                   'ADSC QUANTUM 270' 
_diffrn_detector.pdbx_collection_date   2007-06-06 
_diffrn_detector.details                ? 
# 
_diffrn_radiation.diffrn_id                        1 
_diffrn_radiation.wavelength_id                    1 
_diffrn_radiation.pdbx_monochromatic_or_laue_m_l   M 
_diffrn_radiation.monochromator                    ? 
_diffrn_radiation.pdbx_diffrn_protocol             'SINGLE WAVELENGTH' 
_diffrn_radiation.pdbx_scattering_type             x-ray 
# 
_diffrn_radiation_wavelength.id           1 
_diffrn_radiation_wavelength.wavelength   1.0000 
_diffrn_radiation_wavelength.wt           1.0 
# 
_diffrn_source.diffrn_id                   1 
_diffrn_source.source                      SYNCHROTRON 
_diffrn_source.type                        'PHOTON FACTORY BEAMLINE BL-17A' 
_diffrn_source.pdbx_synchrotron_site       'Photon Factory' 
_diffrn_source.pdbx_synchrotron_beamline   BL-17A 
_diffrn_source.pdbx_wavelength             ? 
_diffrn_source.pdbx_wavelength_list        1.0000 
# 
_reflns.entry_id                     2ZND 
_reflns.observed_criterion_sigma_I   ? 
_reflns.observed_criterion_sigma_F   ? 
_reflns.d_resolution_low             50.0 
_reflns.d_resolution_high            1.70 
_reflns.number_obs                   21369 
_reflns.number_all                   ? 
_reflns.percent_possible_obs         99.5 
_reflns.pdbx_Rmerge_I_obs            0.082 
_reflns.pdbx_Rsym_value              ? 
_reflns.pdbx_netI_over_sigmaI        11.8 
_reflns.B_iso_Wilson_estimate        ? 
_reflns.pdbx_redundancy              6.7 
_reflns.R_free_details               ? 
_reflns.limit_h_max                  ? 
_reflns.limit_h_min                  ? 
_reflns.limit_k_max                  ? 
_reflns.limit_k_min                  ? 
_reflns.limit_l_max                  ? 
_reflns.limit_l_min                  ? 
_reflns.observed_criterion_F_max     ? 
_reflns.observed_criterion_F_min     ? 
_reflns.pdbx_chi_squared             ? 
_reflns.pdbx_scaling_rejects         ? 
_reflns.pdbx_diffrn_id               1 
_reflns.pdbx_ordinal                 1 
# 
_reflns_shell.d_res_high             1.7 
_reflns_shell.d_res_low              1.76 
_reflns_shell.percent_possible_all   96.4 
_reflns_shell.Rmerge_I_obs           0.381 
_reflns_shell.pdbx_Rsym_value        ? 
_reflns_shell.meanI_over_sigI_obs    2.5 
_reflns_shell.pdbx_redundancy        4.2 
_reflns_shell.percent_possible_obs   ? 
_reflns_shell.number_unique_all      ? 
_reflns_shell.number_measured_all    ? 
_reflns_shell.number_measured_obs    ? 
_reflns_shell.number_unique_obs      ? 
_reflns_shell.pdbx_chi_squared       ? 
_reflns_shell.pdbx_diffrn_id         ? 
_reflns_shell.pdbx_ordinal           1 
# 
_refine.entry_id                                 2ZND 
_refine.ls_number_reflns_obs                     20149 
_refine.ls_number_reflns_all                     ? 
_refine.pdbx_ls_sigma_I                          ? 
_refine.pdbx_ls_sigma_F                          ? 
_refine.pdbx_data_cutoff_high_absF               ? 
_refine.pdbx_data_cutoff_low_absF                ? 
_refine.pdbx_data_cutoff_high_rms_absF           ? 
_refine.ls_d_res_low                             43.11 
_refine.ls_d_res_high                            1.70 
_refine.ls_percent_reflns_obs                    99.28 
_refine.ls_R_factor_obs                          0.19485 
_refine.ls_R_factor_all                          ? 
_refine.ls_R_factor_R_work                       0.19336 
_refine.ls_R_factor_R_free                       0.22241 
_refine.ls_R_factor_R_free_error                 ? 
_refine.ls_R_factor_R_free_error_details         ? 
_refine.ls_percent_reflns_R_free                 5.1 
_refine.ls_number_reflns_R_free                  1092 
_refine.ls_number_parameters                     ? 
_refine.ls_number_restraints                     ? 
_refine.occupancy_min                            ? 
_refine.occupancy_max                            ? 
_refine.correlation_coeff_Fo_to_Fc               0.952 
_refine.correlation_coeff_Fo_to_Fc_free          0.940 
_refine.B_iso_mean                               20.400 
_refine.aniso_B[1][1]                            -0.54 
_refine.aniso_B[2][2]                            0.68 
_refine.aniso_B[3][3]                            -0.14 
_refine.aniso_B[1][2]                            0.00 
_refine.aniso_B[1][3]                            0.00 
_refine.aniso_B[2][3]                            0.00 
_refine.solvent_model_details                    MASK 
_refine.solvent_model_param_ksol                 ? 
_refine.solvent_model_param_bsol                 ? 
_refine.pdbx_solvent_vdw_probe_radii             1.20 
_refine.pdbx_solvent_ion_probe_radii             0.80 
_refine.pdbx_solvent_shrinkage_radii             0.80 
_refine.pdbx_ls_cross_valid_method               THROUGHOUT 
_refine.details                                  'HYDROGENS HAVE BEEN ADDED IN THE RIDING POSITIONS' 
_refine.pdbx_starting_model                      'PDB ENTRY 1HQV' 
_refine.pdbx_method_to_determine_struct          'MOLECULAR REPLACEMENT' 
_refine.pdbx_isotropic_thermal_model             ? 
_refine.pdbx_stereochemistry_target_values       'MAXIMUM LIKELIHOOD' 
_refine.pdbx_stereochem_target_val_spec_case     ? 
_refine.pdbx_R_Free_selection_details            RANDOM 
_refine.pdbx_overall_ESU_R                       0.113 
_refine.pdbx_overall_ESU_R_Free                  0.108 
_refine.overall_SU_ML                            0.066 
_refine.pdbx_overall_phase_error                 ? 
_refine.overall_SU_B                             1.946 
_refine.ls_redundancy_reflns_obs                 ? 
_refine.B_iso_min                                ? 
_refine.B_iso_max                                ? 
_refine.overall_SU_R_Cruickshank_DPI             ? 
_refine.overall_SU_R_free                        ? 
_refine.ls_wR_factor_R_free                      ? 
_refine.ls_wR_factor_R_work                      ? 
_refine.overall_FOM_free_R_set                   ? 
_refine.overall_FOM_work_R_set                   ? 
_refine.pdbx_refine_id                           'X-RAY DIFFRACTION' 
_refine.pdbx_diffrn_id                           1 
_refine.pdbx_TLS_residual_ADP_flag               ? 
_refine.pdbx_overall_SU_R_free_Cruickshank_DPI   ? 
_refine.pdbx_overall_SU_R_Blow_DPI               ? 
_refine.pdbx_overall_SU_R_free_Blow_DPI          ? 
# 
_refine_hist.pdbx_refine_id                   'X-RAY DIFFRACTION' 
_refine_hist.cycle_id                         LAST 
_refine_hist.pdbx_number_atoms_protein        1391 
_refine_hist.pdbx_number_atoms_nucleic_acid   0 
_refine_hist.pdbx_number_atoms_ligand         53 
_refine_hist.number_atoms_solvent             131 
_refine_hist.number_atoms_total               1575 
_refine_hist.d_res_high                       1.70 
_refine_hist.d_res_low                        43.11 
# 
loop_
_refine_ls_restr.type 
_refine_ls_restr.dev_ideal 
_refine_ls_restr.dev_ideal_target 
_refine_ls_restr.weight 
_refine_ls_restr.number 
_refine_ls_restr.pdbx_refine_id 
_refine_ls_restr.pdbx_restraint_function 
r_bond_refined_d             0.013  0.022  ? 1466 'X-RAY DIFFRACTION' ? 
r_bond_other_d               ?      ?      ? ?    'X-RAY DIFFRACTION' ? 
r_angle_refined_deg          1.293  1.944  ? 1984 'X-RAY DIFFRACTION' ? 
r_angle_other_deg            ?      ?      ? ?    'X-RAY DIFFRACTION' ? 
r_dihedral_angle_1_deg       4.950  5.000  ? 166  'X-RAY DIFFRACTION' ? 
r_dihedral_angle_2_deg       31.286 23.735 ? 83   'X-RAY DIFFRACTION' ? 
r_dihedral_angle_3_deg       12.049 15.000 ? 242  'X-RAY DIFFRACTION' ? 
r_dihedral_angle_4_deg       15.546 15.000 ? 13   'X-RAY DIFFRACTION' ? 
r_chiral_restr               0.102  0.200  ? 205  'X-RAY DIFFRACTION' ? 
r_gen_planes_refined         0.005  0.020  ? 1115 'X-RAY DIFFRACTION' ? 
r_gen_planes_other           ?      ?      ? ?    'X-RAY DIFFRACTION' ? 
r_nbd_refined                0.231  0.200  ? 755  'X-RAY DIFFRACTION' ? 
r_nbd_other                  ?      ?      ? ?    'X-RAY DIFFRACTION' ? 
r_nbtor_refined              0.312  0.200  ? 1043 'X-RAY DIFFRACTION' ? 
r_nbtor_other                ?      ?      ? ?    'X-RAY DIFFRACTION' ? 
r_xyhbond_nbd_refined        0.130  0.200  ? 121  'X-RAY DIFFRACTION' ? 
r_xyhbond_nbd_other          ?      ?      ? ?    'X-RAY DIFFRACTION' ? 
r_metal_ion_refined          0.107  0.200  ? 10   'X-RAY DIFFRACTION' ? 
r_metal_ion_other            ?      ?      ? ?    'X-RAY DIFFRACTION' ? 
r_symmetry_vdw_refined       0.190  0.200  ? 52   'X-RAY DIFFRACTION' ? 
r_symmetry_vdw_other         ?      ?      ? ?    'X-RAY DIFFRACTION' ? 
r_symmetry_hbond_refined     0.107  0.200  ? 13   'X-RAY DIFFRACTION' ? 
r_symmetry_hbond_other       ?      ?      ? ?    'X-RAY DIFFRACTION' ? 
r_symmetry_metal_ion_refined ?      ?      ? ?    'X-RAY DIFFRACTION' ? 
r_symmetry_metal_ion_other   ?      ?      ? ?    'X-RAY DIFFRACTION' ? 
r_mcbond_it                  0.769  1.500  ? 825  'X-RAY DIFFRACTION' ? 
r_mcbond_other               ?      ?      ? ?    'X-RAY DIFFRACTION' ? 
r_mcangle_it                 1.418  2.000  ? 1336 'X-RAY DIFFRACTION' ? 
r_scbond_it                  2.302  3.000  ? 669  'X-RAY DIFFRACTION' ? 
r_scangle_it                 3.641  4.500  ? 648  'X-RAY DIFFRACTION' ? 
r_rigid_bond_restr           ?      ?      ? ?    'X-RAY DIFFRACTION' ? 
r_sphericity_free            ?      ?      ? ?    'X-RAY DIFFRACTION' ? 
r_sphericity_bonded          ?      ?      ? ?    'X-RAY DIFFRACTION' ? 
# 
_refine_ls_shell.pdbx_total_number_of_bins_used   20 
_refine_ls_shell.d_res_high                       1.700 
_refine_ls_shell.d_res_low                        1.744 
_refine_ls_shell.number_reflns_R_work             1344 
_refine_ls_shell.R_factor_R_work                  0.249 
_refine_ls_shell.percent_reflns_obs               91.55 
_refine_ls_shell.R_factor_R_free                  0.299 
_refine_ls_shell.R_factor_R_free_error            ? 
_refine_ls_shell.percent_reflns_R_free            ? 
_refine_ls_shell.number_reflns_R_free             75 
_refine_ls_shell.number_reflns_all                ? 
_refine_ls_shell.R_factor_all                     ? 
_refine_ls_shell.redundancy_reflns_obs            ? 
_refine_ls_shell.number_reflns_obs                ? 
_refine_ls_shell.pdbx_refine_id                   'X-RAY DIFFRACTION' 
# 
_struct.entry_id                  2ZND 
_struct.title                     'Crystal structure of Ca2+-free form of des3-20ALG-2' 
_struct.pdbx_model_details        ? 
_struct.pdbx_CASP_flag            ? 
_struct.pdbx_model_type_details   ? 
# 
_struct_keywords.entry_id        2ZND 
_struct_keywords.pdbx_keywords   APOPTOSIS 
_struct_keywords.text            
'PENTA-EF-HAND PROTEIN, CALCIUM BINDING PROTEIN, Apoptosis, Calcium, Endoplasmic reticulum, Membrane, Nucleus, Polymorphism' 
# 
loop_
_struct_asym.id 
_struct_asym.pdbx_blank_PDB_chainid_flag 
_struct_asym.pdbx_modified 
_struct_asym.entity_id 
_struct_asym.details 
A N N 1 ? 
B N N 2 ? 
C N N 2 ? 
D N N 2 ? 
E N N 2 ? 
F N N 2 ? 
G N N 3 ? 
H N N 3 ? 
I N N 4 ? 
J N N 4 ? 
K N N 4 ? 
L N N 5 ? 
# 
_struct_biol.id        1 
_struct_biol.details   ? 
# 
loop_
_struct_conf.conf_type_id 
_struct_conf.id 
_struct_conf.pdbx_PDB_helix_id 
_struct_conf.beg_label_comp_id 
_struct_conf.beg_label_asym_id 
_struct_conf.beg_label_seq_id 
_struct_conf.pdbx_beg_PDB_ins_code 
_struct_conf.end_label_comp_id 
_struct_conf.end_label_asym_id 
_struct_conf.end_label_seq_id 
_struct_conf.pdbx_end_PDB_ins_code 
_struct_conf.beg_auth_comp_id 
_struct_conf.beg_auth_asym_id 
_struct_conf.beg_auth_seq_id 
_struct_conf.end_auth_comp_id 
_struct_conf.end_auth_asym_id 
_struct_conf.end_auth_seq_id 
_struct_conf.pdbx_PDB_helix_class 
_struct_conf.details 
_struct_conf.pdbx_PDB_helix_length 
HELX_P HELX_P1 1 GLN A 6   ? ASP A 17  ? GLN A 25  ASP A 36  1 ? 12 
HELX_P HELX_P2 2 ASP A 26  ? LEU A 33  ? ASP A 45  LEU A 52  1 ? 8  
HELX_P HELX_P3 3 ASN A 42  ? ASP A 54  ? ASN A 61  ASP A 73  1 ? 13 
HELX_P HELX_P4 4 ASN A 62  ? ASP A 84  ? ASN A 81  ASP A 103 1 ? 23 
HELX_P HELX_P5 5 ASP A 92  ? PHE A 103 ? ASP A 111 PHE A 122 1 ? 12 
HELX_P HELX_P6 6 SER A 108 ? ASP A 120 ? SER A 127 ASP A 139 1 ? 13 
HELX_P HELX_P7 7 PHE A 129 ? ASP A 150 ? PHE A 148 ASP A 169 1 ? 22 
HELX_P HELX_P8 8 SER A 160 ? SER A 170 ? SER A 179 SER A 189 1 ? 11 
# 
_struct_conf_type.id          HELX_P 
_struct_conf_type.criteria    ? 
_struct_conf_type.reference   ? 
# 
_struct_mon_prot_cis.pdbx_id                1 
_struct_mon_prot_cis.label_comp_id          ILE 
_struct_mon_prot_cis.label_seq_id           171 
_struct_mon_prot_cis.label_asym_id          A 
_struct_mon_prot_cis.label_alt_id           . 
_struct_mon_prot_cis.pdbx_PDB_ins_code      ? 
_struct_mon_prot_cis.auth_comp_id           ILE 
_struct_mon_prot_cis.auth_seq_id            190 
_struct_mon_prot_cis.auth_asym_id           A 
_struct_mon_prot_cis.pdbx_label_comp_id_2   VAL 
_struct_mon_prot_cis.pdbx_label_seq_id_2    172 
_struct_mon_prot_cis.pdbx_label_asym_id_2   A 
_struct_mon_prot_cis.pdbx_PDB_ins_code_2    ? 
_struct_mon_prot_cis.pdbx_auth_comp_id_2    VAL 
_struct_mon_prot_cis.pdbx_auth_seq_id_2     191 
_struct_mon_prot_cis.pdbx_auth_asym_id_2    A 
_struct_mon_prot_cis.pdbx_PDB_model_num     1 
_struct_mon_prot_cis.pdbx_omega_angle       18.61 
# 
loop_
_struct_sheet.id 
_struct_sheet.type 
_struct_sheet.number_strands 
_struct_sheet.details 
A ? 2 ? 
B ? 2 ? 
# 
loop_
_struct_sheet_order.sheet_id 
_struct_sheet_order.range_id_1 
_struct_sheet_order.range_id_2 
_struct_sheet_order.offset 
_struct_sheet_order.sense 
A 1 2 ? anti-parallel 
B 1 2 ? anti-parallel 
# 
loop_
_struct_sheet_range.sheet_id 
_struct_sheet_range.id 
_struct_sheet_range.beg_label_comp_id 
_struct_sheet_range.beg_label_asym_id 
_struct_sheet_range.beg_label_seq_id 
_struct_sheet_range.pdbx_beg_PDB_ins_code 
_struct_sheet_range.end_label_comp_id 
_struct_sheet_range.end_label_asym_id 
_struct_sheet_range.end_label_seq_id 
_struct_sheet_range.pdbx_end_PDB_ins_code 
_struct_sheet_range.beg_auth_comp_id 
_struct_sheet_range.beg_auth_asym_id 
_struct_sheet_range.beg_auth_seq_id 
_struct_sheet_range.end_auth_comp_id 
_struct_sheet_range.end_auth_asym_id 
_struct_sheet_range.end_auth_seq_id 
A 1 ILE A 24  ? SER A 25  ? ILE A 43  SER A 44  
A 2 GLY A 60  ? VAL A 61  ? GLY A 79  VAL A 80  
B 1 MET A 90  ? ILE A 91  ? MET A 109 ILE A 110 
B 2 ILE A 127 ? ALA A 128 ? ILE A 146 ALA A 147 
# 
loop_
_pdbx_struct_sheet_hbond.sheet_id 
_pdbx_struct_sheet_hbond.range_id_1 
_pdbx_struct_sheet_hbond.range_id_2 
_pdbx_struct_sheet_hbond.range_1_label_atom_id 
_pdbx_struct_sheet_hbond.range_1_label_comp_id 
_pdbx_struct_sheet_hbond.range_1_label_asym_id 
_pdbx_struct_sheet_hbond.range_1_label_seq_id 
_pdbx_struct_sheet_hbond.range_1_PDB_ins_code 
_pdbx_struct_sheet_hbond.range_1_auth_atom_id 
_pdbx_struct_sheet_hbond.range_1_auth_comp_id 
_pdbx_struct_sheet_hbond.range_1_auth_asym_id 
_pdbx_struct_sheet_hbond.range_1_auth_seq_id 
_pdbx_struct_sheet_hbond.range_2_label_atom_id 
_pdbx_struct_sheet_hbond.range_2_label_comp_id 
_pdbx_struct_sheet_hbond.range_2_label_asym_id 
_pdbx_struct_sheet_hbond.range_2_label_seq_id 
_pdbx_struct_sheet_hbond.range_2_PDB_ins_code 
_pdbx_struct_sheet_hbond.range_2_auth_atom_id 
_pdbx_struct_sheet_hbond.range_2_auth_comp_id 
_pdbx_struct_sheet_hbond.range_2_auth_asym_id 
_pdbx_struct_sheet_hbond.range_2_auth_seq_id 
A 1 2 N ILE A 24 ? N ILE A 43  O VAL A 61  ? O VAL A 80  
B 1 2 N ILE A 91 ? N ILE A 110 O ILE A 127 ? O ILE A 146 
# 
loop_
_struct_site.id 
_struct_site.pdbx_evidence_code 
_struct_site.pdbx_auth_asym_id 
_struct_site.pdbx_auth_comp_id 
_struct_site.pdbx_auth_seq_id 
_struct_site.pdbx_auth_ins_code 
_struct_site.pdbx_num_residues 
_struct_site.details 
AC1 Software A MRD 1   ? 7 'BINDING SITE FOR RESIDUE MRD A 1'   
AC2 Software A MRD 2   ? 6 'BINDING SITE FOR RESIDUE MRD A 2'   
AC3 Software A MRD 3   ? 5 'BINDING SITE FOR RESIDUE MRD A 3'   
AC4 Software A MRD 4   ? 4 'BINDING SITE FOR RESIDUE MRD A 4'   
AC5 Software A MRD 5   ? 6 'BINDING SITE FOR RESIDUE MRD A 5'   
AC6 Software A PO4 192 ? 2 'BINDING SITE FOR RESIDUE PO4 A 192' 
AC7 Software A PO4 193 ? 2 'BINDING SITE FOR RESIDUE PO4 A 193' 
AC8 Software A NA  194 ? 6 'BINDING SITE FOR RESIDUE NA A 194'  
AC9 Software A NA  195 ? 5 'BINDING SITE FOR RESIDUE NA A 195'  
BC1 Software A NA  196 ? 6 'BINDING SITE FOR RESIDUE NA A 196'  
# 
loop_
_struct_site_gen.id 
_struct_site_gen.site_id 
_struct_site_gen.pdbx_num_res 
_struct_site_gen.label_comp_id 
_struct_site_gen.label_asym_id 
_struct_site_gen.label_seq_id 
_struct_site_gen.pdbx_auth_ins_code 
_struct_site_gen.auth_comp_id 
_struct_site_gen.auth_asym_id 
_struct_site_gen.auth_seq_id 
_struct_site_gen.label_atom_id 
_struct_site_gen.label_alt_id 
_struct_site_gen.symmetry 
_struct_site_gen.details 
1  AC1 7 ARG A 47  ? ARG A 66  . ? 1_555 ? 
2  AC1 7 SER A 51  ? SER A 70  . ? 1_555 ? 
3  AC1 7 ASP A 54  ? ASP A 73  . ? 1_555 ? 
4  AC1 7 ASN A 57  ? ASN A 76  . ? 1_555 ? 
5  AC1 7 LYS A 58  ? LYS A 77  . ? 1_555 ? 
6  AC1 7 ALA A 59  ? ALA A 78  . ? 1_555 ? 
7  AC1 7 HOH L .   ? HOH A 307 . ? 1_555 ? 
8  AC2 6 SER A 34  ? SER A 53  . ? 1_555 ? 
9  AC2 6 ASN A 35  ? ASN A 54  . ? 1_555 ? 
10 AC2 6 GLY A 36  ? GLY A 55  . ? 1_555 ? 
11 AC2 6 GLN A 77  ? GLN A 96  . ? 1_555 ? 
12 AC2 6 ARG A 81  ? ARG A 100 . ? 1_555 ? 
13 AC2 6 PHE A 129 ? PHE A 148 . ? 1_555 ? 
14 AC3 5 THR A 143 ? THR A 162 . ? 1_555 ? 
15 AC3 5 ASP A 150 ? ASP A 169 . ? 1_555 ? 
16 AC3 5 GLY A 155 ? GLY A 174 . ? 1_555 ? 
17 AC3 5 HOH L .   ? HOH A 205 . ? 1_555 ? 
18 AC3 5 HOH L .   ? HOH A 234 . ? 1_555 ? 
19 AC4 4 MRD F .   ? MRD A 5   . ? 1_555 ? 
20 AC4 4 ASP A 75  ? ASP A 94  . ? 1_555 ? 
21 AC4 4 TRP A 76  ? TRP A 95  . ? 1_555 ? 
22 AC4 4 VAL A 79  ? VAL A 98  . ? 1_555 ? 
23 AC5 6 MRD E .   ? MRD A 4   . ? 1_555 ? 
24 AC5 6 ARG A 85  ? ARG A 104 . ? 3_454 ? 
25 AC5 6 PHE A 103 ? PHE A 122 . ? 1_555 ? 
26 AC5 6 TYR A 105 ? TYR A 124 . ? 1_555 ? 
27 AC5 6 GLN A 140 ? GLN A 159 . ? 1_555 ? 
28 AC5 6 HOH L .   ? HOH A 207 . ? 1_555 ? 
29 AC6 2 ARG A 121 ? ARG A 140 . ? 1_555 ? 
30 AC6 2 GLN A 122 ? GLN A 141 . ? 1_555 ? 
31 AC7 2 PHE A 169 ? PHE A 188 . ? 2_565 ? 
32 AC7 2 HOH L .   ? HOH A 280 . ? 1_555 ? 
33 AC8 6 ASP A 17  ? ASP A 36  . ? 1_555 ? 
34 AC8 6 ASP A 19  ? ASP A 38  . ? 1_555 ? 
35 AC8 6 SER A 21  ? SER A 40  . ? 1_555 ? 
36 AC8 6 VAL A 23  ? VAL A 42  . ? 1_555 ? 
37 AC8 6 GLU A 28  ? GLU A 47  . ? 1_555 ? 
38 AC8 6 HOH L .   ? HOH A 268 . ? 1_555 ? 
39 AC9 5 ASP A 84  ? ASP A 103 . ? 1_555 ? 
40 AC9 5 ASP A 86  ? ASP A 105 . ? 1_555 ? 
41 AC9 5 SER A 88  ? SER A 107 . ? 1_555 ? 
42 AC9 5 MET A 90  ? MET A 109 . ? 1_555 ? 
43 AC9 5 HOH L .   ? HOH A 221 . ? 1_555 ? 
44 BC1 6 ASP A 150 ? ASP A 169 . ? 1_555 ? 
45 BC1 6 ASP A 152 ? ASP A 171 . ? 1_555 ? 
46 BC1 6 ASP A 154 ? ASP A 173 . ? 1_555 ? 
47 BC1 6 TRP A 156 ? TRP A 175 . ? 1_555 ? 
48 BC1 6 HOH L .   ? HOH A 223 . ? 1_555 ? 
49 BC1 6 HOH L .   ? HOH A 252 . ? 1_555 ? 
# 
_atom_sites.entry_id                    2ZND 
_atom_sites.fract_transf_matrix[1][1]   0.00334026 
_atom_sites.fract_transf_matrix[1][2]   0.00415961 
_atom_sites.fract_transf_matrix[1][3]   -0.01300320 
_atom_sites.fract_transf_matrix[2][1]   0.00664554 
_atom_sites.fract_transf_matrix[2][2]   -0.01887904 
_atom_sites.fract_transf_matrix[2][3]   -0.00433213 
_atom_sites.fract_transf_matrix[3][1]   -0.01689713 
_atom_sites.fract_transf_matrix[3][2]   -0.00461325 
_atom_sites.fract_transf_matrix[3][3]   -0.00581627 
_atom_sites.fract_transf_vector[1]      -0.174174 
_atom_sites.fract_transf_vector[2]      0.346367 
_atom_sites.fract_transf_vector[3]      -0.339076 
# 
loop_
_atom_type.symbol 
C  
N  
NA 
O  
P  
S  
# 
loop_
_atom_site.group_PDB 
_atom_site.id 
_atom_site.type_symbol 
_atom_site.label_atom_id 
_atom_site.label_alt_id 
_atom_site.label_comp_id 
_atom_site.label_asym_id 
_atom_site.label_entity_id 
_atom_site.label_seq_id 
_atom_site.pdbx_PDB_ins_code 
_atom_site.Cartn_x 
_atom_site.Cartn_y 
_atom_site.Cartn_z 
_atom_site.occupancy 
_atom_site.B_iso_or_equiv 
_atom_site.pdbx_formal_charge 
_atom_site.auth_seq_id 
_atom_site.auth_comp_id 
_atom_site.auth_asym_id 
_atom_site.auth_atom_id 
_atom_site.pdbx_PDB_model_num 
ATOM   1    N  N   . GLN A 1 6   ? -14.165 -12.799 16.499  1.00 35.05 ? 25  GLN A N   1 
ATOM   2    C  CA  . GLN A 1 6   ? -14.108 -13.292 15.132  1.00 34.21 ? 25  GLN A CA  1 
ATOM   3    C  C   . GLN A 1 6   ? -15.442 -13.129 14.472  1.00 32.92 ? 25  GLN A C   1 
ATOM   4    O  O   . GLN A 1 6   ? -15.524 -13.144 13.280  1.00 32.88 ? 25  GLN A O   1 
ATOM   5    C  CB  . GLN A 1 6   ? -13.667 -14.748 15.043  1.00 34.91 ? 25  GLN A CB  1 
ATOM   6    C  CG  . GLN A 1 6   ? -12.179 -15.049 14.918  1.00 37.60 ? 25  GLN A CG  1 
ATOM   7    C  CD  . GLN A 1 6   ? -11.885 -16.535 14.802  1.00 40.06 ? 25  GLN A CD  1 
ATOM   8    O  OE1 . GLN A 1 6   ? -10.744 -16.938 14.781  1.00 39.89 ? 25  GLN A OE1 1 
ATOM   9    N  NE2 . GLN A 1 6   ? -12.919 -17.350 14.743  1.00 42.75 ? 25  GLN A NE2 1 
ATOM   10   N  N   . SER A 1 7   ? -16.495 -13.016 15.253  1.00 30.96 ? 26  SER A N   1 
ATOM   11   C  CA  . SER A 1 7   ? -17.829 -12.897 14.739  1.00 29.69 ? 26  SER A CA  1 
ATOM   12   C  C   . SER A 1 7   ? -18.095 -11.732 13.814  1.00 28.20 ? 26  SER A C   1 
ATOM   13   O  O   . SER A 1 7   ? -18.761 -11.854 12.818  1.00 27.57 ? 26  SER A O   1 
ATOM   14   C  CB  . SER A 1 7   ? -18.830 -12.825 15.886  1.00 29.56 ? 26  SER A CB  1 
ATOM   15   O  OG  . SER A 1 7   ? -18.980 -14.078 16.428  1.00 31.83 ? 26  SER A OG  1 
ATOM   16   N  N   . PHE A 1 8   ? -17.611 -10.593 14.229  1.00 26.86 ? 27  PHE A N   1 
ATOM   17   C  CA  . PHE A 1 8   ? -17.648 -9.403  13.395  1.00 26.10 ? 27  PHE A CA  1 
ATOM   18   C  C   . PHE A 1 8   ? -16.893 -9.652  12.085  1.00 24.28 ? 27  PHE A C   1 
ATOM   19   O  O   . PHE A 1 8   ? -17.423 -9.392  11.002  1.00 24.49 ? 27  PHE A O   1 
ATOM   20   C  CB  . PHE A 1 8   ? -17.065 -8.195  14.150  1.00 26.49 ? 27  PHE A CB  1 
ATOM   21   C  CG  . PHE A 1 8   ? -16.968 -6.959  13.308  1.00 28.28 ? 27  PHE A CG  1 
ATOM   22   C  CD1 . PHE A 1 8   ? -18.097 -6.185  13.053  1.00 30.26 ? 27  PHE A CD1 1 
ATOM   23   C  CD2 . PHE A 1 8   ? -15.750 -6.577  12.758  1.00 30.78 ? 27  PHE A CD2 1 
ATOM   24   C  CE1 . PHE A 1 8   ? -18.011 -5.037  12.250  1.00 31.75 ? 27  PHE A CE1 1 
ATOM   25   C  CE2 . PHE A 1 8   ? -15.654 -5.433  11.957  1.00 31.68 ? 27  PHE A CE2 1 
ATOM   26   C  CZ  . PHE A 1 8   ? -16.788 -4.667  11.705  1.00 30.75 ? 27  PHE A CZ  1 
ATOM   27   N  N   . LEU A 1 9   ? -15.671 -10.174 12.183  1.00 23.19 ? 28  LEU A N   1 
ATOM   28   C  CA  . LEU A 1 9   ? -14.842 -10.396 10.992  1.00 22.05 ? 28  LEU A CA  1 
ATOM   29   C  C   . LEU A 1 9   ? -15.455 -11.448 10.058  1.00 21.17 ? 28  LEU A C   1 
ATOM   30   O  O   . LEU A 1 9   ? -15.400 -11.327 8.836   1.00 20.13 ? 28  LEU A O   1 
ATOM   31   C  CB  . LEU A 1 9   ? -13.418 -10.773 11.390  1.00 22.65 ? 28  LEU A CB  1 
ATOM   32   C  CG  . LEU A 1 9   ? -12.556 -9.623  11.953  1.00 24.00 ? 28  LEU A CG  1 
ATOM   33   C  CD1 . LEU A 1 9   ? -11.157 -10.114 12.322  1.00 26.79 ? 28  LEU A CD1 1 
ATOM   34   C  CD2 . LEU A 1 9   ? -12.487 -8.450  10.985  1.00 28.18 ? 28  LEU A CD2 1 
ATOM   35   N  N   . TRP A 1 10  ? -16.054 -12.474 10.651  1.00 20.61 ? 29  TRP A N   1 
ATOM   36   C  CA  . TRP A 1 10  ? -16.759 -13.492 9.867   1.00 20.61 ? 29  TRP A CA  1 
ATOM   37   C  C   . TRP A 1 10  ? -17.936 -12.880 9.083   1.00 20.19 ? 29  TRP A C   1 
ATOM   38   O  O   . TRP A 1 10  ? -18.127 -13.167 7.904   1.00 19.67 ? 29  TRP A O   1 
ATOM   39   C  CB  . TRP A 1 10  ? -17.227 -14.637 10.784  1.00 21.44 ? 29  TRP A CB  1 
ATOM   40   C  CG  . TRP A 1 10  ? -18.053 -15.665 10.059  1.00 22.52 ? 29  TRP A CG  1 
ATOM   41   C  CD1 . TRP A 1 10  ? -19.331 -16.046 10.355  1.00 24.17 ? 29  TRP A CD1 1 
ATOM   42   C  CD2 . TRP A 1 10  ? -17.661 -16.417 8.906   1.00 22.68 ? 29  TRP A CD2 1 
ATOM   43   N  NE1 . TRP A 1 10  ? -19.762 -16.999 9.452   1.00 25.98 ? 29  TRP A NE1 1 
ATOM   44   C  CE2 . TRP A 1 10  ? -18.754 -17.245 8.554   1.00 24.22 ? 29  TRP A CE2 1 
ATOM   45   C  CE3 . TRP A 1 10  ? -16.483 -16.490 8.147   1.00 20.91 ? 29  TRP A CE3 1 
ATOM   46   C  CZ2 . TRP A 1 10  ? -18.708 -18.113 7.463   1.00 22.40 ? 29  TRP A CZ2 1 
ATOM   47   C  CZ3 . TRP A 1 10  ? -16.438 -17.346 7.060   1.00 22.42 ? 29  TRP A CZ3 1 
ATOM   48   C  CH2 . TRP A 1 10  ? -17.550 -18.152 6.729   1.00 23.38 ? 29  TRP A CH2 1 
ATOM   49   N  N   . ASN A 1 11  ? -18.707 -12.028 9.737   1.00 19.98 ? 30  ASN A N   1 
ATOM   50   C  CA  . ASN A 1 11  ? -19.830 -11.347 9.092   1.00 21.10 ? 30  ASN A CA  1 
ATOM   51   C  C   . ASN A 1 11  ? -19.376 -10.468 7.908   1.00 20.35 ? 30  ASN A C   1 
ATOM   52   O  O   . ASN A 1 11  ? -19.986 -10.470 6.816   1.00 20.44 ? 30  ASN A O   1 
ATOM   53   C  CB  . ASN A 1 11  ? -20.585 -10.520 10.122  1.00 22.24 ? 30  ASN A CB  1 
ATOM   54   C  CG  . ASN A 1 11  ? -21.742 -9.751  9.515   1.00 26.36 ? 30  ASN A CG  1 
ATOM   55   O  OD1 . ASN A 1 11  ? -21.673 -8.531  9.372   1.00 32.45 ? 30  ASN A OD1 1 
ATOM   56   N  ND2 . ASN A 1 11  ? -22.803 -10.460 9.130   1.00 29.81 ? 30  ASN A ND2 1 
ATOM   57   N  N   . VAL A 1 12  ? -18.307 -9.713  8.135   1.00 19.20 ? 31  VAL A N   1 
ATOM   58   C  CA  . VAL A 1 12  ? -17.687 -8.929  7.066   1.00 18.91 ? 31  VAL A CA  1 
ATOM   59   C  C   . VAL A 1 12  ? -17.231 -9.833  5.913   1.00 18.14 ? 31  VAL A C   1 
ATOM   60   O  O   . VAL A 1 12  ? -17.533 -9.574  4.749   1.00 18.14 ? 31  VAL A O   1 
ATOM   61   C  CB  . VAL A 1 12  ? -16.481 -8.082  7.588   1.00 19.19 ? 31  VAL A CB  1 
ATOM   62   C  CG1 . VAL A 1 12  ? -15.711 -7.472  6.401   1.00 19.30 ? 31  VAL A CG1 1 
ATOM   63   C  CG2 . VAL A 1 12  ? -16.964 -7.015  8.543   1.00 21.18 ? 31  VAL A CG2 1 
ATOM   64   N  N   . PHE A 1 13  ? -16.485 -10.887 6.242   1.00 17.41 ? 32  PHE A N   1 
ATOM   65   C  CA  . PHE A 1 13  ? -16.023 -11.838 5.239   1.00 16.79 ? 32  PHE A CA  1 
ATOM   66   C  C   . PHE A 1 13  ? -17.191 -12.376 4.380   1.00 16.89 ? 32  PHE A C   1 
ATOM   67   O  O   . PHE A 1 13  ? -17.110 -12.376 3.167   1.00 16.13 ? 32  PHE A O   1 
ATOM   68   C  CB  . PHE A 1 13  ? -15.282 -13.001 5.901   1.00 16.91 ? 32  PHE A CB  1 
ATOM   69   C  CG  . PHE A 1 13  ? -14.776 -14.021 4.917   1.00 17.14 ? 32  PHE A CG  1 
ATOM   70   C  CD1 . PHE A 1 13  ? -13.552 -13.871 4.317   1.00 15.91 ? 32  PHE A CD1 1 
ATOM   71   C  CD2 . PHE A 1 13  ? -15.562 -15.128 4.573   1.00 18.77 ? 32  PHE A CD2 1 
ATOM   72   C  CE1 . PHE A 1 13  ? -13.076 -14.802 3.390   1.00 17.88 ? 32  PHE A CE1 1 
ATOM   73   C  CE2 . PHE A 1 13  ? -15.109 -16.071 3.663   1.00 15.97 ? 32  PHE A CE2 1 
ATOM   74   C  CZ  . PHE A 1 13  ? -13.883 -15.916 3.048   1.00 16.53 ? 32  PHE A CZ  1 
ATOM   75   N  N   . GLN A 1 14  ? -18.273 -12.814 5.018   1.00 17.49 ? 33  GLN A N   1 
ATOM   76   C  CA  . GLN A 1 14  ? -19.406 -13.341 4.252   1.00 18.08 ? 33  GLN A CA  1 
ATOM   77   C  C   . GLN A 1 14  ? -19.932 -12.318 3.245   1.00 18.66 ? 33  GLN A C   1 
ATOM   78   O  O   . GLN A 1 14  ? -20.324 -12.682 2.144   1.00 18.87 ? 33  GLN A O   1 
ATOM   79   C  CB  . GLN A 1 14  ? -20.534 -13.787 5.174   1.00 19.10 ? 33  GLN A CB  1 
ATOM   80   C  CG  . GLN A 1 14  ? -20.223 -15.039 5.985   1.00 21.03 ? 33  GLN A CG  1 
ATOM   81   C  CD  . GLN A 1 14  ? -21.325 -15.332 6.983   1.00 24.88 ? 33  GLN A CD  1 
ATOM   82   O  OE1 . GLN A 1 14  ? -21.592 -14.534 7.881   1.00 26.55 ? 33  GLN A OE1 1 
ATOM   83   N  NE2 . GLN A 1 14  ? -21.983 -16.472 6.820   1.00 24.92 ? 33  GLN A NE2 1 
ATOM   84   N  N   . ARG A 1 15  ? -19.933 -11.045 3.630   1.00 18.59 ? 34  ARG A N   1 
ATOM   85   C  CA  . ARG A 1 15  ? -20.461 -9.989  2.756   1.00 19.72 ? 34  ARG A CA  1 
ATOM   86   C  C   . ARG A 1 15  ? -19.554 -9.682  1.576   1.00 18.39 ? 34  ARG A C   1 
ATOM   87   O  O   . ARG A 1 15  ? -20.033 -9.395  0.473   1.00 19.19 ? 34  ARG A O   1 
ATOM   88   C  CB  . ARG A 1 15  ? -20.784 -8.730  3.547   1.00 20.47 ? 34  ARG A CB  1 
ATOM   89   C  CG  . ARG A 1 15  ? -22.254 -8.701  3.951   1.00 26.47 ? 34  ARG A CG  1 
ATOM   90   C  CD  . ARG A 1 15  ? -22.681 -7.302  4.345   1.00 34.94 ? 34  ARG A CD  1 
ATOM   91   N  NE  . ARG A 1 15  ? -21.848 -6.833  5.447   1.00 39.83 ? 34  ARG A NE  1 
ATOM   92   C  CZ  . ARG A 1 15  ? -22.040 -7.167  6.719   1.00 42.60 ? 34  ARG A CZ  1 
ATOM   93   N  NH1 . ARG A 1 15  ? -23.053 -7.964  7.054   1.00 44.09 ? 34  ARG A NH1 1 
ATOM   94   N  NH2 . ARG A 1 15  ? -21.219 -6.698  7.659   1.00 43.77 ? 34  ARG A NH2 1 
ATOM   95   N  N   . VAL A 1 16  ? -18.242 -9.771  1.803   1.00 16.69 ? 35  VAL A N   1 
ATOM   96   C  CA  . VAL A 1 16  ? -17.265 -9.505  0.753   1.00 16.11 ? 35  VAL A CA  1 
ATOM   97   C  C   . VAL A 1 16  ? -17.148 -10.688 -0.218  1.00 15.62 ? 35  VAL A C   1 
ATOM   98   O  O   . VAL A 1 16  ? -16.945 -10.506 -1.420  1.00 16.45 ? 35  VAL A O   1 
ATOM   99   C  CB  . VAL A 1 16  ? -15.867 -9.158  1.359   1.00 15.74 ? 35  VAL A CB  1 
ATOM   100  C  CG1 . VAL A 1 16  ? -14.851 -8.891  0.257   1.00 15.99 ? 35  VAL A CG1 1 
ATOM   101  C  CG2 . VAL A 1 16  ? -15.971 -7.924  2.281   1.00 16.14 ? 35  VAL A CG2 1 
ATOM   102  N  N   . ASP A 1 17  ? -17.268 -11.902 0.321   1.00 15.10 ? 36  ASP A N   1 
ATOM   103  C  CA  . ASP A 1 17  ? -17.135 -13.130 -0.467  1.00 14.41 ? 36  ASP A CA  1 
ATOM   104  C  C   . ASP A 1 17  ? -18.463 -13.340 -1.223  1.00 15.03 ? 36  ASP A C   1 
ATOM   105  O  O   . ASP A 1 17  ? -19.277 -14.208 -0.862  1.00 14.48 ? 36  ASP A O   1 
ATOM   106  C  CB  . ASP A 1 17  ? -16.773 -14.299 0.458   1.00 14.18 ? 36  ASP A CB  1 
ATOM   107  C  CG  . ASP A 1 17  ? -16.706 -15.642 -0.262  1.00 14.34 ? 36  ASP A CG  1 
ATOM   108  O  OD1 . ASP A 1 17  ? -16.446 -15.673 -1.487  1.00 15.20 ? 36  ASP A OD1 1 
ATOM   109  O  OD2 . ASP A 1 17  ? -16.882 -16.676 0.446   1.00 15.90 ? 36  ASP A OD2 1 
ATOM   110  N  N   . LYS A 1 18  ? -18.654 -12.553 -2.284  1.00 13.99 ? 37  LYS A N   1 
ATOM   111  C  CA  . LYS A 1 18  ? -19.970 -12.500 -2.954  1.00 15.42 ? 37  LYS A CA  1 
ATOM   112  C  C   . LYS A 1 18  ? -20.333 -13.831 -3.603  1.00 15.04 ? 37  LYS A C   1 
ATOM   113  O  O   . LYS A 1 18  ? -21.529 -14.173 -3.677  1.00 15.59 ? 37  LYS A O   1 
ATOM   114  C  CB  . LYS A 1 18  ? -19.987 -11.381 -3.994  1.00 16.00 ? 37  LYS A CB  1 
ATOM   115  C  CG  . LYS A 1 18  ? -20.151 -10.007 -3.391  1.00 19.39 ? 37  LYS A CG  1 
ATOM   116  C  CD  . LYS A 1 18  ? -20.146 -8.928  -4.499  1.00 25.89 ? 37  LYS A CD  1 
ATOM   117  C  CE  . LYS A 1 18  ? -20.424 -7.548  -3.912  1.00 30.26 ? 37  LYS A CE  1 
ATOM   118  N  NZ  . LYS A 1 18  ? -20.513 -6.454  -4.937  1.00 34.03 ? 37  LYS A NZ  1 
ATOM   119  N  N   . ASP A 1 19  ? -19.339 -14.589 -4.060  1.00 14.51 ? 38  ASP A N   1 
ATOM   120  C  CA  . ASP A 1 19  ? -19.672 -15.885 -4.728  1.00 15.23 ? 38  ASP A CA  1 
ATOM   121  C  C   . ASP A 1 19  ? -19.787 -17.032 -3.721  1.00 15.21 ? 38  ASP A C   1 
ATOM   122  O  O   . ASP A 1 19  ? -20.120 -18.169 -4.090  1.00 16.42 ? 38  ASP A O   1 
ATOM   123  C  CB  . ASP A 1 19  ? -18.789 -16.212 -5.942  1.00 15.05 ? 38  ASP A CB  1 
ATOM   124  C  CG  . ASP A 1 19  ? -17.357 -16.604 -5.576  1.00 16.58 ? 38  ASP A CG  1 
ATOM   125  O  OD1 . ASP A 1 19  ? -16.581 -16.943 -6.502  1.00 19.40 ? 38  ASP A OD1 1 
ATOM   126  O  OD2 . ASP A 1 19  ? -16.974 -16.563 -4.385  1.00 15.06 ? 38  ASP A OD2 1 
ATOM   127  N  N   . ARG A 1 20  ? -19.533 -16.710 -2.452  1.00 14.94 ? 39  ARG A N   1 
ATOM   128  C  CA  . ARG A 1 20  ? -19.714 -17.646 -1.321  1.00 15.86 ? 39  ARG A CA  1 
ATOM   129  C  C   . ARG A 1 20  ? -18.895 -18.929 -1.494  1.00 16.15 ? 39  ARG A C   1 
ATOM   130  O  O   . ARG A 1 20  ? -19.349 -20.015 -1.108  1.00 16.75 ? 39  ARG A O   1 
ATOM   131  C  CB  . ARG A 1 20  ? -21.202 -17.955 -1.097  1.00 15.70 ? 39  ARG A CB  1 
ATOM   132  C  CG  . ARG A 1 20  ? -22.073 -16.722 -0.933  1.00 17.82 ? 39  ARG A CG  1 
ATOM   133  C  CD  . ARG A 1 20  ? -23.464 -17.038 -0.420  1.00 17.05 ? 39  ARG A CD  1 
ATOM   134  N  NE  . ARG A 1 20  ? -24.200 -17.841 -1.406  1.00 17.34 ? 39  ARG A NE  1 
ATOM   135  C  CZ  . ARG A 1 20  ? -24.914 -17.346 -2.414  1.00 17.42 ? 39  ARG A CZ  1 
ATOM   136  N  NH1 . ARG A 1 20  ? -24.999 -16.034 -2.605  1.00 16.56 ? 39  ARG A NH1 1 
ATOM   137  N  NH2 . ARG A 1 20  ? -25.547 -18.175 -3.241  1.00 16.24 ? 39  ARG A NH2 1 
ATOM   138  N  N   . SER A 1 21  ? -17.699 -18.787 -2.078  1.00 15.55 ? 40  SER A N   1 
ATOM   139  C  CA  . SER A 1 21  ? -16.754 -19.873 -2.308  1.00 16.10 ? 40  SER A CA  1 
ATOM   140  C  C   . SER A 1 21  ? -15.736 -20.078 -1.192  1.00 16.15 ? 40  SER A C   1 
ATOM   141  O  O   . SER A 1 21  ? -14.972 -21.056 -1.226  1.00 16.65 ? 40  SER A O   1 
ATOM   142  C  CB  . SER A 1 21  ? -15.990 -19.655 -3.616  1.00 15.67 ? 40  SER A CB  1 
ATOM   143  O  OG  . SER A 1 21  ? -15.120 -18.523 -3.517  1.00 17.07 ? 40  SER A OG  1 
ATOM   144  N  N   . GLY A 1 22  ? -15.675 -19.125 -0.265  1.00 16.38 ? 41  GLY A N   1 
ATOM   145  C  CA  . GLY A 1 22  ? -14.705 -19.148 0.840   1.00 16.87 ? 41  GLY A CA  1 
ATOM   146  C  C   . GLY A 1 22  ? -13.374 -18.519 0.472   1.00 16.85 ? 41  GLY A C   1 
ATOM   147  O  O   . GLY A 1 22  ? -12.422 -18.564 1.260   1.00 17.87 ? 41  GLY A O   1 
ATOM   148  N  N   . VAL A 1 23  ? -13.289 -17.953 -0.734  1.00 16.40 ? 42  VAL A N   1 
ATOM   149  C  CA  . VAL A 1 23  ? -12.073 -17.263 -1.200  1.00 15.72 ? 42  VAL A CA  1 
ATOM   150  C  C   . VAL A 1 23  ? -12.483 -15.924 -1.794  1.00 15.89 ? 42  VAL A C   1 
ATOM   151  O  O   . VAL A 1 23  ? -13.322 -15.850 -2.725  1.00 15.22 ? 42  VAL A O   1 
ATOM   152  C  CB  . VAL A 1 23  ? -11.255 -18.122 -2.208  1.00 16.31 ? 42  VAL A CB  1 
ATOM   153  C  CG1 . VAL A 1 23  ? -10.095 -17.316 -2.873  1.00 15.91 ? 42  VAL A CG1 1 
ATOM   154  C  CG2 . VAL A 1 23  ? -10.713 -19.405 -1.509  1.00 15.82 ? 42  VAL A CG2 1 
ATOM   155  N  N   . ILE A 1 24  ? -11.932 -14.851 -1.229  1.00 13.72 ? 43  ILE A N   1 
ATOM   156  C  CA  . ILE A 1 24  ? -12.229 -13.509 -1.733  1.00 13.97 ? 43  ILE A CA  1 
ATOM   157  C  C   . ILE A 1 24  ? -11.240 -13.170 -2.859  1.00 13.77 ? 43  ILE A C   1 
ATOM   158  O  O   . ILE A 1 24  ? -10.014 -13.231 -2.656  1.00 14.59 ? 43  ILE A O   1 
ATOM   159  C  CB  . ILE A 1 24  ? -12.144 -12.455 -0.594  1.00 13.60 ? 43  ILE A CB  1 
ATOM   160  C  CG1 . ILE A 1 24  ? -13.360 -12.572 0.343   1.00 13.84 ? 43  ILE A CG1 1 
ATOM   161  C  CG2 . ILE A 1 24  ? -12.005 -11.033 -1.214  1.00 14.00 ? 43  ILE A CG2 1 
ATOM   162  C  CD1 . ILE A 1 24  ? -13.274 -11.788 1.640   1.00 14.74 ? 43  ILE A CD1 1 
ATOM   163  N  N   . SER A 1 25  ? -11.764 -12.821 -4.033  1.00 13.24 ? 44  SER A N   1 
ATOM   164  C  CA  . SER A 1 25  ? -10.955 -12.508 -5.233  1.00 13.79 ? 44  SER A CA  1 
ATOM   165  C  C   . SER A 1 25  ? -10.550 -11.027 -5.253  1.00 13.72 ? 44  SER A C   1 
ATOM   166  O  O   . SER A 1 25  ? -11.058 -10.248 -4.445  1.00 13.44 ? 44  SER A O   1 
ATOM   167  C  CB  . SER A 1 25  ? -11.750 -12.770 -6.509  1.00 14.42 ? 44  SER A CB  1 
ATOM   168  O  OG  . SER A 1 25  ? -12.929 -11.962 -6.528  1.00 14.90 ? 44  SER A OG  1 
ATOM   169  N  N   . ASP A 1 26  ? -9.672  -10.666 -6.191  1.00 14.43 ? 45  ASP A N   1 
ATOM   170  C  CA  . ASP A 1 26  ? -9.296  -9.257  -6.401  1.00 14.98 ? 45  ASP A CA  1 
ATOM   171  C  C   . ASP A 1 26  ? -10.564 -8.443  -6.675  1.00 15.10 ? 45  ASP A C   1 
ATOM   172  O  O   . ASP A 1 26  ? -10.774 -7.404  -6.077  1.00 14.32 ? 45  ASP A O   1 
ATOM   173  C  CB  . ASP A 1 26  ? -8.373  -9.089  -7.612  1.00 15.02 ? 45  ASP A CB  1 
ATOM   174  C  CG  . ASP A 1 26  ? -6.927  -9.510  -7.331  1.00 18.30 ? 45  ASP A CG  1 
ATOM   175  O  OD1 . ASP A 1 26  ? -6.015  -8.686  -7.579  1.00 21.65 ? 45  ASP A OD1 1 
ATOM   176  O  OD2 . ASP A 1 26  ? -6.699  -10.653 -6.868  1.00 20.73 ? 45  ASP A OD2 1 
ATOM   177  N  N   . THR A 1 27  ? -11.388 -8.909  -7.616  1.00 15.35 ? 46  THR A N   1 
ATOM   178  C  CA  . THR A 1 27  ? -12.603 -8.137  -7.936  1.00 15.83 ? 46  THR A CA  1 
ATOM   179  C  C   . THR A 1 27  ? -13.549 -7.948  -6.740  1.00 14.64 ? 46  THR A C   1 
ATOM   180  O  O   . THR A 1 27  ? -14.119 -6.848  -6.552  1.00 14.26 ? 46  THR A O   1 
ATOM   181  C  CB  . THR A 1 27  ? -13.343 -8.667  -9.179  1.00 16.46 ? 46  THR A CB  1 
ATOM   182  O  OG1 . THR A 1 27  ? -14.444 -7.795  -9.461  1.00 20.33 ? 46  THR A OG1 1 
ATOM   183  C  CG2 . THR A 1 27  ? -13.862 -10.094 -8.968  1.00 17.90 ? 46  THR A CG2 1 
ATOM   184  N  N   . GLU A 1 28  ? -13.732 -8.998  -5.930  1.00 12.90 ? 47  GLU A N   1 
ATOM   185  C  CA  . GLU A 1 28  ? -14.574 -8.894  -4.753  1.00 12.84 ? 47  GLU A CA  1 
ATOM   186  C  C   . GLU A 1 28  ? -14.054 -7.895  -3.729  1.00 12.57 ? 47  GLU A C   1 
ATOM   187  O  O   . GLU A 1 28  ? -14.818 -7.124  -3.154  1.00 13.39 ? 47  GLU A O   1 
ATOM   188  C  CB  . GLU A 1 28  ? -14.781 -10.257 -4.087  1.00 12.97 ? 47  GLU A CB  1 
ATOM   189  C  CG  . GLU A 1 28  ? -15.679 -11.152 -4.936  1.00 13.90 ? 47  GLU A CG  1 
ATOM   190  C  CD  . GLU A 1 28  ? -15.751 -12.572 -4.420  1.00 16.51 ? 47  GLU A CD  1 
ATOM   191  O  OE1 . GLU A 1 28  ? -14.795 -13.022 -3.708  1.00 14.81 ? 47  GLU A OE1 1 
ATOM   192  O  OE2 . GLU A 1 28  ? -16.749 -13.286 -4.757  1.00 15.84 ? 47  GLU A OE2 1 
ATOM   193  N  N   . LEU A 1 29  ? -12.747 -7.937  -3.490  1.00 12.32 ? 48  LEU A N   1 
ATOM   194  C  CA  . LEU A 1 29  ? -12.144 -7.017  -2.540  1.00 12.17 ? 48  LEU A CA  1 
ATOM   195  C  C   . LEU A 1 29  ? -12.253 -5.591  -3.043  1.00 11.92 ? 48  LEU A C   1 
ATOM   196  O  O   . LEU A 1 29  ? -12.607 -4.676  -2.262  1.00 12.63 ? 48  LEU A O   1 
ATOM   197  C  CB  . LEU A 1 29  ? -10.690 -7.407  -2.259  1.00 11.19 ? 48  LEU A CB  1 
ATOM   198  C  CG  . LEU A 1 29  ? -9.976  -6.529  -1.224  1.00 12.06 ? 48  LEU A CG  1 
ATOM   199  C  CD1 . LEU A 1 29  ? -10.699 -6.580  0.135   1.00 14.21 ? 48  LEU A CD1 1 
ATOM   200  C  CD2 . LEU A 1 29  ? -8.517  -6.978  -1.081  1.00 14.61 ? 48  LEU A CD2 1 
ATOM   201  N  N   . GLN A 1 30  ? -11.992 -5.385  -4.337  1.00 12.51 ? 49  GLN A N   1 
ATOM   202  C  CA  . GLN A 1 30  ? -12.042 -4.032  -4.899  1.00 12.76 ? 49  GLN A CA  1 
ATOM   203  C  C   . GLN A 1 30  ? -13.450 -3.472  -4.720  1.00 14.09 ? 49  GLN A C   1 
ATOM   204  O  O   . GLN A 1 30  ? -13.635 -2.335  -4.325  1.00 13.92 ? 49  GLN A O   1 
ATOM   205  C  CB  . GLN A 1 30  ? -11.675 -4.025  -6.378  1.00 13.54 ? 49  GLN A CB  1 
ATOM   206  C  CG  . GLN A 1 30  ? -11.686 -2.605  -6.947  1.00 12.86 ? 49  GLN A CG  1 
ATOM   207  C  CD  . GLN A 1 30  ? -11.560 -2.557  -8.456  1.00 18.27 ? 49  GLN A CD  1 
ATOM   208  O  OE1 . GLN A 1 30  ? -10.942 -1.631  -9.011  1.00 18.10 ? 49  GLN A OE1 1 
ATOM   209  N  NE2 . GLN A 1 30  ? -12.177 -3.534  -9.142  1.00 18.43 ? 49  GLN A NE2 1 
ATOM   210  N  N   . GLN A 1 31  ? -14.445 -4.305  -5.023  1.00 14.17 ? 50  GLN A N   1 
ATOM   211  C  CA  . GLN A 1 31  ? -15.839 -3.869  -4.931  1.00 15.96 ? 50  GLN A CA  1 
ATOM   212  C  C   . GLN A 1 31  ? -16.276 -3.493  -3.522  1.00 15.53 ? 50  GLN A C   1 
ATOM   213  O  O   . GLN A 1 31  ? -17.177 -2.642  -3.345  1.00 16.65 ? 50  GLN A O   1 
ATOM   214  C  CB  . GLN A 1 31  ? -16.764 -4.980  -5.466  1.00 16.40 ? 50  GLN A CB  1 
ATOM   215  C  CG  . GLN A 1 31  ? -16.752 -5.115  -6.942  1.00 20.26 ? 50  GLN A CG  1 
ATOM   216  C  CD  . GLN A 1 31  ? -17.648 -6.251  -7.361  1.00 26.45 ? 50  GLN A CD  1 
ATOM   217  O  OE1 . GLN A 1 31  ? -18.869 -6.190  -7.173  1.00 30.52 ? 50  GLN A OE1 1 
ATOM   218  N  NE2 . GLN A 1 31  ? -17.054 -7.308  -7.897  1.00 28.30 ? 50  GLN A NE2 1 
ATOM   219  N  N   . ALA A 1 32  ? -15.645 -4.100  -2.513  1.00 14.69 ? 51  ALA A N   1 
ATOM   220  C  CA  . ALA A 1 32  ? -15.968 -3.883  -1.112  1.00 14.90 ? 51  ALA A CA  1 
ATOM   221  C  C   . ALA A 1 32  ? -15.216 -2.705  -0.476  1.00 15.02 ? 51  ALA A C   1 
ATOM   222  O  O   . ALA A 1 32  ? -15.489 -2.343  0.690   1.00 16.77 ? 51  ALA A O   1 
ATOM   223  C  CB  . ALA A 1 32  ? -15.722 -5.153  -0.301  1.00 14.50 ? 51  ALA A CB  1 
ATOM   224  N  N   . LEU A 1 33  ? -14.255 -2.142  -1.214  1.00 14.90 ? 52  LEU A N   1 
ATOM   225  C  CA  . LEU A 1 33  ? -13.397 -1.078  -0.687  1.00 14.22 ? 52  LEU A CA  1 
ATOM   226  C  C   . LEU A 1 33  ? -13.763 0.292   -1.256  1.00 14.66 ? 52  LEU A C   1 
ATOM   227  O  O   . LEU A 1 33  ? -14.034 0.430   -2.455  1.00 16.00 ? 52  LEU A O   1 
ATOM   228  C  CB  . LEU A 1 33  ? -11.937 -1.360  -1.030  1.00 14.48 ? 52  LEU A CB  1 
ATOM   229  C  CG  . LEU A 1 33  ? -11.221 -2.452  -0.244  1.00 14.67 ? 52  LEU A CG  1 
ATOM   230  C  CD1 . LEU A 1 33  ? -9.893  -2.767  -0.949  1.00 15.21 ? 52  LEU A CD1 1 
ATOM   231  C  CD2 . LEU A 1 33  ? -11.023 -2.009  1.217   1.00 17.06 ? 52  LEU A CD2 1 
ATOM   232  N  N   . SER A 1 34  ? -13.742 1.304   -0.398  1.00 13.86 ? 53  SER A N   1 
ATOM   233  C  CA  . SER A 1 34  ? -13.908 2.674   -0.841  1.00 13.76 ? 53  SER A CA  1 
ATOM   234  C  C   . SER A 1 34  ? -12.561 3.401   -0.750  1.00 13.62 ? 53  SER A C   1 
ATOM   235  O  O   . SER A 1 34  ? -11.813 3.195   0.211   1.00 13.34 ? 53  SER A O   1 
ATOM   236  C  CB  . SER A 1 34  ? -14.959 3.381   0.023   1.00 14.60 ? 53  SER A CB  1 
ATOM   237  O  OG  . SER A 1 34  ? -14.862 4.779   -0.144  1.00 14.02 ? 53  SER A OG  1 
ATOM   238  N  N   . ASN A 1 35  ? -12.227 4.170   -1.793  1.00 12.31 ? 54  ASN A N   1 
ATOM   239  C  CA  . ASN A 1 35  ? -11.058 5.072   -1.737  1.00 12.12 ? 54  ASN A CA  1 
ATOM   240  C  C   . ASN A 1 35  ? -11.425 6.496   -1.356  1.00 12.86 ? 54  ASN A C   1 
ATOM   241  O  O   . ASN A 1 35  ? -10.563 7.394   -1.369  1.00 12.54 ? 54  ASN A O   1 
ATOM   242  C  CB  . ASN A 1 35  ? -10.266 5.040   -3.066  1.00 11.48 ? 54  ASN A CB  1 
ATOM   243  C  CG  . ASN A 1 35  ? -11.052 5.625   -4.238  1.00 11.38 ? 54  ASN A CG  1 
ATOM   244  O  OD1 . ASN A 1 35  ? -12.103 6.274   -4.052  1.00 11.98 ? 54  ASN A OD1 1 
ATOM   245  N  ND2 . ASN A 1 35  ? -10.536 5.422   -5.457  1.00 13.55 ? 54  ASN A ND2 1 
ATOM   246  N  N   . GLY A 1 36  ? -12.696 6.713   -0.974  1.00 12.50 ? 55  GLY A N   1 
ATOM   247  C  CA  . GLY A 1 36  ? -13.131 8.031   -0.537  1.00 13.16 ? 55  GLY A CA  1 
ATOM   248  C  C   . GLY A 1 36  ? -13.199 9.132   -1.595  1.00 12.90 ? 55  GLY A C   1 
ATOM   249  O  O   . GLY A 1 36  ? -13.245 10.307  -1.239  1.00 13.05 ? 55  GLY A O   1 
ATOM   250  N  N   . THR A 1 37  ? -13.196 8.761   -2.881  1.00 12.32 ? 56  THR A N   1 
ATOM   251  C  CA  . THR A 1 37  ? -13.203 9.739   -3.991  1.00 13.83 ? 56  THR A CA  1 
ATOM   252  C  C   . THR A 1 37  ? -14.257 9.403   -5.068  1.00 14.51 ? 56  THR A C   1 
ATOM   253  O  O   . THR A 1 37  ? -14.286 10.030  -6.144  1.00 14.88 ? 56  THR A O   1 
ATOM   254  C  CB  . THR A 1 37  ? -11.814 9.856   -4.680  1.00 14.88 ? 56  THR A CB  1 
ATOM   255  O  OG1 . THR A 1 37  ? -11.551 8.637   -5.370  1.00 14.28 ? 56  THR A OG1 1 
ATOM   256  C  CG2 . THR A 1 37  ? -10.663 10.191  -3.655  1.00 14.39 ? 56  THR A CG2 1 
ATOM   257  N  N   . TRP A 1 38  ? -15.096 8.412   -4.774  1.00 14.66 ? 57  TRP A N   1 
ATOM   258  C  CA  . TRP A 1 38  ? -16.151 7.934   -5.691  1.00 15.73 ? 57  TRP A CA  1 
ATOM   259  C  C   . TRP A 1 38  ? -15.626 7.424   -7.040  1.00 16.37 ? 57  TRP A C   1 
ATOM   260  O  O   . TRP A 1 38  ? -16.287 7.596   -8.068  1.00 17.92 ? 57  TRP A O   1 
ATOM   261  C  CB  . TRP A 1 38  ? -17.195 9.039   -5.943  1.00 15.66 ? 57  TRP A CB  1 
ATOM   262  C  CG  . TRP A 1 38  ? -17.879 9.535   -4.696  1.00 16.89 ? 57  TRP A CG  1 
ATOM   263  C  CD1 . TRP A 1 38  ? -18.889 8.910   -4.010  1.00 16.40 ? 57  TRP A CD1 1 
ATOM   264  C  CD2 . TRP A 1 38  ? -17.613 10.756  -4.002  1.00 16.11 ? 57  TRP A CD2 1 
ATOM   265  N  NE1 . TRP A 1 38  ? -19.268 9.667   -2.931  1.00 16.46 ? 57  TRP A NE1 1 
ATOM   266  C  CE2 . TRP A 1 38  ? -18.513 10.809  -2.897  1.00 16.36 ? 57  TRP A CE2 1 
ATOM   267  C  CE3 . TRP A 1 38  ? -16.723 11.824  -4.209  1.00 16.14 ? 57  TRP A CE3 1 
ATOM   268  C  CZ2 . TRP A 1 38  ? -18.543 11.881  -1.999  1.00 16.71 ? 57  TRP A CZ2 1 
ATOM   269  C  CZ3 . TRP A 1 38  ? -16.743 12.897  -3.305  1.00 17.48 ? 57  TRP A CZ3 1 
ATOM   270  C  CH2 . TRP A 1 38  ? -17.653 12.909  -2.206  1.00 16.29 ? 57  TRP A CH2 1 
ATOM   271  N  N   . THR A 1 39  ? -14.428 6.829   -7.031  1.00 14.50 ? 58  THR A N   1 
ATOM   272  C  CA  . THR A 1 39  ? -13.885 6.127   -8.188  1.00 14.66 ? 58  THR A CA  1 
ATOM   273  C  C   . THR A 1 39  ? -13.410 4.746   -7.699  1.00 14.41 ? 58  THR A C   1 
ATOM   274  O  O   . THR A 1 39  ? -13.171 4.548   -6.487  1.00 13.46 ? 58  THR A O   1 
ATOM   275  C  CB  . THR A 1 39  ? -12.681 6.874   -8.787  1.00 14.79 ? 58  THR A CB  1 
ATOM   276  O  OG1 . THR A 1 39  ? -11.631 6.922   -7.815  1.00 15.90 ? 58  THR A OG1 1 
ATOM   277  C  CG2 . THR A 1 39  ? -13.046 8.303   -9.215  1.00 13.94 ? 58  THR A CG2 1 
ATOM   278  N  N   . PRO A 1 40  ? -13.331 3.766   -8.614  1.00 13.91 ? 59  PRO A N   1 
ATOM   279  C  CA  . PRO A 1 40  ? -12.985 2.408   -8.190  1.00 14.16 ? 59  PRO A CA  1 
ATOM   280  C  C   . PRO A 1 40  ? -11.612 2.347   -7.503  1.00 12.82 ? 59  PRO A C   1 
ATOM   281  O  O   . PRO A 1 40  ? -10.662 2.998   -7.937  1.00 13.40 ? 59  PRO A O   1 
ATOM   282  C  CB  . PRO A 1 40  ? -13.018 1.608   -9.496  1.00 14.77 ? 59  PRO A CB  1 
ATOM   283  C  CG  . PRO A 1 40  ? -14.017 2.407   -10.369 1.00 14.82 ? 59  PRO A CG  1 
ATOM   284  C  CD  . PRO A 1 40  ? -13.624 3.838   -10.062 1.00 14.59 ? 59  PRO A CD  1 
ATOM   285  N  N   . PHE A 1 41  ? -11.554 1.586   -6.422  1.00 12.81 ? 60  PHE A N   1 
ATOM   286  C  CA  . PHE A 1 41  ? -10.318 1.430   -5.645  1.00 12.38 ? 60  PHE A CA  1 
ATOM   287  C  C   . PHE A 1 41  ? -9.215  0.892   -6.542  1.00 12.70 ? 60  PHE A C   1 
ATOM   288  O  O   . PHE A 1 41  ? -9.418  -0.042  -7.308  1.00 13.41 ? 60  PHE A O   1 
ATOM   289  C  CB  . PHE A 1 41  ? -10.570 0.468   -4.490  1.00 12.56 ? 60  PHE A CB  1 
ATOM   290  C  CG  . PHE A 1 41  ? -9.590  0.586   -3.357  1.00 10.72 ? 60  PHE A CG  1 
ATOM   291  C  CD1 . PHE A 1 41  ? -9.933  1.320   -2.210  1.00 12.70 ? 60  PHE A CD1 1 
ATOM   292  C  CD2 . PHE A 1 41  ? -8.359  -0.104  -3.401  1.00 11.13 ? 60  PHE A CD2 1 
ATOM   293  C  CE1 . PHE A 1 41  ? -9.064  1.404   -1.122  1.00 11.41 ? 60  PHE A CE1 1 
ATOM   294  C  CE2 . PHE A 1 41  ? -7.485  -0.050  -2.336  1.00 10.96 ? 60  PHE A CE2 1 
ATOM   295  C  CZ  . PHE A 1 41  ? -7.818  0.703   -1.187  1.00 9.96  ? 60  PHE A CZ  1 
ATOM   296  N  N   . ASN A 1 42  ? -8.043  1.513   -6.433  1.00 12.57 ? 61  ASN A N   1 
ATOM   297  C  CA  . ASN A 1 42  ? -6.919  1.238   -7.321  1.00 12.99 ? 61  ASN A CA  1 
ATOM   298  C  C   . ASN A 1 42  ? -6.652  -0.273  -7.460  1.00 12.08 ? 61  ASN A C   1 
ATOM   299  O  O   . ASN A 1 42  ? -6.357  -0.937  -6.473  1.00 11.72 ? 61  ASN A O   1 
ATOM   300  C  CB  . ASN A 1 42  ? -5.681  1.968   -6.783  1.00 12.30 ? 61  ASN A CB  1 
ATOM   301  C  CG  . ASN A 1 42  ? -4.491  1.865   -7.727  1.00 16.00 ? 61  ASN A CG  1 
ATOM   302  O  OD1 . ASN A 1 42  ? -4.496  1.048   -8.657  1.00 19.27 ? 61  ASN A OD1 1 
ATOM   303  N  ND2 . ASN A 1 42  ? -3.480  2.709   -7.514  1.00 13.05 ? 61  ASN A ND2 1 
ATOM   304  N  N   . PRO A 1 43  ? -6.830  -0.847  -8.671  1.00 13.19 ? 62  PRO A N   1 
ATOM   305  C  CA  . PRO A 1 43  ? -6.705  -2.322  -8.741  1.00 13.57 ? 62  PRO A CA  1 
ATOM   306  C  C   . PRO A 1 43  ? -5.290  -2.826  -8.506  1.00 12.77 ? 62  PRO A C   1 
ATOM   307  O  O   . PRO A 1 43  ? -5.101  -3.980  -8.122  1.00 13.20 ? 62  PRO A O   1 
ATOM   308  C  CB  . PRO A 1 43  ? -7.170  -2.669  -10.165 1.00 14.36 ? 62  PRO A CB  1 
ATOM   309  C  CG  . PRO A 1 43  ? -7.031  -1.460  -10.941 1.00 14.53 ? 62  PRO A CG  1 
ATOM   310  C  CD  . PRO A 1 43  ? -7.214  -0.258  -9.963  1.00 13.74 ? 62  PRO A CD  1 
ATOM   311  N  N   . VAL A 1 44  ? -4.309  -1.968  -8.756  1.00 13.12 ? 63  VAL A N   1 
ATOM   312  C  CA  . VAL A 1 44  ? -2.915  -2.306  -8.432  1.00 13.12 ? 63  VAL A CA  1 
ATOM   313  C  C   . VAL A 1 44  ? -2.746  -2.489  -6.899  1.00 12.94 ? 63  VAL A C   1 
ATOM   314  O  O   . VAL A 1 44  ? -2.117  -3.473  -6.442  1.00 13.22 ? 63  VAL A O   1 
ATOM   315  C  CB  . VAL A 1 44  ? -1.940  -1.246  -9.009  1.00 13.27 ? 63  VAL A CB  1 
ATOM   316  C  CG1 . VAL A 1 44  ? -0.488  -1.498  -8.510  1.00 15.73 ? 63  VAL A CG1 1 
ATOM   317  C  CG2 . VAL A 1 44  ? -1.983  -1.224  -10.556 1.00 15.18 ? 63  VAL A CG2 1 
ATOM   318  N  N   . THR A 1 45  ? -3.304  -1.557  -6.115  1.00 12.07 ? 64  THR A N   1 
ATOM   319  C  CA  . THR A 1 45  ? -3.324  -1.693  -4.641  1.00 11.32 ? 64  THR A CA  1 
ATOM   320  C  C   . THR A 1 45  ? -4.005  -2.984  -4.201  1.00 11.86 ? 64  THR A C   1 
ATOM   321  O  O   . THR A 1 45  ? -3.495  -3.708  -3.346  1.00 12.54 ? 64  THR A O   1 
ATOM   322  C  CB  . THR A 1 45  ? -4.013  -0.488  -3.980  1.00 11.19 ? 64  THR A CB  1 
ATOM   323  O  OG1 . THR A 1 45  ? -3.517  0.707   -4.578  1.00 10.52 ? 64  THR A OG1 1 
ATOM   324  C  CG2 . THR A 1 45  ? -3.772  -0.476  -2.463  1.00 11.56 ? 64  THR A CG2 1 
ATOM   325  N  N   . VAL A 1 46  ? -5.157  -3.281  -4.800  1.00 12.21 ? 65  VAL A N   1 
ATOM   326  C  CA  . VAL A 1 46  ? -5.863  -4.532  -4.494  1.00 12.85 ? 65  VAL A CA  1 
ATOM   327  C  C   . VAL A 1 46  ? -4.954  -5.760  -4.758  1.00 13.33 ? 65  VAL A C   1 
ATOM   328  O  O   . VAL A 1 46  ? -4.835  -6.658  -3.904  1.00 13.75 ? 65  VAL A O   1 
ATOM   329  C  CB  . VAL A 1 46  ? -7.154  -4.641  -5.309  1.00 13.13 ? 65  VAL A CB  1 
ATOM   330  C  CG1 . VAL A 1 46  ? -7.797  -6.019  -5.126  1.00 14.67 ? 65  VAL A CG1 1 
ATOM   331  C  CG2 . VAL A 1 46  ? -8.132  -3.540  -4.881  1.00 12.37 ? 65  VAL A CG2 1 
ATOM   332  N  N   . ARG A 1 47  ? -4.315  -5.760  -5.932  1.00 14.02 ? 66  ARG A N   1 
ATOM   333  C  CA  . ARG A 1 47  ? -3.424  -6.853  -6.342  1.00 15.19 ? 66  ARG A CA  1 
ATOM   334  C  C   . ARG A 1 47  ? -2.289  -7.006  -5.340  1.00 15.36 ? 66  ARG A C   1 
ATOM   335  O  O   . ARG A 1 47  ? -1.977  -8.117  -4.925  1.00 16.22 ? 66  ARG A O   1 
ATOM   336  C  CB  . ARG A 1 47  ? -2.869  -6.628  -7.756  1.00 15.83 ? 66  ARG A CB  1 
ATOM   337  C  CG  . ARG A 1 47  ? -1.952  -7.761  -8.260  1.00 18.13 ? 66  ARG A CG  1 
ATOM   338  C  CD  . ARG A 1 47  ? -2.734  -8.901  -8.944  1.00 20.11 ? 66  ARG A CD  1 
ATOM   339  N  NE  . ARG A 1 47  ? -3.536  -9.712  -8.031  1.00 19.96 ? 66  ARG A NE  1 
ATOM   340  C  CZ  . ARG A 1 47  ? -3.090  -10.753 -7.334  1.00 19.69 ? 66  ARG A CZ  1 
ATOM   341  N  NH1 . ARG A 1 47  ? -1.807  -11.110 -7.390  1.00 20.79 ? 66  ARG A NH1 1 
ATOM   342  N  NH2 . ARG A 1 47  ? -3.929  -11.436 -6.560  1.00 19.92 ? 66  ARG A NH2 1 
ATOM   343  N  N   . SER A 1 48  ? -1.706  -5.886  -4.919  1.00 14.73 ? 67  SER A N   1 
ATOM   344  C  CA  . SER A 1 48  ? -0.646  -5.911  -3.927  1.00 14.29 ? 67  SER A CA  1 
ATOM   345  C  C   . SER A 1 48  ? -1.088  -6.552  -2.610  1.00 14.73 ? 67  SER A C   1 
ATOM   346  O  O   . SER A 1 48  ? -0.398  -7.416  -2.061  1.00 15.80 ? 67  SER A O   1 
ATOM   347  C  CB  . SER A 1 48  ? -0.120  -4.499  -3.691  1.00 13.54 ? 67  SER A CB  1 
ATOM   348  O  OG  . SER A 1 48  ? 0.487   -4.009  -4.871  1.00 14.94 ? 67  SER A OG  1 
ATOM   349  N  N   . ILE A 1 49  ? -2.255  -6.158  -2.133  1.00 13.31 ? 68  ILE A N   1 
ATOM   350  C  CA  . ILE A 1 49  ? -2.749  -6.622  -0.844  1.00 14.34 ? 68  ILE A CA  1 
ATOM   351  C  C   . ILE A 1 49  ? -3.104  -8.123  -0.893  1.00 15.25 ? 68  ILE A C   1 
ATOM   352  O  O   . ILE A 1 49  ? -2.744  -8.892  0.011   1.00 15.79 ? 68  ILE A O   1 
ATOM   353  C  CB  . ILE A 1 49  ? -3.947  -5.756  -0.392  1.00 13.32 ? 68  ILE A CB  1 
ATOM   354  C  CG1 . ILE A 1 49  ? -3.500  -4.310  -0.054  1.00 12.08 ? 68  ILE A CG1 1 
ATOM   355  C  CG2 . ILE A 1 49  ? -4.645  -6.374  0.804   1.00 14.07 ? 68  ILE A CG2 1 
ATOM   356  C  CD1 . ILE A 1 49  ? -4.684  -3.361  0.045   1.00 13.98 ? 68  ILE A CD1 1 
ATOM   357  N  N   . ILE A 1 50  ? -3.813  -8.544  -1.935  1.00 16.16 ? 69  ILE A N   1 
ATOM   358  C  CA  . ILE A 1 50  ? -4.147  -9.965  -2.070  1.00 17.57 ? 69  ILE A CA  1 
ATOM   359  C  C   . ILE A 1 50  ? -2.858  -10.787 -2.188  1.00 18.35 ? 69  ILE A C   1 
ATOM   360  O  O   . ILE A 1 50  ? -2.709  -11.811 -1.510  1.00 19.09 ? 69  ILE A O   1 
ATOM   361  C  CB  . ILE A 1 50  ? -5.044  -10.244 -3.292  1.00 17.53 ? 69  ILE A CB  1 
ATOM   362  C  CG1 . ILE A 1 50  ? -6.422  -9.563  -3.153  1.00 17.27 ? 69  ILE A CG1 1 
ATOM   363  C  CG2 . ILE A 1 50  ? -5.195  -11.763 -3.521  1.00 16.57 ? 69  ILE A CG2 1 
ATOM   364  C  CD1 . ILE A 1 50  ? -7.363  -10.175 -2.104  1.00 21.89 ? 69  ILE A CD1 1 
ATOM   365  N  N   . SER A 1 51  ? -1.930  -10.306 -3.009  1.00 18.72 ? 70  SER A N   1 
ATOM   366  C  CA  . SER A 1 51  ? -0.667  -11.017 -3.213  1.00 20.37 ? 70  SER A CA  1 
ATOM   367  C  C   . SER A 1 51  ? 0.142   -11.174 -1.921  1.00 20.48 ? 70  SER A C   1 
ATOM   368  O  O   . SER A 1 51  ? 0.830   -12.187 -1.731  1.00 20.40 ? 70  SER A O   1 
ATOM   369  C  CB  . SER A 1 51  ? 0.150   -10.374 -4.333  1.00 20.47 ? 70  SER A CB  1 
ATOM   370  O  OG  . SER A 1 51  ? 0.725   -9.150  -3.914  1.00 24.32 ? 70  SER A OG  1 
ATOM   371  N  N   . MET A 1 52  ? 0.070   -10.183 -1.033  1.00 20.41 ? 71  MET A N   1 
ATOM   372  C  CA  . MET A 1 52  ? 0.799   -10.243 0.233   1.00 20.86 ? 71  MET A CA  1 
ATOM   373  C  C   . MET A 1 52  ? 0.179   -11.206 1.240   1.00 20.58 ? 71  MET A C   1 
ATOM   374  O  O   . MET A 1 52  ? 0.892   -11.809 2.044   1.00 20.62 ? 71  MET A O   1 
ATOM   375  C  CB  . MET A 1 52  ? 0.903   -8.859  0.881   1.00 21.01 ? 71  MET A CB  1 
ATOM   376  C  CG  . MET A 1 52  ? 1.856   -7.889  0.182   1.00 24.62 ? 71  MET A CG  1 
ATOM   377  S  SD  . MET A 1 52  ? 1.589   -6.165  0.729   1.00 31.23 ? 71  MET A SD  1 
ATOM   378  C  CE  . MET A 1 52  ? 1.162   -6.385  2.457   1.00 29.14 ? 71  MET A CE  1 
ATOM   379  N  N   . PHE A 1 53  ? -1.145  -11.325 1.225   1.00 19.34 ? 72  PHE A N   1 
ATOM   380  C  CA  . PHE A 1 53  ? -1.834  -12.112 2.261   1.00 18.18 ? 72  PHE A CA  1 
ATOM   381  C  C   . PHE A 1 53  ? -2.247  -13.525 1.816   1.00 18.75 ? 72  PHE A C   1 
ATOM   382  O  O   . PHE A 1 53  ? -2.466  -14.397 2.676   1.00 18.74 ? 72  PHE A O   1 
ATOM   383  C  CB  . PHE A 1 53  ? -3.009  -11.312 2.853   1.00 18.41 ? 72  PHE A CB  1 
ATOM   384  C  CG  . PHE A 1 53  ? -2.569  -10.176 3.738   1.00 17.72 ? 72  PHE A CG  1 
ATOM   385  C  CD1 . PHE A 1 53  ? -2.336  -8.902  3.210   1.00 18.10 ? 72  PHE A CD1 1 
ATOM   386  C  CD2 . PHE A 1 53  ? -2.357  -10.387 5.111   1.00 17.98 ? 72  PHE A CD2 1 
ATOM   387  C  CE1 . PHE A 1 53  ? -1.889  -7.853  4.044   1.00 16.54 ? 72  PHE A CE1 1 
ATOM   388  C  CE2 . PHE A 1 53  ? -1.932  -9.336  5.950   1.00 17.51 ? 72  PHE A CE2 1 
ATOM   389  C  CZ  . PHE A 1 53  ? -1.704  -8.078  5.417   1.00 17.84 ? 72  PHE A CZ  1 
ATOM   390  N  N   . ASP A 1 54  ? -2.320  -13.743 0.502   1.00 18.98 ? 73  ASP A N   1 
ATOM   391  C  CA  . ASP A 1 54  ? -2.611  -15.066 -0.066  1.00 20.30 ? 73  ASP A CA  1 
ATOM   392  C  C   . ASP A 1 54  ? -1.351  -15.938 0.073   1.00 21.95 ? 73  ASP A C   1 
ATOM   393  O  O   . ASP A 1 54  ? -0.331  -15.637 -0.537  1.00 22.03 ? 73  ASP A O   1 
ATOM   394  C  CB  . ASP A 1 54  ? -2.981  -14.937 -1.550  1.00 19.37 ? 73  ASP A CB  1 
ATOM   395  C  CG  . ASP A 1 54  ? -3.235  -16.289 -2.236  1.00 19.65 ? 73  ASP A CG  1 
ATOM   396  O  OD1 . ASP A 1 54  ? -3.320  -17.328 -1.541  1.00 20.74 ? 73  ASP A OD1 1 
ATOM   397  O  OD2 . ASP A 1 54  ? -3.356  -16.289 -3.480  1.00 22.20 ? 73  ASP A OD2 1 
ATOM   398  N  N   . ARG A 1 55  ? -1.445  -17.000 0.870   1.00 23.27 ? 74  ARG A N   1 
ATOM   399  C  CA  . ARG A 1 55  ? -0.290  -17.882 1.138   1.00 26.35 ? 74  ARG A CA  1 
ATOM   400  C  C   . ARG A 1 55  ? -0.220  -19.078 0.189   1.00 27.14 ? 74  ARG A C   1 
ATOM   401  O  O   . ARG A 1 55  ? 0.705   -19.903 0.286   1.00 27.96 ? 74  ARG A O   1 
ATOM   402  C  CB  . ARG A 1 55  ? -0.321  -18.377 2.583   1.00 26.18 ? 74  ARG A CB  1 
ATOM   403  C  CG  . ARG A 1 55  ? -0.517  -17.311 3.639   1.00 30.48 ? 74  ARG A CG  1 
ATOM   404  C  CD  . ARG A 1 55  ? 0.788   -16.841 4.217   1.00 37.25 ? 74  ARG A CD  1 
ATOM   405  N  NE  . ARG A 1 55  ? 1.645   -16.248 3.197   1.00 42.10 ? 74  ARG A NE  1 
ATOM   406  C  CZ  . ARG A 1 55  ? 2.686   -15.468 3.462   1.00 43.88 ? 74  ARG A CZ  1 
ATOM   407  N  NH1 . ARG A 1 55  ? 2.994   -15.184 4.725   1.00 44.37 ? 74  ARG A NH1 1 
ATOM   408  N  NH2 . ARG A 1 55  ? 3.414   -14.971 2.464   1.00 45.07 ? 74  ARG A NH2 1 
ATOM   409  N  N   . GLU A 1 56  ? -1.169  -19.168 -0.741  1.00 28.09 ? 75  GLU A N   1 
ATOM   410  C  CA  . GLU A 1 56  ? -1.285  -20.366 -1.576  1.00 29.30 ? 75  GLU A CA  1 
ATOM   411  C  C   . GLU A 1 56  ? -1.449  -20.164 -3.076  1.00 29.23 ? 75  GLU A C   1 
ATOM   412  O  O   . GLU A 1 56  ? -1.858  -21.091 -3.780  1.00 29.55 ? 75  GLU A O   1 
ATOM   413  C  CB  . GLU A 1 56  ? -2.361  -21.316 -1.038  1.00 29.61 ? 75  GLU A CB  1 
ATOM   414  C  CG  . GLU A 1 56  ? -3.604  -20.636 -0.584  1.00 32.07 ? 75  GLU A CG  1 
ATOM   415  C  CD  . GLU A 1 56  ? -4.297  -21.354 0.551   1.00 32.79 ? 75  GLU A CD  1 
ATOM   416  O  OE1 . GLU A 1 56  ? -3.630  -22.013 1.375   1.00 37.68 ? 75  GLU A OE1 1 
ATOM   417  O  OE2 . GLU A 1 56  ? -5.526  -21.256 0.620   1.00 30.88 ? 75  GLU A OE2 1 
ATOM   418  N  N   . ASN A 1 57  ? -1.114  -18.971 -3.561  1.00 29.15 ? 76  ASN A N   1 
ATOM   419  C  CA  . ASN A 1 57  ? -1.120  -18.682 -4.995  1.00 29.69 ? 76  ASN A CA  1 
ATOM   420  C  C   . ASN A 1 57  ? -2.446  -19.099 -5.638  1.00 28.87 ? 76  ASN A C   1 
ATOM   421  O  O   . ASN A 1 57  ? -2.474  -19.870 -6.607  1.00 29.99 ? 76  ASN A O   1 
ATOM   422  C  CB  . ASN A 1 57  ? 0.107   -19.326 -5.683  1.00 30.41 ? 76  ASN A CB  1 
ATOM   423  C  CG  . ASN A 1 57  ? 0.293   -18.882 -7.128  1.00 33.14 ? 76  ASN A CG  1 
ATOM   424  O  OD1 . ASN A 1 57  ? 0.471   -19.717 -8.019  1.00 37.79 ? 76  ASN A OD1 1 
ATOM   425  N  ND2 . ASN A 1 57  ? 0.272   -17.579 -7.368  1.00 35.32 ? 76  ASN A ND2 1 
ATOM   426  N  N   . LYS A 1 58  ? -3.541  -18.585 -5.072  1.00 27.14 ? 77  LYS A N   1 
ATOM   427  C  CA  . LYS A 1 58  ? -4.900  -18.914 -5.522  1.00 25.38 ? 77  LYS A CA  1 
ATOM   428  C  C   . LYS A 1 58  ? -5.680  -17.705 -6.034  1.00 24.41 ? 77  LYS A C   1 
ATOM   429  O  O   . LYS A 1 58  ? -6.891  -17.804 -6.299  1.00 24.44 ? 77  LYS A O   1 
ATOM   430  C  CB  . LYS A 1 58  ? -5.687  -19.588 -4.395  1.00 25.69 ? 77  LYS A CB  1 
ATOM   431  C  CG  . LYS A 1 58  ? -6.039  -18.677 -3.219  1.00 24.04 ? 77  LYS A CG  1 
ATOM   432  C  CD  . LYS A 1 58  ? -6.746  -19.463 -2.110  1.00 22.95 ? 77  LYS A CD  1 
ATOM   433  C  CE  . LYS A 1 58  ? -6.899  -18.640 -0.839  1.00 21.78 ? 77  LYS A CE  1 
ATOM   434  N  NZ  . LYS A 1 58  ? -5.589  -18.409 -0.152  1.00 19.61 ? 77  LYS A NZ  1 
ATOM   435  N  N   . ALA A 1 59  ? -4.987  -16.576 -6.168  1.00 23.19 ? 78  ALA A N   1 
ATOM   436  C  CA  . ALA A 1 59  ? -5.574  -15.304 -6.608  1.00 21.29 ? 78  ALA A CA  1 
ATOM   437  C  C   . ALA A 1 59  ? -6.696  -14.855 -5.677  1.00 19.99 ? 78  ALA A C   1 
ATOM   438  O  O   . ALA A 1 59  ? -7.708  -14.298 -6.118  1.00 19.78 ? 78  ALA A O   1 
ATOM   439  C  CB  . ALA A 1 59  ? -6.056  -15.378 -8.078  1.00 21.74 ? 78  ALA A CB  1 
ATOM   440  N  N   . GLY A 1 60  ? -6.502  -15.069 -4.380  1.00 18.30 ? 79  GLY A N   1 
ATOM   441  C  CA  . GLY A 1 60  ? -7.492  -14.644 -3.415  1.00 17.35 ? 79  GLY A CA  1 
ATOM   442  C  C   . GLY A 1 60  ? -7.121  -14.977 -1.991  1.00 17.06 ? 79  GLY A C   1 
ATOM   443  O  O   . GLY A 1 60  ? -6.086  -15.592 -1.738  1.00 17.18 ? 79  GLY A O   1 
ATOM   444  N  N   . VAL A 1 61  ? -7.973  -14.567 -1.065  1.00 16.30 ? 80  VAL A N   1 
ATOM   445  C  CA  . VAL A 1 61  ? -7.747  -14.796 0.359   1.00 16.61 ? 80  VAL A CA  1 
ATOM   446  C  C   . VAL A 1 61  ? -8.895  -15.579 1.007   1.00 16.54 ? 80  VAL A C   1 
ATOM   447  O  O   . VAL A 1 61  ? -10.081 -15.256 0.815   1.00 16.13 ? 80  VAL A O   1 
ATOM   448  C  CB  . VAL A 1 61  ? -7.493  -13.459 1.161   1.00 17.00 ? 80  VAL A CB  1 
ATOM   449  C  CG1 . VAL A 1 61  ? -6.149  -12.843 0.809   1.00 16.86 ? 80  VAL A CG1 1 
ATOM   450  C  CG2 . VAL A 1 61  ? -8.608  -12.437 0.955   1.00 16.70 ? 80  VAL A CG2 1 
ATOM   451  N  N   . ASN A 1 62  ? -8.542  -16.601 1.784   1.00 16.57 ? 81  ASN A N   1 
ATOM   452  C  CA  . ASN A 1 62  ? -9.517  -17.272 2.652   1.00 17.24 ? 81  ASN A CA  1 
ATOM   453  C  C   . ASN A 1 62  ? -9.780  -16.469 3.927   1.00 17.06 ? 81  ASN A C   1 
ATOM   454  O  O   . ASN A 1 62  ? -9.226  -15.357 4.117   1.00 16.23 ? 81  ASN A O   1 
ATOM   455  C  CB  . ASN A 1 62  ? -9.062  -18.704 2.963   1.00 18.16 ? 81  ASN A CB  1 
ATOM   456  C  CG  . ASN A 1 62  ? -7.758  -18.730 3.740   1.00 19.09 ? 81  ASN A CG  1 
ATOM   457  O  OD1 . ASN A 1 62  ? -7.510  -17.857 4.562   1.00 20.75 ? 81  ASN A OD1 1 
ATOM   458  N  ND2 . ASN A 1 62  ? -6.919  -19.727 3.479   1.00 22.13 ? 81  ASN A ND2 1 
ATOM   459  N  N   . PHE A 1 63  ? -10.626 -16.999 4.806   1.00 16.44 ? 82  PHE A N   1 
ATOM   460  C  CA  . PHE A 1 63  ? -11.023 -16.219 5.968   1.00 18.05 ? 82  PHE A CA  1 
ATOM   461  C  C   . PHE A 1 63  ? -9.853  -15.842 6.881   1.00 18.19 ? 82  PHE A C   1 
ATOM   462  O  O   . PHE A 1 63  ? -9.759  -14.683 7.309   1.00 18.18 ? 82  PHE A O   1 
ATOM   463  C  CB  . PHE A 1 63  ? -12.115 -16.898 6.792   1.00 18.02 ? 82  PHE A CB  1 
ATOM   464  C  CG  . PHE A 1 63  ? -12.428 -16.161 8.059   1.00 20.36 ? 82  PHE A CG  1 
ATOM   465  C  CD1 . PHE A 1 63  ? -13.107 -14.943 8.018   1.00 18.44 ? 82  PHE A CD1 1 
ATOM   466  C  CD2 . PHE A 1 63  ? -11.987 -16.653 9.292   1.00 19.52 ? 82  PHE A CD2 1 
ATOM   467  C  CE1 . PHE A 1 63  ? -13.390 -14.233 9.189   1.00 19.89 ? 82  PHE A CE1 1 
ATOM   468  C  CE2 . PHE A 1 63  ? -12.252 -15.953 10.469  1.00 22.47 ? 82  PHE A CE2 1 
ATOM   469  C  CZ  . PHE A 1 63  ? -12.962 -14.740 10.425  1.00 21.09 ? 82  PHE A CZ  1 
ATOM   470  N  N   . SER A 1 64  ? -8.981  -16.803 7.196   1.00 19.00 ? 83  SER A N   1 
ATOM   471  C  CA  . SER A 1 64  ? -7.856  -16.473 8.096   1.00 20.28 ? 83  SER A CA  1 
ATOM   472  C  C   . SER A 1 64  ? -6.937  -15.415 7.488   1.00 19.58 ? 83  SER A C   1 
ATOM   473  O  O   . SER A 1 64  ? -6.536  -14.475 8.174   1.00 20.19 ? 83  SER A O   1 
ATOM   474  C  CB  . SER A 1 64  ? -7.078  -17.701 8.576   1.00 21.42 ? 83  SER A CB  1 
ATOM   475  O  OG  . SER A 1 64  ? -6.572  -18.447 7.503   1.00 25.73 ? 83  SER A OG  1 
ATOM   476  N  N   . GLU A 1 65  ? -6.614  -15.558 6.208   1.00 18.96 ? 84  GLU A N   1 
ATOM   477  C  CA  . GLU A 1 65  ? -5.845  -14.537 5.497   1.00 18.35 ? 84  GLU A CA  1 
ATOM   478  C  C   . GLU A 1 65  ? -6.573  -13.209 5.453   1.00 17.99 ? 84  GLU A C   1 
ATOM   479  O  O   . GLU A 1 65  ? -5.961  -12.129 5.601   1.00 16.85 ? 84  GLU A O   1 
ATOM   480  C  CB  . GLU A 1 65  ? -5.522  -15.002 4.086   1.00 18.26 ? 84  GLU A CB  1 
ATOM   481  C  CG  . GLU A 1 65  ? -4.631  -16.232 4.057   1.00 19.39 ? 84  GLU A CG  1 
ATOM   482  C  CD  . GLU A 1 65  ? -4.660  -16.929 2.724   1.00 20.89 ? 84  GLU A CD  1 
ATOM   483  O  OE1 . GLU A 1 65  ? -5.623  -16.712 1.937   1.00 20.98 ? 84  GLU A OE1 1 
ATOM   484  O  OE2 . GLU A 1 65  ? -3.715  -17.700 2.455   1.00 20.30 ? 84  GLU A OE2 1 
ATOM   485  N  N   . PHE A 1 66  ? -7.887  -13.269 5.256   1.00 17.19 ? 85  PHE A N   1 
ATOM   486  C  CA  . PHE A 1 66  ? -8.690  -12.057 5.244   1.00 17.65 ? 85  PHE A CA  1 
ATOM   487  C  C   . PHE A 1 66  ? -8.650  -11.270 6.552   1.00 17.66 ? 85  PHE A C   1 
ATOM   488  O  O   . PHE A 1 66  ? -8.708  -10.043 6.537   1.00 18.00 ? 85  PHE A O   1 
ATOM   489  C  CB  . PHE A 1 66  ? -10.147 -12.344 4.864   1.00 17.25 ? 85  PHE A CB  1 
ATOM   490  C  CG  . PHE A 1 66  ? -11.003 -11.120 4.867   1.00 16.57 ? 85  PHE A CG  1 
ATOM   491  C  CD1 . PHE A 1 66  ? -10.955 -10.221 3.792   1.00 18.97 ? 85  PHE A CD1 1 
ATOM   492  C  CD2 . PHE A 1 66  ? -11.856 -10.859 5.928   1.00 18.20 ? 85  PHE A CD2 1 
ATOM   493  C  CE1 . PHE A 1 66  ? -11.747 -9.075  3.783   1.00 19.30 ? 85  PHE A CE1 1 
ATOM   494  C  CE2 . PHE A 1 66  ? -12.662 -9.704  5.928   1.00 19.93 ? 85  PHE A CE2 1 
ATOM   495  C  CZ  . PHE A 1 66  ? -12.590 -8.817  4.845   1.00 19.16 ? 85  PHE A CZ  1 
ATOM   496  N  N   . THR A 1 67  ? -8.544  -11.960 7.685   1.00 18.16 ? 86  THR A N   1 
ATOM   497  C  CA  . THR A 1 67  ? -8.417  -11.243 8.957   1.00 18.77 ? 86  THR A CA  1 
ATOM   498  C  C   . THR A 1 67  ? -7.152  -10.355 8.925   1.00 18.32 ? 86  THR A C   1 
ATOM   499  O  O   . THR A 1 67  ? -7.176  -9.235  9.444   1.00 19.11 ? 86  THR A O   1 
ATOM   500  C  CB  . THR A 1 67  ? -8.429  -12.160 10.201  1.00 19.13 ? 86  THR A CB  1 
ATOM   501  O  OG1 . THR A 1 67  ? -7.265  -12.988 10.213  1.00 20.35 ? 86  THR A OG1 1 
ATOM   502  C  CG2 . THR A 1 67  ? -9.730  -13.006 10.263  1.00 21.35 ? 86  THR A CG2 1 
ATOM   503  N  N   . GLY A 1 68  ? -6.089  -10.853 8.296   1.00 18.07 ? 87  GLY A N   1 
ATOM   504  C  CA  . GLY A 1 68  ? -4.852  -10.082 8.079   1.00 17.38 ? 87  GLY A CA  1 
ATOM   505  C  C   . GLY A 1 68  ? -5.109  -8.887  7.167   1.00 16.74 ? 87  GLY A C   1 
ATOM   506  O  O   . GLY A 1 68  ? -4.688  -7.761  7.463   1.00 15.85 ? 87  GLY A O   1 
ATOM   507  N  N   . VAL A 1 69  ? -5.796  -9.144  6.052   1.00 15.36 ? 88  VAL A N   1 
ATOM   508  C  CA  . VAL A 1 69  ? -6.177  -8.085  5.103   1.00 15.62 ? 88  VAL A CA  1 
ATOM   509  C  C   . VAL A 1 69  ? -6.976  -6.981  5.788   1.00 15.80 ? 88  VAL A C   1 
ATOM   510  O  O   . VAL A 1 69  ? -6.697  -5.788  5.604   1.00 15.40 ? 88  VAL A O   1 
ATOM   511  C  CB  . VAL A 1 69  ? -7.002  -8.659  3.927   1.00 15.28 ? 88  VAL A CB  1 
ATOM   512  C  CG1 . VAL A 1 69  ? -7.615  -7.525  3.078   1.00 15.60 ? 88  VAL A CG1 1 
ATOM   513  C  CG2 . VAL A 1 69  ? -6.120  -9.557  3.085   1.00 14.84 ? 88  VAL A CG2 1 
ATOM   514  N  N   . TRP A 1 70  ? -7.979  -7.380  6.570   1.00 16.10 ? 89  TRP A N   1 
ATOM   515  C  CA  . TRP A 1 70  ? -8.832  -6.444  7.266   1.00 16.95 ? 89  TRP A CA  1 
ATOM   516  C  C   . TRP A 1 70  ? -8.012  -5.547  8.202   1.00 17.18 ? 89  TRP A C   1 
ATOM   517  O  O   . TRP A 1 70  ? -8.159  -4.330  8.184   1.00 16.43 ? 89  TRP A O   1 
ATOM   518  C  CB  . TRP A 1 70  ? -9.926  -7.177  8.042   1.00 18.89 ? 89  TRP A CB  1 
ATOM   519  C  CG  . TRP A 1 70  ? -10.944 -6.248  8.598   1.00 20.63 ? 89  TRP A CG  1 
ATOM   520  C  CD1 . TRP A 1 70  ? -12.087 -5.820  7.984   1.00 21.85 ? 89  TRP A CD1 1 
ATOM   521  C  CD2 . TRP A 1 70  ? -10.905 -5.610  9.874   1.00 23.00 ? 89  TRP A CD2 1 
ATOM   522  N  NE1 . TRP A 1 70  ? -12.771 -4.961  8.805   1.00 23.80 ? 89  TRP A NE1 1 
ATOM   523  C  CE2 . TRP A 1 70  ? -12.070 -4.815  9.977   1.00 22.97 ? 89  TRP A CE2 1 
ATOM   524  C  CE3 . TRP A 1 70  ? -10.005 -5.644  10.952  1.00 24.11 ? 89  TRP A CE3 1 
ATOM   525  C  CZ2 . TRP A 1 70  ? -12.358 -4.051  11.112  1.00 24.22 ? 89  TRP A CZ2 1 
ATOM   526  C  CZ3 . TRP A 1 70  ? -10.292 -4.890  12.087  1.00 22.59 ? 89  TRP A CZ3 1 
ATOM   527  C  CH2 . TRP A 1 70  ? -11.453 -4.087  12.150  1.00 22.79 ? 89  TRP A CH2 1 
ATOM   528  N  N   . LYS A 1 71  ? -7.133  -6.157  8.992   1.00 16.99 ? 90  LYS A N   1 
ATOM   529  C  CA  . LYS A 1 71  ? -6.296  -5.405  9.929   1.00 17.56 ? 90  LYS A CA  1 
ATOM   530  C  C   . LYS A 1 71  ? -5.363  -4.463  9.156   1.00 17.13 ? 90  LYS A C   1 
ATOM   531  O  O   . LYS A 1 71  ? -5.177  -3.310  9.556   1.00 17.04 ? 90  LYS A O   1 
ATOM   532  C  CB  . LYS A 1 71  ? -5.475  -6.370  10.783  1.00 17.88 ? 90  LYS A CB  1 
ATOM   533  C  CG  . LYS A 1 71  ? -4.462  -5.661  11.675  1.00 21.62 ? 90  LYS A CG  1 
ATOM   534  C  CD  . LYS A 1 71  ? -3.469  -6.628  12.324  1.00 26.62 ? 90  LYS A CD  1 
ATOM   535  C  CE  . LYS A 1 71  ? -2.296  -5.871  12.975  1.00 28.04 ? 90  LYS A CE  1 
ATOM   536  N  NZ  . LYS A 1 71  ? -2.706  -4.622  13.691  1.00 30.23 ? 90  LYS A NZ  1 
ATOM   537  N  N   . TYR A 1 72  ? -4.774  -4.967  8.074   1.00 16.72 ? 91  TYR A N   1 
ATOM   538  C  CA  . TYR A 1 72  ? -3.866  -4.177  7.218   1.00 17.01 ? 91  TYR A CA  1 
ATOM   539  C  C   . TYR A 1 72  ? -4.570  -2.930  6.691   1.00 16.51 ? 91  TYR A C   1 
ATOM   540  O  O   . TYR A 1 72  ? -4.090  -1.801  6.836   1.00 15.98 ? 91  TYR A O   1 
ATOM   541  C  CB  . TYR A 1 72  ? -3.364  -5.044  6.059   1.00 17.27 ? 91  TYR A CB  1 
ATOM   542  C  CG  . TYR A 1 72  ? -2.211  -4.444  5.308   1.00 18.02 ? 91  TYR A CG  1 
ATOM   543  C  CD1 . TYR A 1 72  ? -0.935  -4.342  5.896   1.00 19.98 ? 91  TYR A CD1 1 
ATOM   544  C  CD2 . TYR A 1 72  ? -2.380  -3.984  4.005   1.00 19.41 ? 91  TYR A CD2 1 
ATOM   545  C  CE1 . TYR A 1 72  ? 0.127   -3.799  5.201   1.00 19.68 ? 91  TYR A CE1 1 
ATOM   546  C  CE2 . TYR A 1 72  ? -1.319  -3.428  3.297   1.00 21.25 ? 91  TYR A CE2 1 
ATOM   547  C  CZ  . TYR A 1 72  ? -0.067  -3.347  3.901   1.00 21.94 ? 91  TYR A CZ  1 
ATOM   548  O  OH  . TYR A 1 72  ? 0.974   -2.778  3.188   1.00 23.06 ? 91  TYR A OH  1 
ATOM   549  N  N   . ILE A 1 73  ? -5.730  -3.141  6.076   1.00 16.13 ? 92  ILE A N   1 
ATOM   550  C  CA  . ILE A 1 73  ? -6.508  -2.028  5.515   1.00 16.64 ? 92  ILE A CA  1 
ATOM   551  C  C   . ILE A 1 73  ? -6.983  -1.049  6.600   1.00 15.91 ? 92  ILE A C   1 
ATOM   552  O  O   . ILE A 1 73  ? -6.869  0.159   6.434   1.00 15.29 ? 92  ILE A O   1 
ATOM   553  C  CB  . ILE A 1 73  ? -7.659  -2.550  4.604   1.00 17.42 ? 92  ILE A CB  1 
ATOM   554  C  CG1 . ILE A 1 73  ? -7.044  -3.236  3.379   1.00 17.51 ? 92  ILE A CG1 1 
ATOM   555  C  CG2 . ILE A 1 73  ? -8.600  -1.425  4.211   1.00 18.96 ? 92  ILE A CG2 1 
ATOM   556  C  CD1 . ILE A 1 73  ? -8.028  -3.982  2.480   1.00 18.90 ? 92  ILE A CD1 1 
ATOM   557  N  N   . THR A 1 74  ? -7.455  -1.566  7.739   1.00 15.10 ? 93  THR A N   1 
ATOM   558  C  CA  . THR A 1 74  ? -7.918  -0.706  8.839   1.00 15.64 ? 93  THR A CA  1 
ATOM   559  C  C   . THR A 1 74  ? -6.751  0.127   9.386   1.00 14.48 ? 93  THR A C   1 
ATOM   560  O  O   . THR A 1 74  ? -6.908  1.317   9.678   1.00 14.74 ? 93  THR A O   1 
ATOM   561  C  CB  . THR A 1 74  ? -8.565  -1.560  9.972   1.00 15.97 ? 93  THR A CB  1 
ATOM   562  O  OG1 . THR A 1 74  ? -9.738  -2.189  9.451   1.00 20.35 ? 93  THR A OG1 1 
ATOM   563  C  CG2 . THR A 1 74  ? -8.981  -0.693  11.186  1.00 18.97 ? 93  THR A CG2 1 
ATOM   564  N  N   . ASP A 1 75  ? -5.591  -0.503  9.539   1.00 14.44 ? 94  ASP A N   1 
ATOM   565  C  CA  . ASP A 1 75  ? -4.400  0.201   10.025  1.00 14.51 ? 94  ASP A CA  1 
ATOM   566  C  C   . ASP A 1 75  ? -4.032  1.342   9.084   1.00 14.31 ? 94  ASP A C   1 
ATOM   567  O  O   . ASP A 1 75  ? -3.703  2.461   9.534   1.00 14.10 ? 94  ASP A O   1 
ATOM   568  C  CB  . ASP A 1 75  ? -3.224  -0.769  10.186  1.00 15.57 ? 94  ASP A CB  1 
ATOM   569  C  CG  . ASP A 1 75  ? -3.328  -1.641  11.458  1.00 16.67 ? 94  ASP A CG  1 
ATOM   570  O  OD1 . ASP A 1 75  ? -4.152  -1.343  12.344  1.00 19.58 ? 94  ASP A OD1 1 
ATOM   571  O  OD2 . ASP A 1 75  ? -2.540  -2.605  11.545  1.00 20.20 ? 94  ASP A OD2 1 
ATOM   572  N  N   . TRP A 1 76  ? -4.077  1.074   7.780   1.00 13.61 ? 95  TRP A N   1 
ATOM   573  C  CA  . TRP A 1 76  ? -3.810  2.141   6.789   1.00 13.61 ? 95  TRP A CA  1 
ATOM   574  C  C   . TRP A 1 76  ? -4.870  3.239   6.859   1.00 13.35 ? 95  TRP A C   1 
ATOM   575  O  O   . TRP A 1 76  ? -4.540  4.429   6.768   1.00 11.85 ? 95  TRP A O   1 
ATOM   576  C  CB  . TRP A 1 76  ? -3.757  1.561   5.375   1.00 14.64 ? 95  TRP A CB  1 
ATOM   577  C  CG  . TRP A 1 76  ? -2.409  1.008   5.018   1.00 15.84 ? 95  TRP A CG  1 
ATOM   578  C  CD1 . TRP A 1 76  ? -2.111  -0.274  4.661   1.00 16.64 ? 95  TRP A CD1 1 
ATOM   579  C  CD2 . TRP A 1 76  ? -1.182  1.741   4.959   1.00 17.64 ? 95  TRP A CD2 1 
ATOM   580  N  NE1 . TRP A 1 76  ? -0.750  -0.387  4.391   1.00 16.66 ? 95  TRP A NE1 1 
ATOM   581  C  CE2 . TRP A 1 76  ? -0.164  0.836   4.580   1.00 16.31 ? 95  TRP A CE2 1 
ATOM   582  C  CE3 . TRP A 1 76  ? -0.844  3.078   5.203   1.00 17.97 ? 95  TRP A CE3 1 
ATOM   583  C  CZ2 . TRP A 1 76  ? 1.165   1.231   4.423   1.00 18.08 ? 95  TRP A CZ2 1 
ATOM   584  C  CZ3 . TRP A 1 76  ? 0.486   3.464   5.070   1.00 19.20 ? 95  TRP A CZ3 1 
ATOM   585  C  CH2 . TRP A 1 76  ? 1.467   2.547   4.679   1.00 18.21 ? 95  TRP A CH2 1 
ATOM   586  N  N   . GLN A 1 77  ? -6.138  2.841   7.009   1.00 12.09 ? 96  GLN A N   1 
ATOM   587  C  CA  . GLN A 1 77  ? -7.208  3.821   7.169   1.00 12.23 ? 96  GLN A CA  1 
ATOM   588  C  C   . GLN A 1 77  ? -6.904  4.759   8.331   1.00 12.07 ? 96  GLN A C   1 
ATOM   589  O  O   . GLN A 1 77  ? -7.104  5.957   8.229   1.00 11.40 ? 96  GLN A O   1 
ATOM   590  C  CB  . GLN A 1 77  ? -8.542  3.152   7.443   1.00 12.31 ? 96  GLN A CB  1 
ATOM   591  C  CG  . GLN A 1 77  ? -9.209  2.567   6.210   1.00 13.53 ? 96  GLN A CG  1 
ATOM   592  C  CD  . GLN A 1 77  ? -10.522 1.867   6.539   1.00 18.01 ? 96  GLN A CD  1 
ATOM   593  O  OE1 . GLN A 1 77  ? -10.820 1.563   7.708   1.00 18.86 ? 96  GLN A OE1 1 
ATOM   594  N  NE2 . GLN A 1 77  ? -11.314 1.594   5.497   1.00 19.00 ? 96  GLN A NE2 1 
ATOM   595  N  N   . ASN A 1 78  ? -6.410  4.199   9.434   1.00 12.24 ? 97  ASN A N   1 
ATOM   596  C  CA  . ASN A 1 78  ? -6.213  4.995   10.644  1.00 12.67 ? 97  ASN A CA  1 
ATOM   597  C  C   . ASN A 1 78  ? -5.071  5.998   10.438  1.00 12.72 ? 97  ASN A C   1 
ATOM   598  O  O   . ASN A 1 78  ? -5.150  7.149   10.922  1.00 12.88 ? 97  ASN A O   1 
ATOM   599  C  CB  . ASN A 1 78  ? -5.897  4.074   11.838  1.00 12.35 ? 97  ASN A CB  1 
ATOM   600  C  CG  . ASN A 1 78  ? -7.077  3.177   12.228  1.00 13.51 ? 97  ASN A CG  1 
ATOM   601  O  OD1 . ASN A 1 78  ? -8.227  3.478   11.935  1.00 14.56 ? 97  ASN A OD1 1 
ATOM   602  N  ND2 . ASN A 1 78  ? -6.780  2.072   12.903  1.00 17.19 ? 97  ASN A ND2 1 
ATOM   603  N  N   . VAL A 1 79  ? -4.036  5.583   9.698   1.00 12.54 ? 98  VAL A N   1 
ATOM   604  C  CA  . VAL A 1 79  ? -2.935  6.512   9.344   1.00 13.01 ? 98  VAL A CA  1 
ATOM   605  C  C   . VAL A 1 79  ? -3.504  7.660   8.491   1.00 12.65 ? 98  VAL A C   1 
ATOM   606  O  O   . VAL A 1 79  ? -3.284  8.829   8.796   1.00 10.75 ? 98  VAL A O   1 
ATOM   607  C  CB  . VAL A 1 79  ? -1.767  5.826   8.584   1.00 13.85 ? 98  VAL A CB  1 
ATOM   608  C  CG1 . VAL A 1 79  ? -0.717  6.869   8.141   1.00 14.43 ? 98  VAL A CG1 1 
ATOM   609  C  CG2 . VAL A 1 79  ? -1.102  4.762   9.461   1.00 15.62 ? 98  VAL A CG2 1 
ATOM   610  N  N   . PHE A 1 80  ? -4.225  7.309   7.429   1.00 11.33 ? 99  PHE A N   1 
ATOM   611  C  CA  . PHE A 1 80  ? -4.729  8.297   6.478   1.00 11.06 ? 99  PHE A CA  1 
ATOM   612  C  C   . PHE A 1 80  ? -5.701  9.256   7.170   1.00 10.80 ? 99  PHE A C   1 
ATOM   613  O  O   . PHE A 1 80  ? -5.648  10.456  6.946   1.00 11.13 ? 99  PHE A O   1 
ATOM   614  C  CB  . PHE A 1 80  ? -5.381  7.596   5.288   1.00 10.95 ? 99  PHE A CB  1 
ATOM   615  C  CG  . PHE A 1 80  ? -5.593  8.494   4.086   1.00 9.96  ? 99  PHE A CG  1 
ATOM   616  C  CD1 . PHE A 1 80  ? -4.595  8.609   3.117   1.00 12.41 ? 99  PHE A CD1 1 
ATOM   617  C  CD2 . PHE A 1 80  ? -6.778  9.198   3.932   1.00 11.77 ? 99  PHE A CD2 1 
ATOM   618  C  CE1 . PHE A 1 80  ? -4.761  9.420   1.991   1.00 11.65 ? 99  PHE A CE1 1 
ATOM   619  C  CE2 . PHE A 1 80  ? -6.968  10.047  2.796   1.00 10.95 ? 99  PHE A CE2 1 
ATOM   620  C  CZ  . PHE A 1 80  ? -5.958  10.121  1.821   1.00 12.09 ? 99  PHE A CZ  1 
ATOM   621  N  N   . ARG A 1 81  ? -6.568  8.720   8.038   1.00 10.85 ? 100 ARG A N   1 
ATOM   622  C  CA  . ARG A 1 81  ? -7.537  9.544   8.767   1.00 10.65 ? 100 ARG A CA  1 
ATOM   623  C  C   . ARG A 1 81  ? -6.828  10.559  9.649   1.00 10.52 ? 100 ARG A C   1 
ATOM   624  O  O   . ARG A 1 81  ? -7.313  11.646  9.828   1.00 11.31 ? 100 ARG A O   1 
ATOM   625  C  CB  . ARG A 1 81  ? -8.461  8.697   9.647   1.00 11.35 ? 100 ARG A CB  1 
ATOM   626  C  CG  . ARG A 1 81  ? -9.680  9.491   10.138  1.00 9.99  ? 100 ARG A CG  1 
ATOM   627  C  CD  . ARG A 1 81  ? -10.624 8.655   10.976  1.00 11.71 ? 100 ARG A CD  1 
ATOM   628  N  NE  . ARG A 1 81  ? -11.064 7.457   10.213  1.00 12.73 ? 100 ARG A NE  1 
ATOM   629  C  CZ  . ARG A 1 81  ? -10.627 6.220   10.408  1.00 14.17 ? 100 ARG A CZ  1 
ATOM   630  N  NH1 . ARG A 1 81  ? -9.751  5.929   11.375  1.00 12.65 ? 100 ARG A NH1 1 
ATOM   631  N  NH2 . ARG A 1 81  ? -11.080 5.234   9.620   1.00 16.46 ? 100 ARG A NH2 1 
ATOM   632  N  N   . THR A 1 82  ? -5.683  10.170  10.199  1.00 10.31 ? 101 THR A N   1 
ATOM   633  C  CA  . THR A 1 82  ? -4.909  11.079  11.055  1.00 10.90 ? 101 THR A CA  1 
ATOM   634  C  C   . THR A 1 82  ? -4.439  12.300  10.288  1.00 11.26 ? 101 THR A C   1 
ATOM   635  O  O   . THR A 1 82  ? -4.492  13.434  10.802  1.00 12.32 ? 101 THR A O   1 
ATOM   636  C  CB  . THR A 1 82  ? -3.661  10.352  11.644  1.00 9.92  ? 101 THR A CB  1 
ATOM   637  O  OG1 . THR A 1 82  ? -4.061  9.146   12.317  1.00 13.53 ? 101 THR A OG1 1 
ATOM   638  C  CG2 . THR A 1 82  ? -2.950  11.256  12.644  1.00 10.58 ? 101 THR A CG2 1 
ATOM   639  N  N   . TYR A 1 83  ? -3.968  12.076  9.068   1.00 11.70 ? 102 TYR A N   1 
ATOM   640  C  CA  . TYR A 1 83  ? -3.233  13.111  8.343   1.00 12.29 ? 102 TYR A CA  1 
ATOM   641  C  C   . TYR A 1 83  ? -4.025  13.878  7.293   1.00 11.61 ? 102 TYR A C   1 
ATOM   642  O  O   . TYR A 1 83  ? -3.603  14.930  6.852   1.00 11.82 ? 102 TYR A O   1 
ATOM   643  C  CB  . TYR A 1 83  ? -1.943  12.544  7.766   1.00 12.38 ? 102 TYR A CB  1 
ATOM   644  C  CG  . TYR A 1 83  ? -0.987  12.161  8.849   1.00 14.65 ? 102 TYR A CG  1 
ATOM   645  C  CD1 . TYR A 1 83  ? -0.767  10.821  9.173   1.00 15.72 ? 102 TYR A CD1 1 
ATOM   646  C  CD2 . TYR A 1 83  ? -0.335  13.144  9.598   1.00 16.14 ? 102 TYR A CD2 1 
ATOM   647  C  CE1 . TYR A 1 83  ? 0.091   10.454  10.213  1.00 18.65 ? 102 TYR A CE1 1 
ATOM   648  C  CE2 . TYR A 1 83  ? 0.537   12.780  10.643  1.00 18.89 ? 102 TYR A CE2 1 
ATOM   649  C  CZ  . TYR A 1 83  ? 0.737   11.438  10.931  1.00 19.70 ? 102 TYR A CZ  1 
ATOM   650  O  OH  . TYR A 1 83  ? 1.592   11.054  11.948  1.00 21.83 ? 102 TYR A OH  1 
ATOM   651  N  N   . ASP A 1 84  ? -5.202  13.369  6.923   1.00 11.29 ? 103 ASP A N   1 
ATOM   652  C  CA  . ASP A 1 84  ? -6.093  14.086  6.053   1.00 12.03 ? 103 ASP A CA  1 
ATOM   653  C  C   . ASP A 1 84  ? -6.872  15.080  6.915   1.00 12.41 ? 103 ASP A C   1 
ATOM   654  O  O   . ASP A 1 84  ? -8.021  14.867  7.305   1.00 13.08 ? 103 ASP A O   1 
ATOM   655  C  CB  . ASP A 1 84  ? -7.000  13.099  5.274   1.00 12.11 ? 103 ASP A CB  1 
ATOM   656  C  CG  . ASP A 1 84  ? -8.067  13.819  4.427   1.00 11.59 ? 103 ASP A CG  1 
ATOM   657  O  OD1 . ASP A 1 84  ? -7.988  15.044  4.261   1.00 13.14 ? 103 ASP A OD1 1 
ATOM   658  O  OD2 . ASP A 1 84  ? -8.955  13.140  3.874   1.00 12.82 ? 103 ASP A OD2 1 
ATOM   659  N  N   . ARG A 1 85  ? -6.205  16.185  7.257   1.00 13.05 ? 104 ARG A N   1 
ATOM   660  C  CA  . ARG A 1 85  ? -6.721  17.016  8.341   1.00 14.00 ? 104 ARG A CA  1 
ATOM   661  C  C   . ARG A 1 85  ? -8.020  17.747  8.024   1.00 14.67 ? 104 ARG A C   1 
ATOM   662  O  O   . ARG A 1 85  ? -8.806  18.003  8.937   1.00 15.64 ? 104 ARG A O   1 
ATOM   663  C  CB  . ARG A 1 85  ? -5.646  18.000  8.823   1.00 14.94 ? 104 ARG A CB  1 
ATOM   664  C  CG  . ARG A 1 85  ? -4.455  17.275  9.410   1.00 14.90 ? 104 ARG A CG  1 
ATOM   665  C  CD  . ARG A 1 85  ? -3.758  18.098  10.541  1.00 16.86 ? 104 ARG A CD  1 
ATOM   666  N  NE  . ARG A 1 85  ? -2.697  17.341  11.225  1.00 18.64 ? 104 ARG A NE  1 
ATOM   667  C  CZ  . ARG A 1 85  ? -1.465  17.191  10.743  1.00 20.71 ? 104 ARG A CZ  1 
ATOM   668  N  NH1 . ARG A 1 85  ? -1.140  17.725  9.557   1.00 19.94 ? 104 ARG A NH1 1 
ATOM   669  N  NH2 . ARG A 1 85  ? -0.552  16.517  11.434  1.00 19.66 ? 104 ARG A NH2 1 
ATOM   670  N  N   . ASP A 1 86  ? -8.267  18.069  6.753   1.00 14.21 ? 105 ASP A N   1 
ATOM   671  C  CA  . ASP A 1 86  ? -9.550  18.702  6.379   1.00 14.49 ? 105 ASP A CA  1 
ATOM   672  C  C   . ASP A 1 86  ? -10.594 17.697  5.889   1.00 14.23 ? 105 ASP A C   1 
ATOM   673  O  O   . ASP A 1 86  ? -11.675 18.109  5.413   1.00 14.07 ? 105 ASP A O   1 
ATOM   674  C  CB  . ASP A 1 86  ? -9.369  19.834  5.347   1.00 15.66 ? 105 ASP A CB  1 
ATOM   675  C  CG  . ASP A 1 86  ? -8.820  19.363  4.027   1.00 18.27 ? 105 ASP A CG  1 
ATOM   676  O  OD1 . ASP A 1 86  ? -8.402  18.195  3.930   1.00 17.56 ? 105 ASP A OD1 1 
ATOM   677  O  OD2 . ASP A 1 86  ? -8.756  20.186  3.070   1.00 22.64 ? 105 ASP A OD2 1 
ATOM   678  N  N   . ASN A 1 87  ? -10.277 16.407  6.026   1.00 13.72 ? 106 ASN A N   1 
ATOM   679  C  CA  . ASN A 1 87  ? -11.158 15.315  5.560   1.00 13.72 ? 106 ASN A CA  1 
ATOM   680  C  C   . ASN A 1 87  ? -11.627 15.547  4.118   1.00 13.60 ? 106 ASN A C   1 
ATOM   681  O  O   . ASN A 1 87  ? -12.822 15.496  3.800   1.00 14.20 ? 106 ASN A O   1 
ATOM   682  C  CB  . ASN A 1 87  ? -12.342 15.139  6.529   1.00 14.24 ? 106 ASN A CB  1 
ATOM   683  C  CG  . ASN A 1 87  ? -13.241 13.975  6.150   1.00 13.91 ? 106 ASN A CG  1 
ATOM   684  O  OD1 . ASN A 1 87  ? -12.780 12.945  5.669   1.00 14.70 ? 106 ASN A OD1 1 
ATOM   685  N  ND2 . ASN A 1 87  ? -14.546 14.129  6.428   1.00 17.97 ? 106 ASN A ND2 1 
ATOM   686  N  N   . SER A 1 88  ? -10.662 15.809  3.253   1.00 14.25 ? 107 SER A N   1 
ATOM   687  C  CA  . SER A 1 88  ? -10.962 16.089  1.850   1.00 14.99 ? 107 SER A CA  1 
ATOM   688  C  C   . SER A 1 88  ? -10.928 14.816  0.992   1.00 15.28 ? 107 SER A C   1 
ATOM   689  O  O   . SER A 1 88  ? -11.423 14.820  -0.140  1.00 16.16 ? 107 SER A O   1 
ATOM   690  C  CB  . SER A 1 88  ? -9.964  17.096  1.302   1.00 15.40 ? 107 SER A CB  1 
ATOM   691  O  OG  . SER A 1 88  ? -8.678  16.492  1.184   1.00 16.67 ? 107 SER A OG  1 
ATOM   692  N  N   . GLY A 1 89  ? -10.317 13.749  1.512   1.00 14.03 ? 108 GLY A N   1 
ATOM   693  C  CA  . GLY A 1 89  ? -10.117 12.515  0.760   1.00 14.13 ? 108 GLY A CA  1 
ATOM   694  C  C   . GLY A 1 89  ? -8.737  12.436  0.096   1.00 13.81 ? 108 GLY A C   1 
ATOM   695  O  O   . GLY A 1 89  ? -8.415  11.451  -0.534  1.00 14.16 ? 108 GLY A O   1 
ATOM   696  N  N   . MET A 1 90  ? -7.924  13.481  0.227   1.00 13.67 ? 109 MET A N   1 
ATOM   697  C  CA  . MET A 1 90  ? -6.545  13.413  -0.264  1.00 13.46 ? 109 MET A CA  1 
ATOM   698  C  C   . MET A 1 90  ? -5.602  14.016  0.749   1.00 12.87 ? 109 MET A C   1 
ATOM   699  O  O   . MET A 1 90  ? -6.001  14.923  1.488   1.00 13.09 ? 109 MET A O   1 
ATOM   700  C  CB  . MET A 1 90  ? -6.429  14.151  -1.613  1.00 14.49 ? 109 MET A CB  1 
ATOM   701  C  CG  . MET A 1 90  ? -7.388  13.605  -2.650  1.00 14.62 ? 109 MET A CG  1 
ATOM   702  S  SD  . MET A 1 90  ? -7.035  14.300  -4.271  1.00 20.78 ? 109 MET A SD  1 
ATOM   703  C  CE  . MET A 1 90  ? -5.859  13.086  -4.872  1.00 21.05 ? 109 MET A CE  1 
ATOM   704  N  N   . ILE A 1 91  ? -4.360  13.533  0.806   1.00 12.72 ? 110 ILE A N   1 
ATOM   705  C  CA  . ILE A 1 91  ? -3.349  14.204  1.646   1.00 13.59 ? 110 ILE A CA  1 
ATOM   706  C  C   . ILE A 1 91  ? -2.315  14.968  0.799   1.00 14.37 ? 110 ILE A C   1 
ATOM   707  O  O   . ILE A 1 91  ? -1.941  14.534  -0.295  1.00 13.98 ? 110 ILE A O   1 
ATOM   708  C  CB  . ILE A 1 91  ? -2.663  13.272  2.685   1.00 13.79 ? 110 ILE A CB  1 
ATOM   709  C  CG1 . ILE A 1 91  ? -1.859  12.175  1.993   1.00 13.94 ? 110 ILE A CG1 1 
ATOM   710  C  CG2 . ILE A 1 91  ? -3.695  12.692  3.695   1.00 13.87 ? 110 ILE A CG2 1 
ATOM   711  C  CD1 . ILE A 1 91  ? -1.056  11.289  2.933   1.00 17.21 ? 110 ILE A CD1 1 
ATOM   712  N  N   . ASP A 1 92  ? -1.899  16.119  1.318   1.00 15.32 ? 111 ASP A N   1 
ATOM   713  C  CA  . ASP A 1 92  ? -0.976  16.977  0.586   1.00 16.53 ? 111 ASP A CA  1 
ATOM   714  C  C   . ASP A 1 92  ? 0.469   16.629  0.916   1.00 16.61 ? 111 ASP A C   1 
ATOM   715  O  O   . ASP A 1 92  ? 0.725   15.741  1.727   1.00 15.90 ? 111 ASP A O   1 
ATOM   716  C  CB  . ASP A 1 92  ? -1.345  18.462  0.782   1.00 17.27 ? 111 ASP A CB  1 
ATOM   717  C  CG  . ASP A 1 92  ? -0.951  19.028  2.143   1.00 18.52 ? 111 ASP A CG  1 
ATOM   718  O  OD1 . ASP A 1 92  ? -0.167  18.428  2.917   1.00 19.02 ? 111 ASP A OD1 1 
ATOM   719  O  OD2 . ASP A 1 92  ? -1.437  20.140  2.447   1.00 22.80 ? 111 ASP A OD2 1 
ATOM   720  N  N   . LYS A 1 93  ? 1.429   17.348  0.314   1.00 17.59 ? 112 LYS A N   1 
ATOM   721  C  CA  . LYS A 1 93  ? 2.836   17.006  0.522   1.00 18.99 ? 112 LYS A CA  1 
ATOM   722  C  C   . LYS A 1 93  ? 3.280   17.094  1.977   1.00 18.50 ? 112 LYS A C   1 
ATOM   723  O  O   . LYS A 1 93  ? 4.038   16.246  2.426   1.00 18.75 ? 112 LYS A O   1 
ATOM   724  C  CB  . LYS A 1 93  ? 3.777   17.805  -0.409  1.00 19.43 ? 112 LYS A CB  1 
ATOM   725  C  CG  . LYS A 1 93  ? 3.828   19.285  -0.175  1.00 23.88 ? 112 LYS A CG  1 
ATOM   726  C  CD  . LYS A 1 93  ? 4.837   19.955  -1.135  1.00 28.32 ? 112 LYS A CD  1 
ATOM   727  C  CE  . LYS A 1 93  ? 6.295   19.726  -0.695  1.00 30.68 ? 112 LYS A CE  1 
ATOM   728  N  NZ  . LYS A 1 93  ? 7.231   20.488  -1.591  1.00 30.85 ? 112 LYS A NZ  1 
ATOM   729  N  N   . ASN A 1 94  ? 2.800   18.104  2.708   1.00 19.73 ? 113 ASN A N   1 
ATOM   730  C  CA  . ASN A 1 94  ? 3.129   18.267  4.124   1.00 19.91 ? 113 ASN A CA  1 
ATOM   731  C  C   . ASN A 1 94  ? 2.531   17.159  4.994   1.00 19.40 ? 113 ASN A C   1 
ATOM   732  O  O   . ASN A 1 94  ? 3.198   16.613  5.879   1.00 19.08 ? 113 ASN A O   1 
ATOM   733  C  CB  . ASN A 1 94  ? 2.685   19.647  4.644   1.00 21.59 ? 113 ASN A CB  1 
ATOM   734  C  CG  . ASN A 1 94  ? 3.387   20.809  3.929   1.00 25.16 ? 113 ASN A CG  1 
ATOM   735  O  OD1 . ASN A 1 94  ? 4.564   20.720  3.551   1.00 28.81 ? 113 ASN A OD1 1 
ATOM   736  N  ND2 . ASN A 1 94  ? 2.651   21.903  3.732   1.00 30.36 ? 113 ASN A ND2 1 
ATOM   737  N  N   . GLU A 1 95  ? 1.265   16.830  4.732   1.00 17.94 ? 114 GLU A N   1 
ATOM   738  C  CA  . GLU A 1 95  ? 0.582   15.723  5.436   1.00 17.09 ? 114 GLU A CA  1 
ATOM   739  C  C   . GLU A 1 95  ? 1.264   14.374  5.172   1.00 16.97 ? 114 GLU A C   1 
ATOM   740  O  O   . GLU A 1 95  ? 1.496   13.574  6.102   1.00 16.96 ? 114 GLU A O   1 
ATOM   741  C  CB  . GLU A 1 95  ? -0.901  15.712  5.047   1.00 16.48 ? 114 GLU A CB  1 
ATOM   742  C  CG  . GLU A 1 95  ? -1.596  16.947  5.601   1.00 15.57 ? 114 GLU A CG  1 
ATOM   743  C  CD  . GLU A 1 95  ? -2.949  17.196  5.000   1.00 14.82 ? 114 GLU A CD  1 
ATOM   744  O  OE1 . GLU A 1 95  ? -3.227  16.765  3.855   1.00 15.70 ? 114 GLU A OE1 1 
ATOM   745  O  OE2 . GLU A 1 95  ? -3.773  17.799  5.713   1.00 15.43 ? 114 GLU A OE2 1 
ATOM   746  N  N   . LEU A 1 96  ? 1.640   14.154  3.913   1.00 16.86 ? 115 LEU A N   1 
ATOM   747  C  CA  . LEU A 1 96  ? 2.397   12.961  3.532   1.00 16.97 ? 115 LEU A CA  1 
ATOM   748  C  C   . LEU A 1 96  ? 3.771   12.880  4.223   1.00 17.22 ? 115 LEU A C   1 
ATOM   749  O  O   . LEU A 1 96  ? 4.169   11.824  4.709   1.00 16.84 ? 115 LEU A O   1 
ATOM   750  C  CB  . LEU A 1 96  ? 2.547   12.921  2.004   1.00 16.75 ? 115 LEU A CB  1 
ATOM   751  C  CG  . LEU A 1 96  ? 3.398   11.778  1.445   1.00 16.42 ? 115 LEU A CG  1 
ATOM   752  C  CD1 . LEU A 1 96  ? 2.718   10.421  1.715   1.00 16.99 ? 115 LEU A CD1 1 
ATOM   753  C  CD2 . LEU A 1 96  ? 3.602   11.972  -0.022  1.00 17.33 ? 115 LEU A CD2 1 
ATOM   754  N  N   . LYS A 1 97  ? 4.463   14.021  4.256   1.00 18.31 ? 116 LYS A N   1 
ATOM   755  C  CA  . LYS A 1 97  ? 5.751   14.168  4.954   1.00 19.64 ? 116 LYS A CA  1 
ATOM   756  C  C   . LYS A 1 97  ? 5.637   13.687  6.406   1.00 19.50 ? 116 LYS A C   1 
ATOM   757  O  O   . LYS A 1 97  ? 6.424   12.845  6.867   1.00 19.84 ? 116 LYS A O   1 
ATOM   758  C  CB  . LYS A 1 97  ? 6.203   15.634  4.921   1.00 20.07 ? 116 LYS A CB  1 
ATOM   759  C  CG  . LYS A 1 97  ? 6.538   16.200  3.550   1.00 23.58 ? 116 LYS A CG  1 
ATOM   760  C  CD  . LYS A 1 97  ? 7.048   17.658  3.637   1.00 29.09 ? 116 LYS A CD  1 
ATOM   761  C  CE  . LYS A 1 97  ? 8.469   17.739  4.225   1.00 30.95 ? 116 LYS A CE  1 
ATOM   762  N  NZ  . LYS A 1 97  ? 8.599   17.089  5.575   1.00 32.72 ? 116 LYS A NZ  1 
ATOM   763  N  N   . GLN A 1 98  ? 4.621   14.199  7.094   1.00 19.60 ? 117 GLN A N   1 
ATOM   764  C  CA  . GLN A 1 98  ? 4.369   13.888  8.487   1.00 19.08 ? 117 GLN A CA  1 
ATOM   765  C  C   . GLN A 1 98  ? 4.057   12.417  8.667   1.00 18.70 ? 117 GLN A C   1 
ATOM   766  O  O   . GLN A 1 98  ? 4.586   11.760  9.582   1.00 18.58 ? 117 GLN A O   1 
ATOM   767  C  CB  . GLN A 1 98  ? 3.224   14.771  8.988   1.00 19.35 ? 117 GLN A CB  1 
ATOM   768  C  CG  . GLN A 1 98  ? 3.656   16.241  9.089   1.00 21.39 ? 117 GLN A CG  1 
ATOM   769  C  CD  . GLN A 1 98  ? 2.495   17.224  9.024   1.00 26.66 ? 117 GLN A CD  1 
ATOM   770  O  OE1 . GLN A 1 98  ? 1.338   16.857  9.229   1.00 27.52 ? 117 GLN A OE1 1 
ATOM   771  N  NE2 . GLN A 1 98  ? 2.810   18.494  8.738   1.00 29.67 ? 117 GLN A NE2 1 
ATOM   772  N  N   . ALA A 1 99  ? 3.222   11.896  7.764   1.00 17.79 ? 118 ALA A N   1 
ATOM   773  C  CA  . ALA A 1 99  ? 2.848   10.481  7.783   1.00 18.09 ? 118 ALA A CA  1 
ATOM   774  C  C   . ALA A 1 99  ? 4.082   9.590   7.664   1.00 18.21 ? 118 ALA A C   1 
ATOM   775  O  O   . ALA A 1 99  ? 4.294   8.722   8.499   1.00 19.81 ? 118 ALA A O   1 
ATOM   776  C  CB  . ALA A 1 99  ? 1.829   10.161  6.677   1.00 16.82 ? 118 ALA A CB  1 
ATOM   777  N  N   . LEU A 1 100 ? 4.901   9.845   6.650   1.00 18.69 ? 119 LEU A N   1 
ATOM   778  C  CA  . LEU A 1 100 ? 6.060   9.000   6.364   1.00 19.17 ? 119 LEU A CA  1 
ATOM   779  C  C   . LEU A 1 100 ? 7.135   9.161   7.448   1.00 19.92 ? 119 LEU A C   1 
ATOM   780  O  O   . LEU A 1 100 ? 7.807   8.187   7.808   1.00 20.10 ? 119 LEU A O   1 
ATOM   781  C  CB  . LEU A 1 100 ? 6.613   9.296   4.958   1.00 18.86 ? 119 LEU A CB  1 
ATOM   782  C  CG  . LEU A 1 100 ? 5.655   9.036   3.778   1.00 18.57 ? 119 LEU A CG  1 
ATOM   783  C  CD1 . LEU A 1 100 ? 6.362   9.336   2.484   1.00 19.01 ? 119 LEU A CD1 1 
ATOM   784  C  CD2 . LEU A 1 100 ? 5.151   7.586   3.796   1.00 18.75 ? 119 LEU A CD2 1 
ATOM   785  N  N   . SER A 1 101 ? 7.289   10.376  7.972   1.00 21.83 ? 120 SER A N   1 
ATOM   786  C  CA  . SER A 1 101 ? 8.257   10.624  9.057   1.00 24.27 ? 120 SER A CA  1 
ATOM   787  C  C   . SER A 1 101 ? 7.876   9.854   10.307  1.00 24.64 ? 120 SER A C   1 
ATOM   788  O  O   . SER A 1 101 ? 8.739   9.310   11.009  1.00 24.96 ? 120 SER A O   1 
ATOM   789  C  CB  . SER A 1 101 ? 8.341   12.116  9.374   1.00 24.38 ? 120 SER A CB  1 
ATOM   790  O  OG  . SER A 1 101 ? 8.666   12.820  8.194   1.00 28.39 ? 120 SER A OG  1 
ATOM   791  N  N   . GLY A 1 102 ? 6.570   9.788   10.561  1.00 25.46 ? 121 GLY A N   1 
ATOM   792  C  CA  . GLY A 1 102 ? 6.017   8.949   11.619  1.00 26.36 ? 121 GLY A CA  1 
ATOM   793  C  C   . GLY A 1 102 ? 6.432   7.495   11.522  1.00 26.72 ? 121 GLY A C   1 
ATOM   794  O  O   . GLY A 1 102 ? 6.627   6.835   12.554  1.00 27.85 ? 121 GLY A O   1 
ATOM   795  N  N   . PHE A 1 103 ? 6.546   6.988   10.287  1.00 26.28 ? 122 PHE A N   1 
ATOM   796  C  CA  . PHE A 1 103 ? 7.007   5.623   10.023  1.00 25.91 ? 122 PHE A CA  1 
ATOM   797  C  C   . PHE A 1 103 ? 8.514   5.485   10.212  1.00 26.08 ? 122 PHE A C   1 
ATOM   798  O  O   . PHE A 1 103 ? 9.032   4.370   10.239  1.00 26.51 ? 122 PHE A O   1 
ATOM   799  C  CB  . PHE A 1 103 ? 6.697   5.198   8.580   1.00 26.03 ? 122 PHE A CB  1 
ATOM   800  C  CG  . PHE A 1 103 ? 5.222   5.109   8.246   1.00 24.91 ? 122 PHE A CG  1 
ATOM   801  C  CD1 . PHE A 1 103 ? 4.782   5.379   6.948   1.00 25.10 ? 122 PHE A CD1 1 
ATOM   802  C  CD2 . PHE A 1 103 ? 4.282   4.737   9.206   1.00 27.56 ? 122 PHE A CD2 1 
ATOM   803  C  CE1 . PHE A 1 103 ? 3.408   5.292   6.612   1.00 24.65 ? 122 PHE A CE1 1 
ATOM   804  C  CE2 . PHE A 1 103 ? 2.915   4.644   8.887   1.00 27.24 ? 122 PHE A CE2 1 
ATOM   805  C  CZ  . PHE A 1 103 ? 2.482   4.916   7.587   1.00 27.27 ? 122 PHE A CZ  1 
ATOM   806  N  N   . GLY A 1 104 ? 9.211   6.613   10.305  1.00 25.49 ? 123 GLY A N   1 
ATOM   807  C  CA  . GLY A 1 104 ? 10.662  6.599   10.407  1.00 25.24 ? 123 GLY A CA  1 
ATOM   808  C  C   . GLY A 1 104 ? 11.418  6.822   9.108   1.00 25.06 ? 123 GLY A C   1 
ATOM   809  O  O   . GLY A 1 104 ? 12.650  6.752   9.091   1.00 24.07 ? 123 GLY A O   1 
ATOM   810  N  N   . TYR A 1 105 ? 10.702  7.079   8.015   1.00 25.17 ? 124 TYR A N   1 
ATOM   811  C  CA  . TYR A 1 105 ? 11.374  7.423   6.759   1.00 25.18 ? 124 TYR A CA  1 
ATOM   812  C  C   . TYR A 1 105 ? 12.137  8.729   6.862   1.00 25.65 ? 124 TYR A C   1 
ATOM   813  O  O   . TYR A 1 105 ? 11.692  9.661   7.530   1.00 26.17 ? 124 TYR A O   1 
ATOM   814  C  CB  . TYR A 1 105 ? 10.388  7.521   5.606   1.00 24.49 ? 124 TYR A CB  1 
ATOM   815  C  CG  . TYR A 1 105 ? 9.865   6.194   5.165   1.00 24.77 ? 124 TYR A CG  1 
ATOM   816  C  CD1 . TYR A 1 105 ? 8.577   5.790   5.505   1.00 24.44 ? 124 TYR A CD1 1 
ATOM   817  C  CD2 . TYR A 1 105 ? 10.656  5.331   4.401   1.00 24.25 ? 124 TYR A CD2 1 
ATOM   818  C  CE1 . TYR A 1 105 ? 8.080   4.563   5.089   1.00 23.60 ? 124 TYR A CE1 1 
ATOM   819  C  CE2 . TYR A 1 105 ? 10.185  4.102   4.002   1.00 24.19 ? 124 TYR A CE2 1 
ATOM   820  C  CZ  . TYR A 1 105 ? 8.894   3.727   4.335   1.00 24.91 ? 124 TYR A CZ  1 
ATOM   821  O  OH  . TYR A 1 105 ? 8.407   2.518   3.931   1.00 23.80 ? 124 TYR A OH  1 
ATOM   822  N  N   . ARG A 1 106 ? 13.294  8.764   6.201   1.00 25.55 ? 125 ARG A N   1 
ATOM   823  C  CA  . ARG A 1 106 ? 14.164  9.935   6.185   1.00 26.00 ? 125 ARG A CA  1 
ATOM   824  C  C   . ARG A 1 106 ? 14.263  10.382  4.729   1.00 25.35 ? 125 ARG A C   1 
ATOM   825  O  O   . ARG A 1 106 ? 15.042  9.840   3.938   1.00 25.52 ? 125 ARG A O   1 
ATOM   826  C  CB  . ARG A 1 106 ? 15.543  9.595   6.781   1.00 25.98 ? 125 ARG A CB  1 
ATOM   827  C  CG  . ARG A 1 106 ? 15.505  9.064   8.223   1.00 29.17 ? 125 ARG A CG  1 
ATOM   828  C  CD  . ARG A 1 106 ? 16.909  8.692   8.744   1.00 34.02 ? 125 ARG A CD  1 
ATOM   829  N  NE  . ARG A 1 106 ? 17.859  9.794   8.584   1.00 37.64 ? 125 ARG A NE  1 
ATOM   830  C  CZ  . ARG A 1 106 ? 19.173  9.712   8.805   1.00 40.10 ? 125 ARG A CZ  1 
ATOM   831  N  NH1 . ARG A 1 106 ? 19.725  8.569   9.205   1.00 41.08 ? 125 ARG A NH1 1 
ATOM   832  N  NH2 . ARG A 1 106 ? 19.939  10.787  8.627   1.00 40.38 ? 125 ARG A NH2 1 
ATOM   833  N  N   . LEU A 1 107 ? 13.417  11.346  4.366   1.00 24.79 ? 126 LEU A N   1 
ATOM   834  C  CA  . LEU A 1 107 ? 13.269  11.774  2.980   1.00 24.38 ? 126 LEU A CA  1 
ATOM   835  C  C   . LEU A 1 107 ? 13.211  13.291  2.908   1.00 24.51 ? 126 LEU A C   1 
ATOM   836  O  O   . LEU A 1 107 ? 12.638  13.929  3.791   1.00 24.88 ? 126 LEU A O   1 
ATOM   837  C  CB  . LEU A 1 107 ? 11.969  11.217  2.391   1.00 24.25 ? 126 LEU A CB  1 
ATOM   838  C  CG  . LEU A 1 107 ? 11.765  9.700   2.314   1.00 24.54 ? 126 LEU A CG  1 
ATOM   839  C  CD1 . LEU A 1 107 ? 10.264  9.362   2.188   1.00 24.53 ? 126 LEU A CD1 1 
ATOM   840  C  CD2 . LEU A 1 107 ? 12.546  9.089   1.162   1.00 25.10 ? 126 LEU A CD2 1 
ATOM   841  N  N   . SER A 1 108 ? 13.776  13.852  1.838   1.00 24.34 ? 127 SER A N   1 
ATOM   842  C  CA  . SER A 1 108 ? 13.822  15.297  1.631   1.00 24.48 ? 127 SER A CA  1 
ATOM   843  C  C   . SER A 1 108 ? 12.435  15.823  1.284   1.00 24.86 ? 127 SER A C   1 
ATOM   844  O  O   . SER A 1 108 ? 11.592  15.061  0.820   1.00 24.18 ? 127 SER A O   1 
ATOM   845  C  CB  . SER A 1 108 ? 14.776  15.627  0.483   1.00 24.14 ? 127 SER A CB  1 
ATOM   846  O  OG  . SER A 1 108 ? 14.266  15.145  -0.745  1.00 23.94 ? 127 SER A OG  1 
ATOM   847  N  N   . ASP A 1 109 ? 12.213  17.125  1.484   1.00 25.29 ? 128 ASP A N   1 
ATOM   848  C  CA  . ASP A 1 109 ? 10.940  17.745  1.115   1.00 26.24 ? 128 ASP A CA  1 
ATOM   849  C  C   . ASP A 1 109 ? 10.580  17.471  -0.358  1.00 26.60 ? 128 ASP A C   1 
ATOM   850  O  O   . ASP A 1 109 ? 9.441   17.063  -0.667  1.00 26.62 ? 128 ASP A O   1 
ATOM   851  C  CB  . ASP A 1 109 ? 10.951  19.254  1.414   1.00 26.56 ? 128 ASP A CB  1 
ATOM   852  C  CG  . ASP A 1 109 ? 9.679   19.954  0.934   1.00 29.09 ? 128 ASP A CG  1 
ATOM   853  O  OD1 . ASP A 1 109 ? 9.634   20.374  -0.248  1.00 31.34 ? 128 ASP A OD1 1 
ATOM   854  O  OD2 . ASP A 1 109 ? 8.728   20.071  1.739   1.00 31.38 ? 128 ASP A OD2 1 
ATOM   855  N  N   . GLN A 1 110 ? 11.547  17.663  -1.257  1.00 26.50 ? 129 GLN A N   1 
ATOM   856  C  CA  . GLN A 1 110 ? 11.332  17.466  -2.698  1.00 27.06 ? 129 GLN A CA  1 
ATOM   857  C  C   . GLN A 1 110 ? 10.883  16.040  -3.057  1.00 26.26 ? 129 GLN A C   1 
ATOM   858  O  O   . GLN A 1 110 ? 10.139  15.839  -4.029  1.00 25.95 ? 129 GLN A O   1 
ATOM   859  C  CB  . GLN A 1 110 ? 12.589  17.828  -3.514  1.00 27.84 ? 129 GLN A CB  1 
ATOM   860  C  CG  . GLN A 1 110 ? 13.820  16.974  -3.181  1.00 32.00 ? 129 GLN A CG  1 
ATOM   861  C  CD  . GLN A 1 110 ? 14.747  16.730  -4.359  1.00 37.83 ? 129 GLN A CD  1 
ATOM   862  O  OE1 . GLN A 1 110 ? 15.567  17.588  -4.706  1.00 40.61 ? 129 GLN A OE1 1 
ATOM   863  N  NE2 . GLN A 1 110 ? 14.644  15.539  -4.964  1.00 38.23 ? 129 GLN A NE2 1 
ATOM   864  N  N   . PHE A 1 111 ? 11.334  15.042  -2.297  1.00 24.54 ? 130 PHE A N   1 
ATOM   865  C  CA  . PHE A 1 111 ? 10.971  13.675  -2.662  1.00 23.70 ? 130 PHE A CA  1 
ATOM   866  C  C   . PHE A 1 111 ? 9.451   13.452  -2.551  1.00 22.81 ? 130 PHE A C   1 
ATOM   867  O  O   . PHE A 1 111 ? 8.861   12.668  -3.309  1.00 21.21 ? 130 PHE A O   1 
ATOM   868  C  CB  . PHE A 1 111 ? 11.758  12.610  -1.884  1.00 24.99 ? 130 PHE A CB  1 
ATOM   869  C  CG  . PHE A 1 111 ? 11.304  11.203  -2.191  1.00 25.90 ? 130 PHE A CG  1 
ATOM   870  C  CD1 . PHE A 1 111 ? 11.724  10.571  -3.355  1.00 28.56 ? 130 PHE A CD1 1 
ATOM   871  C  CD2 . PHE A 1 111 ? 10.413  10.542  -1.342  1.00 27.36 ? 130 PHE A CD2 1 
ATOM   872  C  CE1 . PHE A 1 111 ? 11.276  9.275   -3.665  1.00 28.20 ? 130 PHE A CE1 1 
ATOM   873  C  CE2 . PHE A 1 111 ? 9.953   9.249   -1.640  1.00 27.95 ? 130 PHE A CE2 1 
ATOM   874  C  CZ  . PHE A 1 111 ? 10.392  8.621   -2.800  1.00 29.38 ? 130 PHE A CZ  1 
ATOM   875  N  N   . HIS A 1 112 ? 8.821   14.161  -1.619  1.00 21.51 ? 131 HIS A N   1 
ATOM   876  C  CA  . HIS A 1 112 ? 7.381   13.988  -1.393  1.00 21.23 ? 131 HIS A CA  1 
ATOM   877  C  C   . HIS A 1 112 ? 6.572   14.378  -2.625  1.00 21.05 ? 131 HIS A C   1 
ATOM   878  O  O   . HIS A 1 112 ? 5.584   13.709  -2.950  1.00 20.46 ? 131 HIS A O   1 
ATOM   879  C  CB  . HIS A 1 112 ? 6.950   14.703  -0.118  1.00 21.18 ? 131 HIS A CB  1 
ATOM   880  C  CG  . HIS A 1 112 ? 7.638   14.175  1.094   1.00 20.87 ? 131 HIS A CG  1 
ATOM   881  N  ND1 . HIS A 1 112 ? 8.910   14.562  1.450   1.00 22.76 ? 131 HIS A ND1 1 
ATOM   882  C  CD2 . HIS A 1 112 ? 7.264   13.239  1.994   1.00 21.34 ? 131 HIS A CD2 1 
ATOM   883  C  CE1 . HIS A 1 112 ? 9.279   13.911  2.540   1.00 20.47 ? 131 HIS A CE1 1 
ATOM   884  N  NE2 . HIS A 1 112 ? 8.295   13.101  2.891   1.00 23.33 ? 131 HIS A NE2 1 
ATOM   885  N  N   . ASP A 1 113 ? 7.028   15.417  -3.339  1.00 21.07 ? 132 ASP A N   1 
ATOM   886  C  CA  . ASP A 1 113 ? 6.446   15.795  -4.639  1.00 20.79 ? 132 ASP A CA  1 
ATOM   887  C  C   . ASP A 1 113 ? 6.591   14.678  -5.659  1.00 19.86 ? 132 ASP A C   1 
ATOM   888  O  O   . ASP A 1 113 ? 5.663   14.398  -6.427  1.00 19.04 ? 132 ASP A O   1 
ATOM   889  C  CB  . ASP A 1 113 ? 7.094   17.064  -5.219  1.00 21.95 ? 132 ASP A CB  1 
ATOM   890  C  CG  . ASP A 1 113 ? 6.987   18.264  -4.297  1.00 26.90 ? 132 ASP A CG  1 
ATOM   891  O  OD1 . ASP A 1 113 ? 6.232   19.210  -4.628  1.00 32.24 ? 132 ASP A OD1 1 
ATOM   892  O  OD2 . ASP A 1 113 ? 7.654   18.257  -3.237  1.00 34.37 ? 132 ASP A OD2 1 
ATOM   893  N  N   . ILE A 1 114 ? 7.775   14.060  -5.687  1.00 18.55 ? 133 ILE A N   1 
ATOM   894  C  CA  . ILE A 1 114 ? 8.052   12.952  -6.611  1.00 18.39 ? 133 ILE A CA  1 
ATOM   895  C  C   . ILE A 1 114 ? 7.103   11.775  -6.342  1.00 17.48 ? 133 ILE A C   1 
ATOM   896  O  O   . ILE A 1 114 ? 6.515   11.220  -7.276  1.00 17.52 ? 133 ILE A O   1 
ATOM   897  C  CB  . ILE A 1 114 ? 9.527   12.474  -6.519  1.00 18.55 ? 133 ILE A CB  1 
ATOM   898  C  CG1 . ILE A 1 114 ? 10.479  13.615  -6.945  1.00 19.52 ? 133 ILE A CG1 1 
ATOM   899  C  CG2 . ILE A 1 114 ? 9.730   11.230  -7.378  1.00 18.74 ? 133 ILE A CG2 1 
ATOM   900  C  CD1 . ILE A 1 114 ? 11.959  13.338  -6.710  1.00 19.90 ? 133 ILE A CD1 1 
ATOM   901  N  N   . LEU A 1 115 ? 6.952   11.422  -5.066  1.00 17.31 ? 134 LEU A N   1 
ATOM   902  C  CA  . LEU A 1 115 ? 6.103   10.282  -4.687  1.00 17.27 ? 134 LEU A CA  1 
ATOM   903  C  C   . LEU A 1 115 ? 4.650   10.557  -5.101  1.00 16.69 ? 134 LEU A C   1 
ATOM   904  O  O   . LEU A 1 115 ? 3.993   9.695   -5.676  1.00 15.05 ? 134 LEU A O   1 
ATOM   905  C  CB  . LEU A 1 115 ? 6.180   10.038  -3.180  1.00 18.12 ? 134 LEU A CB  1 
ATOM   906  C  CG  . LEU A 1 115 ? 6.424   8.679   -2.497  1.00 23.06 ? 134 LEU A CG  1 
ATOM   907  C  CD1 . LEU A 1 115 ? 5.554   8.546   -1.238  1.00 23.21 ? 134 LEU A CD1 1 
ATOM   908  C  CD2 . LEU A 1 115 ? 6.309   7.418   -3.348  1.00 22.31 ? 134 LEU A CD2 1 
ATOM   909  N  N   . ILE A 1 116 ? 4.157   11.755  -4.803  1.00 16.46 ? 135 ILE A N   1 
ATOM   910  C  CA  . ILE A 1 116 ? 2.786   12.128  -5.191  1.00 17.03 ? 135 ILE A CA  1 
ATOM   911  C  C   . ILE A 1 116 ? 2.604   12.024  -6.703  1.00 16.72 ? 135 ILE A C   1 
ATOM   912  O  O   . ILE A 1 116 ? 1.663   11.386  -7.170  1.00 17.27 ? 135 ILE A O   1 
ATOM   913  C  CB  . ILE A 1 116 ? 2.373   13.517  -4.632  1.00 17.28 ? 135 ILE A CB  1 
ATOM   914  C  CG1 . ILE A 1 116 ? 2.209   13.423  -3.107  1.00 17.96 ? 135 ILE A CG1 1 
ATOM   915  C  CG2 . ILE A 1 116 ? 1.075   14.050  -5.314  1.00 18.70 ? 135 ILE A CG2 1 
ATOM   916  C  CD1 . ILE A 1 116 ? 2.083   14.797  -2.429  1.00 18.72 ? 135 ILE A CD1 1 
ATOM   917  N  N   . ARG A 1 117 ? 3.526   12.596  -7.476  1.00 16.89 ? 136 ARG A N   1 
ATOM   918  C  CA  . ARG A 1 117 ? 3.413   12.508  -8.921  1.00 18.09 ? 136 ARG A CA  1 
ATOM   919  C  C   . ARG A 1 117 ? 3.383   11.060  -9.443  1.00 17.11 ? 136 ARG A C   1 
ATOM   920  O  O   . ARG A 1 117 ? 2.657   10.735  -10.381 1.00 16.96 ? 136 ARG A O   1 
ATOM   921  C  CB  . ARG A 1 117 ? 4.543   13.306  -9.599  1.00 19.15 ? 136 ARG A CB  1 
ATOM   922  C  CG  . ARG A 1 117 ? 4.337   13.444  -11.089 1.00 23.05 ? 136 ARG A CG  1 
ATOM   923  C  CD  . ARG A 1 117 ? 5.488   14.164  -11.802 1.00 32.04 ? 136 ARG A CD  1 
ATOM   924  N  NE  . ARG A 1 117 ? 6.074   15.228  -10.984 1.00 38.18 ? 136 ARG A NE  1 
ATOM   925  C  CZ  . ARG A 1 117 ? 7.312   15.204  -10.481 1.00 41.35 ? 136 ARG A CZ  1 
ATOM   926  N  NH1 . ARG A 1 117 ? 8.129   14.171  -10.726 1.00 41.54 ? 136 ARG A NH1 1 
ATOM   927  N  NH2 . ARG A 1 117 ? 7.741   16.222  -9.734  1.00 41.62 ? 136 ARG A NH2 1 
ATOM   928  N  N   . LYS A 1 118 ? 4.171   10.180  -8.822  1.00 16.92 ? 137 LYS A N   1 
ATOM   929  C  CA  . LYS A 1 118 ? 4.310   8.810   -9.294  1.00 16.69 ? 137 LYS A CA  1 
ATOM   930  C  C   . LYS A 1 118 ? 3.043   7.990   -9.047  1.00 16.06 ? 137 LYS A C   1 
ATOM   931  O  O   . LYS A 1 118 ? 2.719   7.087   -9.825  1.00 16.10 ? 137 LYS A O   1 
ATOM   932  C  CB  . LYS A 1 118 ? 5.499   8.154   -8.584  1.00 16.61 ? 137 LYS A CB  1 
ATOM   933  C  CG  . LYS A 1 118 ? 5.890   6.774   -9.080  1.00 19.16 ? 137 LYS A CG  1 
ATOM   934  C  CD  . LYS A 1 118 ? 6.493   6.874   -10.478 1.00 22.25 ? 137 LYS A CD  1 
ATOM   935  C  CE  . LYS A 1 118 ? 6.876   5.502   -11.054 1.00 25.53 ? 137 LYS A CE  1 
ATOM   936  N  NZ  . LYS A 1 118 ? 7.285   5.760   -12.454 1.00 28.09 ? 137 LYS A NZ  1 
ATOM   937  N  N   . PHE A 1 119 ? 2.318   8.311   -7.973  1.00 15.05 ? 138 PHE A N   1 
ATOM   938  C  CA  . PHE A 1 119 ? 1.218   7.438   -7.544  1.00 14.01 ? 138 PHE A CA  1 
ATOM   939  C  C   . PHE A 1 119 ? -0.181  8.027   -7.581  1.00 13.84 ? 138 PHE A C   1 
ATOM   940  O  O   . PHE A 1 119 ? -1.159  7.265   -7.593  1.00 12.80 ? 138 PHE A O   1 
ATOM   941  C  CB  . PHE A 1 119 ? 1.524   6.866   -6.161  1.00 14.31 ? 138 PHE A CB  1 
ATOM   942  C  CG  . PHE A 1 119 ? 2.673   5.895   -6.178  1.00 13.10 ? 138 PHE A CG  1 
ATOM   943  C  CD1 . PHE A 1 119 ? 3.949   6.329   -5.880  1.00 15.56 ? 138 PHE A CD1 1 
ATOM   944  C  CD2 . PHE A 1 119 ? 2.471   4.566   -6.555  1.00 14.92 ? 138 PHE A CD2 1 
ATOM   945  C  CE1 . PHE A 1 119 ? 5.027   5.446   -5.927  1.00 14.07 ? 138 PHE A CE1 1 
ATOM   946  C  CE2 . PHE A 1 119 ? 3.532   3.669   -6.602  1.00 15.38 ? 138 PHE A CE2 1 
ATOM   947  C  CZ  . PHE A 1 119 ? 4.816   4.112   -6.299  1.00 17.11 ? 138 PHE A CZ  1 
ATOM   948  N  N   . ASP A 1 120 ? -0.269  9.353   -7.634  1.00 13.39 ? 139 ASP A N   1 
ATOM   949  C  CA  . ASP A 1 120 ? -1.582  10.026  -7.653  1.00 14.02 ? 139 ASP A CA  1 
ATOM   950  C  C   . ASP A 1 120 ? -2.296  9.860   -8.984  1.00 15.11 ? 139 ASP A C   1 
ATOM   951  O  O   . ASP A 1 120 ? -2.003  10.597  -9.936  1.00 15.68 ? 139 ASP A O   1 
ATOM   952  C  CB  . ASP A 1 120 ? -1.426  11.528  -7.331  1.00 13.89 ? 139 ASP A CB  1 
ATOM   953  C  CG  . ASP A 1 120 ? -2.680  12.332  -7.637  1.00 15.49 ? 139 ASP A CG  1 
ATOM   954  O  OD1 . ASP A 1 120 ? -3.815  11.791  -7.536  1.00 14.36 ? 139 ASP A OD1 1 
ATOM   955  O  OD2 . ASP A 1 120 ? -2.527  13.528  -7.996  1.00 15.90 ? 139 ASP A OD2 1 
ATOM   956  N  N   . ARG A 1 121 ? -3.266  8.939   -9.046  1.00 14.69 ? 140 ARG A N   1 
ATOM   957  C  CA  . ARG A 1 121 ? -4.039  8.702   -10.255 1.00 16.47 ? 140 ARG A CA  1 
ATOM   958  C  C   . ARG A 1 121 ? -5.057  9.810   -10.552 1.00 17.64 ? 140 ARG A C   1 
ATOM   959  O  O   . ARG A 1 121 ? -5.525  9.898   -11.675 1.00 20.06 ? 140 ARG A O   1 
ATOM   960  C  CB  . ARG A 1 121 ? -4.789  7.366   -10.165 1.00 15.23 ? 140 ARG A CB  1 
ATOM   961  C  CG  . ARG A 1 121 ? -3.867  6.128   -10.078 1.00 12.13 ? 140 ARG A CG  1 
ATOM   962  C  CD  . ARG A 1 121 ? -4.689  4.829   -10.119 1.00 15.85 ? 140 ARG A CD  1 
ATOM   963  N  NE  . ARG A 1 121 ? -5.705  4.841   -9.054  1.00 14.39 ? 140 ARG A NE  1 
ATOM   964  C  CZ  . ARG A 1 121 ? -6.940  4.340   -9.178  1.00 15.50 ? 140 ARG A CZ  1 
ATOM   965  N  NH1 . ARG A 1 121 ? -7.322  3.733   -10.303 1.00 15.47 ? 140 ARG A NH1 1 
ATOM   966  N  NH2 . ARG A 1 121 ? -7.799  4.449   -8.174  1.00 13.87 ? 140 ARG A NH2 1 
ATOM   967  N  N   . GLN A 1 122 ? -5.400  10.620  -9.547  1.00 19.05 ? 141 GLN A N   1 
ATOM   968  C  CA  . GLN A 1 122 ? -6.509  11.587  -9.674  1.00 20.80 ? 141 GLN A CA  1 
ATOM   969  C  C   . GLN A 1 122 ? -6.016  12.851  -10.382 1.00 21.36 ? 141 GLN A C   1 
ATOM   970  O  O   . GLN A 1 122 ? -6.828  13.657  -10.847 1.00 22.91 ? 141 GLN A O   1 
ATOM   971  C  CB  . GLN A 1 122 ? -7.119  11.959  -8.320  1.00 20.82 ? 141 GLN A CB  1 
ATOM   972  C  CG  . GLN A 1 122 ? -7.530  10.771  -7.407  1.00 23.03 ? 141 GLN A CG  1 
ATOM   973  C  CD  . GLN A 1 122 ? -8.884  10.166  -7.763  1.00 26.08 ? 141 GLN A CD  1 
ATOM   974  O  OE1 . GLN A 1 122 ? -9.758  10.846  -8.340  1.00 26.99 ? 141 GLN A OE1 1 
ATOM   975  N  NE2 . GLN A 1 122 ? -9.084  8.890   -7.388  1.00 24.42 ? 141 GLN A NE2 1 
ATOM   976  N  N   . GLY A 1 123 ? -4.699  13.027  -10.448 1.00 21.21 ? 142 GLY A N   1 
ATOM   977  C  CA  . GLY A 1 123 ? -4.091  14.209  -11.083 1.00 22.42 ? 142 GLY A CA  1 
ATOM   978  C  C   . GLY A 1 123 ? -4.465  15.509  -10.387 1.00 23.16 ? 142 GLY A C   1 
ATOM   979  O  O   . GLY A 1 123 ? -4.926  16.474  -11.027 1.00 24.07 ? 142 GLY A O   1 
ATOM   980  N  N   . ARG A 1 124 ? -4.278  15.542  -9.069  1.00 21.72 ? 143 ARG A N   1 
ATOM   981  C  CA  . ARG A 1 124 ? -4.557  16.755  -8.300  1.00 21.22 ? 143 ARG A CA  1 
ATOM   982  C  C   . ARG A 1 124 ? -3.379  17.264  -7.485  1.00 19.64 ? 143 ARG A C   1 
ATOM   983  O  O   . ARG A 1 124 ? -3.519  18.243  -6.764  1.00 19.99 ? 143 ARG A O   1 
ATOM   984  C  CB  . ARG A 1 124 ? -5.765  16.549  -7.403  1.00 21.30 ? 143 ARG A CB  1 
ATOM   985  C  CG  . ARG A 1 124 ? -7.018  16.208  -8.183  1.00 23.41 ? 143 ARG A CG  1 
ATOM   986  C  CD  . ARG A 1 124 ? -8.211  16.267  -7.299  1.00 27.45 ? 143 ARG A CD  1 
ATOM   987  N  NE  . ARG A 1 124 ? -9.424  16.177  -8.087  1.00 31.49 ? 143 ARG A NE  1 
ATOM   988  C  CZ  . ARG A 1 124 ? -10.155 17.222  -8.455  1.00 32.37 ? 143 ARG A CZ  1 
ATOM   989  N  NH1 . ARG A 1 124 ? -9.802  18.452  -8.101  1.00 34.06 ? 143 ARG A NH1 1 
ATOM   990  N  NH2 . ARG A 1 124 ? -11.249 17.025  -9.165  1.00 34.76 ? 143 ARG A NH2 1 
ATOM   991  N  N   . GLY A 1 125 ? -2.226  16.604  -7.570  1.00 18.51 ? 144 GLY A N   1 
ATOM   992  C  CA  . GLY A 1 125 ? -1.063  17.021  -6.787  1.00 17.40 ? 144 GLY A CA  1 
ATOM   993  C  C   . GLY A 1 125 ? -1.182  16.715  -5.301  1.00 16.70 ? 144 GLY A C   1 
ATOM   994  O  O   . GLY A 1 125 ? -0.453  17.260  -4.477  1.00 16.73 ? 144 GLY A O   1 
ATOM   995  N  N   . GLN A 1 126 ? -2.102  15.814  -4.980  1.00 15.94 ? 145 GLN A N   1 
ATOM   996  C  CA  . GLN A 1 126 ? -2.270  15.299  -3.624  1.00 15.07 ? 145 GLN A CA  1 
ATOM   997  C  C   . GLN A 1 126 ? -2.482  13.788  -3.810  1.00 14.66 ? 145 GLN A C   1 
ATOM   998  O  O   . GLN A 1 126 ? -2.453  13.299  -4.940  1.00 15.23 ? 145 GLN A O   1 
ATOM   999  C  CB  . GLN A 1 126 ? -3.454  15.984  -2.934  1.00 15.26 ? 145 GLN A CB  1 
ATOM   1000 C  CG  . GLN A 1 126 ? -3.132  17.468  -2.581  1.00 17.84 ? 145 GLN A CG  1 
ATOM   1001 C  CD  . GLN A 1 126 ? -4.172  18.131  -1.709  1.00 20.86 ? 145 GLN A CD  1 
ATOM   1002 O  OE1 . GLN A 1 126 ? -4.648  17.557  -0.727  1.00 21.23 ? 145 GLN A OE1 1 
ATOM   1003 N  NE2 . GLN A 1 126 ? -4.526  19.367  -2.058  1.00 22.68 ? 145 GLN A NE2 1 
ATOM   1004 N  N   . ILE A 1 127 ? -2.671  13.034  -2.740  1.00 13.40 ? 146 ILE A N   1 
ATOM   1005 C  CA  . ILE A 1 127 ? -2.785  11.583  -2.926  1.00 12.30 ? 146 ILE A CA  1 
ATOM   1006 C  C   . ILE A 1 127 ? -3.946  10.977  -2.130  1.00 12.10 ? 146 ILE A C   1 
ATOM   1007 O  O   . ILE A 1 127 ? -4.093  11.264  -0.924  1.00 12.15 ? 146 ILE A O   1 
ATOM   1008 C  CB  . ILE A 1 127 ? -1.432  10.857  -2.646  1.00 12.49 ? 146 ILE A CB  1 
ATOM   1009 C  CG1 . ILE A 1 127 ? -1.510  9.385   -3.093  1.00 12.36 ? 146 ILE A CG1 1 
ATOM   1010 C  CG2 . ILE A 1 127 ? -0.982  11.045  -1.205  1.00 13.22 ? 146 ILE A CG2 1 
ATOM   1011 C  CD1 . ILE A 1 127 ? -0.114  8.693   -3.254  1.00 12.40 ? 146 ILE A CD1 1 
ATOM   1012 N  N   . ALA A 1 128 ? -4.778  10.194  -2.836  1.00 10.86 ? 147 ALA A N   1 
ATOM   1013 C  CA  . ALA A 1 128 ? -5.953  9.536   -2.249  1.00 11.16 ? 147 ALA A CA  1 
ATOM   1014 C  C   . ALA A 1 128 ? -5.559  8.262   -1.516  1.00 10.80 ? 147 ALA A C   1 
ATOM   1015 O  O   . ALA A 1 128 ? -4.442  7.746   -1.685  1.00 10.32 ? 147 ALA A O   1 
ATOM   1016 C  CB  . ALA A 1 128 ? -6.970  9.223   -3.326  1.00 10.97 ? 147 ALA A CB  1 
ATOM   1017 N  N   . PHE A 1 129 ? -6.482  7.749   -0.688  1.00 10.26 ? 148 PHE A N   1 
ATOM   1018 C  CA  . PHE A 1 129 ? -6.173  6.621   0.183   1.00 11.15 ? 148 PHE A CA  1 
ATOM   1019 C  C   . PHE A 1 129 ? -5.590  5.387   -0.518  1.00 10.28 ? 148 PHE A C   1 
ATOM   1020 O  O   . PHE A 1 129 ? -4.569  4.802   -0.069  1.00 10.30 ? 148 PHE A O   1 
ATOM   1021 C  CB  . PHE A 1 129 ? -7.447  6.255   0.950   1.00 10.70 ? 148 PHE A CB  1 
ATOM   1022 C  CG  . PHE A 1 129 ? -7.300  5.066   1.832   1.00 11.03 ? 148 PHE A CG  1 
ATOM   1023 C  CD1 . PHE A 1 129 ? -6.395  5.087   2.888   1.00 11.95 ? 148 PHE A CD1 1 
ATOM   1024 C  CD2 . PHE A 1 129 ? -8.094  3.929   1.628   1.00 12.24 ? 148 PHE A CD2 1 
ATOM   1025 C  CE1 . PHE A 1 129 ? -6.270  3.981   3.734   1.00 13.42 ? 148 PHE A CE1 1 
ATOM   1026 C  CE2 . PHE A 1 129 ? -7.971  2.814   2.464   1.00 13.04 ? 148 PHE A CE2 1 
ATOM   1027 C  CZ  . PHE A 1 129 ? -7.044  2.841   3.516   1.00 12.24 ? 148 PHE A CZ  1 
ATOM   1028 N  N   . ASP A 1 130 ? -6.236  4.957   -1.612  1.00 9.75  ? 149 ASP A N   1 
ATOM   1029 C  CA  . ASP A 1 130 ? -5.819  3.750   -2.314  1.00 10.37 ? 149 ASP A CA  1 
ATOM   1030 C  C   . ASP A 1 130 ? -4.427  3.918   -2.916  1.00 11.04 ? 149 ASP A C   1 
ATOM   1031 O  O   . ASP A 1 130 ? -3.606  3.011   -2.801  1.00 10.69 ? 149 ASP A O   1 
ATOM   1032 C  CB  . ASP A 1 130 ? -6.848  3.299   -3.374  1.00 10.62 ? 149 ASP A CB  1 
ATOM   1033 C  CG  . ASP A 1 130 ? -7.295  4.429   -4.323  1.00 10.84 ? 149 ASP A CG  1 
ATOM   1034 O  OD1 . ASP A 1 130 ? -6.949  5.628   -4.141  1.00 11.60 ? 149 ASP A OD1 1 
ATOM   1035 O  OD2 . ASP A 1 130 ? -8.015  4.072   -5.278  1.00 10.83 ? 149 ASP A OD2 1 
ATOM   1036 N  N   . ASP A 1 131 ? -4.190  5.086   -3.532  1.00 10.48 ? 150 ASP A N   1 
ATOM   1037 C  CA  . ASP A 1 131 ? -2.914  5.402   -4.152  1.00 10.76 ? 150 ASP A CA  1 
ATOM   1038 C  C   . ASP A 1 131 ? -1.821  5.576   -3.108  1.00 10.82 ? 150 ASP A C   1 
ATOM   1039 O  O   . ASP A 1 131 ? -0.674  5.152   -3.328  1.00 11.46 ? 150 ASP A O   1 
ATOM   1040 C  CB  . ASP A 1 131 ? -3.026  6.653   -5.040  1.00 11.09 ? 150 ASP A CB  1 
ATOM   1041 C  CG  . ASP A 1 131 ? -3.978  6.451   -6.219  1.00 11.10 ? 150 ASP A CG  1 
ATOM   1042 O  OD1 . ASP A 1 131 ? -4.315  5.289   -6.562  1.00 12.71 ? 150 ASP A OD1 1 
ATOM   1043 O  OD2 . ASP A 1 131 ? -4.413  7.477   -6.783  1.00 12.78 ? 150 ASP A OD2 1 
ATOM   1044 N  N   . PHE A 1 132 ? -2.198  6.126   -1.955  1.00 11.39 ? 151 PHE A N   1 
ATOM   1045 C  CA  . PHE A 1 132 ? -1.281  6.265   -0.814  1.00 11.33 ? 151 PHE A CA  1 
ATOM   1046 C  C   . PHE A 1 132 ? -0.797  4.891   -0.321  1.00 11.32 ? 151 PHE A C   1 
ATOM   1047 O  O   . PHE A 1 132 ? 0.395   4.691   -0.103  1.00 11.12 ? 151 PHE A O   1 
ATOM   1048 C  CB  . PHE A 1 132 ? -2.012  7.043   0.290   1.00 11.16 ? 151 PHE A CB  1 
ATOM   1049 C  CG  . PHE A 1 132 ? -1.318  7.047   1.630   1.00 11.55 ? 151 PHE A CG  1 
ATOM   1050 C  CD1 . PHE A 1 132 ? -0.201  7.861   1.852   1.00 14.75 ? 151 PHE A CD1 1 
ATOM   1051 C  CD2 . PHE A 1 132 ? -1.838  6.313   2.695   1.00 12.12 ? 151 PHE A CD2 1 
ATOM   1052 C  CE1 . PHE A 1 132 ? 0.410   7.907   3.117   1.00 15.01 ? 151 PHE A CE1 1 
ATOM   1053 C  CE2 . PHE A 1 132 ? -1.231  6.348   3.962   1.00 13.20 ? 151 PHE A CE2 1 
ATOM   1054 C  CZ  . PHE A 1 132 ? -0.117  7.154   4.174   1.00 13.08 ? 151 PHE A CZ  1 
ATOM   1055 N  N   . ILE A 1 133 ? -1.695  3.911   -0.183  1.00 10.25 ? 152 ILE A N   1 
ATOM   1056 C  CA  . ILE A 1 133 ? -1.240  2.570   0.195   1.00 10.69 ? 152 ILE A CA  1 
ATOM   1057 C  C   . ILE A 1 133 ? -0.225  2.017   -0.816  1.00 11.29 ? 152 ILE A C   1 
ATOM   1058 O  O   . ILE A 1 133 ? 0.857   1.545   -0.424  1.00 10.71 ? 152 ILE A O   1 
ATOM   1059 C  CB  . ILE A 1 133 ? -2.432  1.583   0.341   1.00 10.41 ? 152 ILE A CB  1 
ATOM   1060 C  CG1 . ILE A 1 133 ? -3.379  2.044   1.459   1.00 10.07 ? 152 ILE A CG1 1 
ATOM   1061 C  CG2 . ILE A 1 133 ? -1.929  0.166   0.559   1.00 11.87 ? 152 ILE A CG2 1 
ATOM   1062 C  CD1 . ILE A 1 133 ? -4.647  1.100   1.585   1.00 11.68 ? 152 ILE A CD1 1 
ATOM   1063 N  N   . GLN A 1 134 ? -0.558  2.080   -2.103  1.00 10.09 ? 153 GLN A N   1 
ATOM   1064 C  CA  . GLN A 1 134 ? 0.371   1.566   -3.116  1.00 11.35 ? 153 GLN A CA  1 
ATOM   1065 C  C   . GLN A 1 134 ? 1.749   2.239   -3.049  1.00 10.58 ? 153 GLN A C   1 
ATOM   1066 O  O   . GLN A 1 134 ? 2.797   1.541   -3.079  1.00 9.61  ? 153 GLN A O   1 
ATOM   1067 C  CB  . GLN A 1 134 ? -0.229  1.628   -4.532  1.00 12.18 ? 153 GLN A CB  1 
ATOM   1068 C  CG  . GLN A 1 134 ? 0.683   0.978   -5.628  1.00 12.95 ? 153 GLN A CG  1 
ATOM   1069 C  CD  . GLN A 1 134 ? 0.989   -0.526  -5.422  1.00 13.92 ? 153 GLN A CD  1 
ATOM   1070 O  OE1 . GLN A 1 134 ? 0.298   -1.240  -4.669  1.00 14.35 ? 153 GLN A OE1 1 
ATOM   1071 N  NE2 . GLN A 1 134 ? 2.020   -1.021  -6.123  1.00 15.83 ? 153 GLN A NE2 1 
ATOM   1072 N  N   . GLY A 1 135 ? 1.752   3.566   -2.921  1.00 10.53 ? 154 GLY A N   1 
ATOM   1073 C  CA  . GLY A 1 135 ? 3.032   4.323   -2.838  1.00 11.00 ? 154 GLY A CA  1 
ATOM   1074 C  C   . GLY A 1 135 ? 3.854   3.861   -1.638  1.00 11.72 ? 154 GLY A C   1 
ATOM   1075 O  O   . GLY A 1 135 ? 5.089   3.667   -1.731  1.00 11.75 ? 154 GLY A O   1 
ATOM   1076 N  N   . CYS A 1 136 ? 3.172   3.669   -0.508  1.00 11.79 ? 155 CYS A N   1 
ATOM   1077 C  CA  . CYS A 1 136 ? 3.824   3.220   0.727   1.00 12.62 ? 155 CYS A CA  1 
ATOM   1078 C  C   . CYS A 1 136 ? 4.344   1.792   0.621   1.00 12.62 ? 155 CYS A C   1 
ATOM   1079 O  O   . CYS A 1 136 ? 5.443   1.491   1.101   1.00 12.53 ? 155 CYS A O   1 
ATOM   1080 C  CB  . CYS A 1 136 ? 2.870   3.394   1.932   1.00 12.70 ? 155 CYS A CB  1 
ATOM   1081 S  SG  . CYS A 1 136 ? 2.640   5.124   2.398   1.00 15.49 ? 155 CYS A SG  1 
ATOM   1082 N  N   . ILE A 1 137 ? 3.557   0.900   0.003   1.00 11.63 ? 156 ILE A N   1 
ATOM   1083 C  CA  . ILE A 1 137 ? 4.005   -0.459  -0.242  1.00 12.12 ? 156 ILE A CA  1 
ATOM   1084 C  C   . ILE A 1 137 ? 5.289   -0.454  -1.084  1.00 11.91 ? 156 ILE A C   1 
ATOM   1085 O  O   . ILE A 1 137 ? 6.287   -1.115  -0.732  1.00 11.83 ? 156 ILE A O   1 
ATOM   1086 C  CB  . ILE A 1 137 ? 2.888   -1.292  -0.916  1.00 12.30 ? 156 ILE A CB  1 
ATOM   1087 C  CG1 . ILE A 1 137 ? 1.753   -1.535  0.093   1.00 12.98 ? 156 ILE A CG1 1 
ATOM   1088 C  CG2 . ILE A 1 137 ? 3.458   -2.599  -1.508  1.00 13.16 ? 156 ILE A CG2 1 
ATOM   1089 C  CD1 . ILE A 1 137 ? 0.620   -2.402  -0.509  1.00 14.52 ? 156 ILE A CD1 1 
ATOM   1090 N  N   . VAL A 1 138 ? 5.276   0.327   -2.159  1.00 10.71 ? 157 VAL A N   1 
ATOM   1091 C  CA  . VAL A 1 138 ? 6.447   0.392   -3.047  1.00 11.51 ? 157 VAL A CA  1 
ATOM   1092 C  C   . VAL A 1 138 ? 7.624   0.979   -2.252  1.00 11.53 ? 157 VAL A C   1 
ATOM   1093 O  O   . VAL A 1 138 ? 8.732   0.415   -2.279  1.00 11.59 ? 157 VAL A O   1 
ATOM   1094 C  CB  . VAL A 1 138 ? 6.144   1.216   -4.337  1.00 12.15 ? 157 VAL A CB  1 
ATOM   1095 C  CG1 . VAL A 1 138 ? 7.437   1.486   -5.112  1.00 12.09 ? 157 VAL A CG1 1 
ATOM   1096 C  CG2 . VAL A 1 138 ? 5.142   0.453   -5.231  1.00 10.71 ? 157 VAL A CG2 1 
ATOM   1097 N  N   . LEU A 1 139 ? 7.387   2.077   -1.546  1.00 12.87 ? 158 LEU A N   1 
ATOM   1098 C  CA  . LEU A 1 139 ? 8.466   2.736   -0.757  1.00 13.08 ? 158 LEU A CA  1 
ATOM   1099 C  C   . LEU A 1 139 ? 9.067   1.757   0.261   1.00 13.24 ? 158 LEU A C   1 
ATOM   1100 O  O   . LEU A 1 139 ? 10.288  1.674   0.418   1.00 13.29 ? 158 LEU A O   1 
ATOM   1101 C  CB  . LEU A 1 139 ? 7.971   4.036   -0.095  1.00 13.90 ? 158 LEU A CB  1 
ATOM   1102 C  CG  . LEU A 1 139 ? 8.958   4.809   0.786   1.00 13.81 ? 158 LEU A CG  1 
ATOM   1103 C  CD1 . LEU A 1 139 ? 10.182  5.289   -0.038  1.00 16.42 ? 158 LEU A CD1 1 
ATOM   1104 C  CD2 . LEU A 1 139 ? 8.277   5.995   1.449   1.00 14.71 ? 158 LEU A CD2 1 
ATOM   1105 N  N   . GLN A 1 140 ? 8.219   1.003   0.956   1.00 13.42 ? 159 GLN A N   1 
ATOM   1106 C  CA  . GLN A 1 140 ? 8.741   0.012   1.898   1.00 13.46 ? 159 GLN A CA  1 
ATOM   1107 C  C   . GLN A 1 140 ? 9.607   -1.062  1.209   1.00 12.65 ? 159 GLN A C   1 
ATOM   1108 O  O   . GLN A 1 140 ? 10.724  -1.388  1.666   1.00 12.41 ? 159 GLN A O   1 
ATOM   1109 C  CB  . GLN A 1 140 ? 7.591   -0.626  2.695   1.00 13.71 ? 159 GLN A CB  1 
ATOM   1110 C  CG  . GLN A 1 140 ? 8.135   -1.609  3.708   1.00 17.30 ? 159 GLN A CG  1 
ATOM   1111 C  CD  . GLN A 1 140 ? 7.064   -2.265  4.533   1.00 23.50 ? 159 GLN A CD  1 
ATOM   1112 O  OE1 . GLN A 1 140 ? 7.325   -2.721  5.644   1.00 28.56 ? 159 GLN A OE1 1 
ATOM   1113 N  NE2 . GLN A 1 140 ? 5.852   -2.325  4.000   1.00 27.16 ? 159 GLN A NE2 1 
ATOM   1114 N  N   . ARG A 1 141 ? 9.118   -1.624  0.100   1.00 11.65 ? 160 ARG A N   1 
ATOM   1115 C  CA  . ARG A 1 141 ? 9.875   -2.630  -0.622  1.00 12.69 ? 160 ARG A CA  1 
ATOM   1116 C  C   . ARG A 1 141 ? 11.220  -2.066  -1.108  1.00 12.43 ? 160 ARG A C   1 
ATOM   1117 O  O   . ARG A 1 141 ? 12.276  -2.708  -0.924  1.00 11.62 ? 160 ARG A O   1 
ATOM   1118 C  CB  . ARG A 1 141 ? 9.061   -3.210  -1.791  1.00 13.50 ? 160 ARG A CB  1 
ATOM   1119 C  CG  . ARG A 1 141 ? 9.835   -4.160  -2.689  1.00 16.51 ? 160 ARG A CG  1 
ATOM   1120 C  CD  . ARG A 1 141 ? 10.477  -5.332  -1.938  1.00 24.64 ? 160 ARG A CD  1 
ATOM   1121 N  NE  . ARG A 1 141 ? 9.497   -6.257  -1.413  1.00 32.18 ? 160 ARG A NE  1 
ATOM   1122 C  CZ  . ARG A 1 141 ? 9.069   -7.356  -2.035  1.00 33.95 ? 160 ARG A CZ  1 
ATOM   1123 N  NH1 . ARG A 1 141 ? 9.531   -7.688  -3.239  1.00 35.55 ? 160 ARG A NH1 1 
ATOM   1124 N  NH2 . ARG A 1 141 ? 8.169   -8.127  -1.442  1.00 34.91 ? 160 ARG A NH2 1 
ATOM   1125 N  N   . LEU A 1 142 ? 11.177  -0.870  -1.701  1.00 11.21 ? 161 LEU A N   1 
ATOM   1126 C  CA  . LEU A 1 142 ? 12.407  -0.286  -2.239  1.00 11.71 ? 161 LEU A CA  1 
ATOM   1127 C  C   . LEU A 1 142 ? 13.402  0.013   -1.111  1.00 11.46 ? 161 LEU A C   1 
ATOM   1128 O  O   . LEU A 1 142 ? 14.615  -0.164  -1.278  1.00 12.01 ? 161 LEU A O   1 
ATOM   1129 C  CB  . LEU A 1 142 ? 12.112  0.965   -3.055  1.00 11.52 ? 161 LEU A CB  1 
ATOM   1130 C  CG  . LEU A 1 142 ? 11.251  0.712   -4.305  1.00 11.50 ? 161 LEU A CG  1 
ATOM   1131 C  CD1 . LEU A 1 142 ? 11.079  2.020   -5.099  1.00 13.03 ? 161 LEU A CD1 1 
ATOM   1132 C  CD2 . LEU A 1 142 ? 11.782  -0.407  -5.210  1.00 13.44 ? 161 LEU A CD2 1 
ATOM   1133 N  N   . THR A 1 143 ? 12.875  0.421   0.042   1.00 11.78 ? 162 THR A N   1 
ATOM   1134 C  CA  . THR A 1 143 ? 13.732  0.783   1.197   1.00 12.05 ? 162 THR A CA  1 
ATOM   1135 C  C   . THR A 1 143 ? 14.346  -0.484  1.811   1.00 12.17 ? 162 THR A C   1 
ATOM   1136 O  O   . THR A 1 143 ? 15.528  -0.500  2.180   1.00 11.31 ? 162 THR A O   1 
ATOM   1137 C  CB  . THR A 1 143 ? 12.954  1.653   2.218   1.00 12.01 ? 162 THR A CB  1 
ATOM   1138 O  OG1 . THR A 1 143 ? 12.497  2.851   1.559   1.00 12.73 ? 162 THR A OG1 1 
ATOM   1139 C  CG2 . THR A 1 143 ? 13.841  2.037   3.450   1.00 11.69 ? 162 THR A CG2 1 
ATOM   1140 N  N   . ASP A 1 144 ? 13.557  -1.560  1.901   1.00 12.15 ? 163 ASP A N   1 
ATOM   1141 C  CA  . ASP A 1 144 ? 14.093  -2.873  2.328   1.00 12.13 ? 163 ASP A CA  1 
ATOM   1142 C  C   . ASP A 1 144 ? 15.244  -3.320  1.430   1.00 11.72 ? 163 ASP A C   1 
ATOM   1143 O  O   . ASP A 1 144 ? 16.283  -3.778  1.912   1.00 11.71 ? 163 ASP A O   1 
ATOM   1144 C  CB  . ASP A 1 144 ? 12.978  -3.933  2.291   1.00 12.04 ? 163 ASP A CB  1 
ATOM   1145 C  CG  . ASP A 1 144 ? 12.033  -3.831  3.482   1.00 13.20 ? 163 ASP A CG  1 
ATOM   1146 O  OD1 . ASP A 1 144 ? 12.226  -2.993  4.382   1.00 12.67 ? 163 ASP A OD1 1 
ATOM   1147 O  OD2 . ASP A 1 144 ? 11.095  -4.641  3.526   1.00 16.90 ? 163 ASP A OD2 1 
ATOM   1148 N  N   . ILE A 1 145 ? 15.066  -3.168  0.114   1.00 11.51 ? 164 ILE A N   1 
ATOM   1149 C  CA  . ILE A 1 145 ? 16.096  -3.553  -0.835  1.00 12.09 ? 164 ILE A CA  1 
ATOM   1150 C  C   . ILE A 1 145 ? 17.346  -2.689  -0.631  1.00 11.70 ? 164 ILE A C   1 
ATOM   1151 O  O   . ILE A 1 145 ? 18.482  -3.209  -0.635  1.00 12.06 ? 164 ILE A O   1 
ATOM   1152 C  CB  . ILE A 1 145 ? 15.567  -3.458  -2.278  1.00 12.02 ? 164 ILE A CB  1 
ATOM   1153 C  CG1 . ILE A 1 145 ? 14.572  -4.595  -2.565  1.00 12.13 ? 164 ILE A CG1 1 
ATOM   1154 C  CG2 . ILE A 1 145 ? 16.684  -3.549  -3.297  1.00 13.19 ? 164 ILE A CG2 1 
ATOM   1155 C  CD1 . ILE A 1 145 ? 13.702  -4.271  -3.806  1.00 16.41 ? 164 ILE A CD1 1 
ATOM   1156 N  N   . PHE A 1 146 ? 17.150  -1.383  -0.473  1.00 12.87 ? 165 PHE A N   1 
ATOM   1157 C  CA  . PHE A 1 146 ? 18.286  -0.469  -0.247  1.00 12.53 ? 165 PHE A CA  1 
ATOM   1158 C  C   . PHE A 1 146 ? 19.037  -0.840  1.037   1.00 12.78 ? 165 PHE A C   1 
ATOM   1159 O  O   . PHE A 1 146 ? 20.274  -0.922  1.052   1.00 13.19 ? 165 PHE A O   1 
ATOM   1160 C  CB  . PHE A 1 146 ? 17.841  0.968   -0.181  1.00 13.08 ? 165 PHE A CB  1 
ATOM   1161 C  CG  . PHE A 1 146 ? 18.983  1.947   -0.195  1.00 12.58 ? 165 PHE A CG  1 
ATOM   1162 C  CD1 . PHE A 1 146 ? 19.513  2.403   -1.398  1.00 12.52 ? 165 PHE A CD1 1 
ATOM   1163 C  CD2 . PHE A 1 146 ? 19.567  2.361   1.002   1.00 12.54 ? 165 PHE A CD2 1 
ATOM   1164 C  CE1 . PHE A 1 146 ? 20.579  3.317   -1.410  1.00 15.07 ? 165 PHE A CE1 1 
ATOM   1165 C  CE2 . PHE A 1 146 ? 20.636  3.284   1.003   1.00 14.14 ? 165 PHE A CE2 1 
ATOM   1166 C  CZ  . PHE A 1 146 ? 21.143  3.744   -0.203  1.00 14.33 ? 165 PHE A CZ  1 
ATOM   1167 N  N   . ARG A 1 147 ? 18.279  -1.097  2.105   1.00 11.77 ? 166 ARG A N   1 
ATOM   1168 C  CA  . ARG A 1 147 ? 18.904  -1.522  3.356   1.00 12.05 ? 166 ARG A CA  1 
ATOM   1169 C  C   . ARG A 1 147 ? 19.812  -2.742  3.190   1.00 12.63 ? 166 ARG A C   1 
ATOM   1170 O  O   . ARG A 1 147 ? 20.869  -2.831  3.816   1.00 12.77 ? 166 ARG A O   1 
ATOM   1171 C  CB  . ARG A 1 147 ? 17.836  -1.814  4.407   1.00 10.55 ? 166 ARG A CB  1 
ATOM   1172 C  CG  . ARG A 1 147 ? 18.395  -1.877  5.832   1.00 11.19 ? 166 ARG A CG  1 
ATOM   1173 C  CD  . ARG A 1 147 ? 17.313  -2.115  6.909   1.00 11.66 ? 166 ARG A CD  1 
ATOM   1174 N  NE  . ARG A 1 147 ? 16.332  -1.027  6.924   1.00 14.54 ? 166 ARG A NE  1 
ATOM   1175 C  CZ  . ARG A 1 147 ? 15.125  -1.112  6.370   1.00 13.80 ? 166 ARG A CZ  1 
ATOM   1176 N  NH1 . ARG A 1 147 ? 14.715  -2.267  5.806   1.00 11.49 ? 166 ARG A NH1 1 
ATOM   1177 N  NH2 . ARG A 1 147 ? 14.326  -0.047  6.403   1.00 13.14 ? 166 ARG A NH2 1 
ATOM   1178 N  N   . ARG A 1 148 ? 19.405  -3.713  2.363   1.00 12.29 ? 167 ARG A N   1 
ATOM   1179 C  CA  . ARG A 1 148 ? 20.233  -4.874  2.098   1.00 13.81 ? 167 ARG A CA  1 
ATOM   1180 C  C   . ARG A 1 148 ? 21.599  -4.494  1.505   1.00 13.82 ? 167 ARG A C   1 
ATOM   1181 O  O   . ARG A 1 148 ? 22.613  -5.110  1.827   1.00 13.78 ? 167 ARG A O   1 
ATOM   1182 C  CB  . ARG A 1 148 ? 19.477  -5.818  1.145   1.00 14.59 ? 167 ARG A CB  1 
ATOM   1183 C  CG  . ARG A 1 148 ? 20.186  -7.079  0.793   1.00 17.83 ? 167 ARG A CG  1 
ATOM   1184 C  CD  . ARG A 1 148 ? 19.200  -8.103  0.243   1.00 25.25 ? 167 ARG A CD  1 
ATOM   1185 N  NE  . ARG A 1 148 ? 18.348  -7.535  -0.797  1.00 31.03 ? 167 ARG A NE  1 
ATOM   1186 C  CZ  . ARG A 1 148 ? 17.218  -8.086  -1.239  1.00 34.78 ? 167 ARG A CZ  1 
ATOM   1187 N  NH1 . ARG A 1 148 ? 16.792  -9.246  -0.747  1.00 38.44 ? 167 ARG A NH1 1 
ATOM   1188 N  NH2 . ARG A 1 148 ? 16.516  -7.479  -2.191  1.00 36.14 ? 167 ARG A NH2 1 
ATOM   1189 N  N   . TYR A 1 149 ? 21.626  -3.479  0.638   1.00 13.32 ? 168 TYR A N   1 
ATOM   1190 C  CA  . TYR A 1 149 ? 22.875  -3.140  -0.039  1.00 14.06 ? 168 TYR A CA  1 
ATOM   1191 C  C   . TYR A 1 149 ? 23.731  -2.110  0.680   1.00 14.53 ? 168 TYR A C   1 
ATOM   1192 O  O   . TYR A 1 149 ? 24.939  -2.010  0.399   1.00 15.66 ? 168 TYR A O   1 
ATOM   1193 C  CB  . TYR A 1 149 ? 22.605  -2.716  -1.486  1.00 14.51 ? 168 TYR A CB  1 
ATOM   1194 C  CG  . TYR A 1 149 ? 22.162  -3.872  -2.358  1.00 13.83 ? 168 TYR A CG  1 
ATOM   1195 C  CD1 . TYR A 1 149 ? 23.085  -4.590  -3.104  1.00 16.16 ? 168 TYR A CD1 1 
ATOM   1196 C  CD2 . TYR A 1 149 ? 20.826  -4.243  -2.429  1.00 16.66 ? 168 TYR A CD2 1 
ATOM   1197 C  CE1 . TYR A 1 149 ? 22.691  -5.673  -3.902  1.00 17.87 ? 168 TYR A CE1 1 
ATOM   1198 C  CE2 . TYR A 1 149 ? 20.421  -5.321  -3.203  1.00 18.32 ? 168 TYR A CE2 1 
ATOM   1199 C  CZ  . TYR A 1 149 ? 21.352  -6.013  -3.951  1.00 19.25 ? 168 TYR A CZ  1 
ATOM   1200 O  OH  . TYR A 1 149 ? 20.929  -7.069  -4.720  1.00 19.85 ? 168 TYR A OH  1 
ATOM   1201 N  N   . ASP A 1 150 ? 23.130  -1.350  1.586   1.00 14.54 ? 169 ASP A N   1 
ATOM   1202 C  CA  . ASP A 1 150 ? 23.841  -0.294  2.331   1.00 14.86 ? 169 ASP A CA  1 
ATOM   1203 C  C   . ASP A 1 150 ? 24.549  -0.940  3.530   1.00 16.15 ? 169 ASP A C   1 
ATOM   1204 O  O   . ASP A 1 150 ? 24.062  -0.903  4.668   1.00 16.49 ? 169 ASP A O   1 
ATOM   1205 C  CB  . ASP A 1 150 ? 22.873  0.823   2.744   1.00 14.73 ? 169 ASP A CB  1 
ATOM   1206 C  CG  . ASP A 1 150 ? 23.563  1.973   3.477   1.00 14.18 ? 169 ASP A CG  1 
ATOM   1207 O  OD1 . ASP A 1 150 ? 24.813  1.968   3.559   1.00 17.15 ? 169 ASP A OD1 1 
ATOM   1208 O  OD2 . ASP A 1 150 ? 22.850  2.853   3.949   1.00 16.23 ? 169 ASP A OD2 1 
ATOM   1209 N  N   . THR A 1 151 ? 25.709  -1.530  3.260   1.00 17.55 ? 170 THR A N   1 
ATOM   1210 C  CA  . THR A 1 151 ? 26.352  -2.429  4.235   1.00 19.33 ? 170 THR A CA  1 
ATOM   1211 C  C   . THR A 1 151 ? 26.953  -1.684  5.433   1.00 19.94 ? 170 THR A C   1 
ATOM   1212 O  O   . THR A 1 151 ? 27.150  -2.272  6.502   1.00 20.06 ? 170 THR A O   1 
ATOM   1213 C  CB  . THR A 1 151 ? 27.411  -3.350  3.593   1.00 20.09 ? 170 THR A CB  1 
ATOM   1214 O  OG1 . THR A 1 151 ? 28.378  -2.559  2.885   1.00 21.11 ? 170 THR A OG1 1 
ATOM   1215 C  CG2 . THR A 1 151 ? 26.747  -4.360  2.648   1.00 19.35 ? 170 THR A CG2 1 
ATOM   1216 N  N   . ASP A 1 152 ? 27.228  -0.396  5.269   1.00 20.47 ? 171 ASP A N   1 
ATOM   1217 C  CA  . ASP A 1 152 ? 27.759  0.399   6.385   1.00 21.76 ? 171 ASP A CA  1 
ATOM   1218 C  C   . ASP A 1 152 ? 26.821  1.495   6.905   1.00 22.05 ? 171 ASP A C   1 
ATOM   1219 O  O   . ASP A 1 152 ? 27.229  2.387   7.658   1.00 22.62 ? 171 ASP A O   1 
ATOM   1220 C  CB  . ASP A 1 152 ? 29.161  0.931   6.021   1.00 21.54 ? 171 ASP A CB  1 
ATOM   1221 C  CG  . ASP A 1 152 ? 29.146  1.866   4.829   1.00 23.06 ? 171 ASP A CG  1 
ATOM   1222 O  OD1 . ASP A 1 152 ? 30.233  2.372   4.482   1.00 24.68 ? 171 ASP A OD1 1 
ATOM   1223 O  OD2 . ASP A 1 152 ? 28.060  2.119   4.238   1.00 19.56 ? 171 ASP A OD2 1 
ATOM   1224 N  N   . GLN A 1 153 ? 25.545  1.427   6.502   1.00 22.14 ? 172 GLN A N   1 
ATOM   1225 C  CA  . GLN A 1 153 ? 24.510  2.364   6.938   1.00 22.23 ? 172 GLN A CA  1 
ATOM   1226 C  C   . GLN A 1 153 ? 24.894  3.835   6.789   1.00 23.09 ? 172 GLN A C   1 
ATOM   1227 O  O   . GLN A 1 153 ? 24.756  4.609   7.727   1.00 23.22 ? 172 GLN A O   1 
ATOM   1228 C  CB  . GLN A 1 153 ? 24.032  2.084   8.385   1.00 22.70 ? 172 GLN A CB  1 
ATOM   1229 C  CG  . GLN A 1 153 ? 23.379  0.717   8.622   1.00 22.67 ? 172 GLN A CG  1 
ATOM   1230 C  CD  . GLN A 1 153 ? 24.363  -0.435  8.638   1.00 25.26 ? 172 GLN A CD  1 
ATOM   1231 O  OE1 . GLN A 1 153 ? 24.065  -1.534  8.174   1.00 27.01 ? 172 GLN A OE1 1 
ATOM   1232 N  NE2 . GLN A 1 153 ? 25.551  -0.187  9.168   1.00 25.62 ? 172 GLN A NE2 1 
ATOM   1233 N  N   . ASP A 1 154 ? 25.385  4.229   5.616   1.00 21.98 ? 173 ASP A N   1 
ATOM   1234 C  CA  . ASP A 1 154 ? 25.653  5.642   5.411   1.00 22.72 ? 173 ASP A CA  1 
ATOM   1235 C  C   . ASP A 1 154 ? 24.694  6.308   4.430   1.00 21.61 ? 173 ASP A C   1 
ATOM   1236 O  O   . ASP A 1 154 ? 24.862  7.477   4.067   1.00 21.99 ? 173 ASP A O   1 
ATOM   1237 C  CB  . ASP A 1 154 ? 27.127  5.859   5.031   1.00 22.80 ? 173 ASP A CB  1 
ATOM   1238 C  CG  . ASP A 1 154 ? 27.476  5.319   3.659   1.00 25.10 ? 173 ASP A CG  1 
ATOM   1239 O  OD1 . ASP A 1 154 ? 26.651  4.577   3.035   1.00 21.52 ? 173 ASP A OD1 1 
ATOM   1240 O  OD2 . ASP A 1 154 ? 28.603  5.620   3.199   1.00 25.45 ? 173 ASP A OD2 1 
ATOM   1241 N  N   . GLY A 1 155 ? 23.673  5.575   3.989   1.00 20.52 ? 174 GLY A N   1 
ATOM   1242 C  CA  . GLY A 1 155 ? 22.713  6.146   3.049   1.00 18.86 ? 174 GLY A CA  1 
ATOM   1243 C  C   . GLY A 1 155 ? 23.165  6.119   1.592   1.00 17.86 ? 174 GLY A C   1 
ATOM   1244 O  O   . GLY A 1 155 ? 22.555  6.766   0.748   1.00 17.30 ? 174 GLY A O   1 
ATOM   1245 N  N   . TRP A 1 156 ? 24.239  5.375   1.320   1.00 17.28 ? 175 TRP A N   1 
ATOM   1246 C  CA  . TRP A 1 156 ? 24.767  5.175   -0.044  1.00 16.95 ? 175 TRP A CA  1 
ATOM   1247 C  C   . TRP A 1 156 ? 25.015  3.705   -0.327  1.00 15.86 ? 175 TRP A C   1 
ATOM   1248 O  O   . TRP A 1 156 ? 25.322  2.905   0.592   1.00 15.14 ? 175 TRP A O   1 
ATOM   1249 C  CB  . TRP A 1 156 ? 26.093  5.927   -0.224  1.00 17.98 ? 175 TRP A CB  1 
ATOM   1250 C  CG  . TRP A 1 156 ? 25.938  7.429   -0.219  1.00 19.38 ? 175 TRP A CG  1 
ATOM   1251 C  CD1 . TRP A 1 156 ? 25.722  8.225   0.862   1.00 22.37 ? 175 TRP A CD1 1 
ATOM   1252 C  CD2 . TRP A 1 156 ? 25.997  8.302   -1.354  1.00 20.86 ? 175 TRP A CD2 1 
ATOM   1253 N  NE1 . TRP A 1 156 ? 25.629  9.546   0.477   1.00 23.65 ? 175 TRP A NE1 1 
ATOM   1254 C  CE2 . TRP A 1 156 ? 25.805  9.624   -0.877  1.00 21.81 ? 175 TRP A CE2 1 
ATOM   1255 C  CE3 . TRP A 1 156 ? 26.198  8.101   -2.722  1.00 20.85 ? 175 TRP A CE3 1 
ATOM   1256 C  CZ2 . TRP A 1 156 ? 25.790  10.740  -1.726  1.00 20.62 ? 175 TRP A CZ2 1 
ATOM   1257 C  CZ3 . TRP A 1 156 ? 26.186  9.222   -3.572  1.00 22.02 ? 175 TRP A CZ3 1 
ATOM   1258 C  CH2 . TRP A 1 156 ? 25.975  10.521  -3.057  1.00 21.61 ? 175 TRP A CH2 1 
ATOM   1259 N  N   . ILE A 1 157 ? 24.872  3.331   -1.591  1.00 14.62 ? 176 ILE A N   1 
ATOM   1260 C  CA  . ILE A 1 157 ? 25.245  2.008   -2.033  1.00 14.62 ? 176 ILE A CA  1 
ATOM   1261 C  C   . ILE A 1 157 ? 26.193  2.084   -3.220  1.00 14.79 ? 176 ILE A C   1 
ATOM   1262 O  O   . ILE A 1 157 ? 26.167  3.047   -3.991  1.00 15.39 ? 176 ILE A O   1 
ATOM   1263 C  CB  . ILE A 1 157 ? 24.037  1.114   -2.401  1.00 13.91 ? 176 ILE A CB  1 
ATOM   1264 C  CG1 . ILE A 1 157 ? 23.221  1.710   -3.562  1.00 14.56 ? 176 ILE A CG1 1 
ATOM   1265 C  CG2 . ILE A 1 157 ? 23.157  0.889   -1.150  1.00 14.21 ? 176 ILE A CG2 1 
ATOM   1266 C  CD1 . ILE A 1 157 ? 22.114  0.726   -4.055  1.00 15.09 ? 176 ILE A CD1 1 
ATOM   1267 N  N   . GLN A 1 158 ? 27.051  1.078   -3.310  1.00 15.48 ? 177 GLN A N   1 
ATOM   1268 C  CA  . GLN A 1 158 ? 27.919  0.888   -4.460  1.00 16.63 ? 177 GLN A CA  1 
ATOM   1269 C  C   . GLN A 1 158 ? 27.639  -0.499  -5.009  1.00 16.53 ? 177 GLN A C   1 
ATOM   1270 O  O   . GLN A 1 158 ? 27.838  -1.510  -4.315  1.00 16.74 ? 177 GLN A O   1 
ATOM   1271 C  CB  . GLN A 1 158 ? 29.385  1.025   -4.033  1.00 17.52 ? 177 GLN A CB  1 
ATOM   1272 C  CG  . GLN A 1 158 ? 30.358  0.902   -5.164  1.00 22.55 ? 177 GLN A CG  1 
ATOM   1273 C  CD  . GLN A 1 158 ? 31.682  1.514   -4.788  1.00 28.27 ? 177 GLN A CD  1 
ATOM   1274 O  OE1 . GLN A 1 158 ? 32.309  1.104   -3.804  1.00 31.72 ? 177 GLN A OE1 1 
ATOM   1275 N  NE2 . GLN A 1 158 ? 32.111  2.514   -5.550  1.00 32.34 ? 177 GLN A NE2 1 
ATOM   1276 N  N   . VAL A 1 159 ? 27.169  -0.552  -6.258  1.00 15.95 ? 178 VAL A N   1 
ATOM   1277 C  CA  . VAL A 1 159 ? 26.814  -1.816  -6.877  1.00 15.27 ? 178 VAL A CA  1 
ATOM   1278 C  C   . VAL A 1 159 ? 27.322  -1.920  -8.305  1.00 15.65 ? 178 VAL A C   1 
ATOM   1279 O  O   . VAL A 1 159 ? 27.386  -0.921  -9.013  1.00 14.96 ? 178 VAL A O   1 
ATOM   1280 C  CB  . VAL A 1 159 ? 25.278  -2.081  -6.888  1.00 15.10 ? 178 VAL A CB  1 
ATOM   1281 C  CG1 . VAL A 1 159 ? 24.761  -2.380  -5.467  1.00 16.36 ? 178 VAL A CG1 1 
ATOM   1282 C  CG2 . VAL A 1 159 ? 24.511  -0.914  -7.529  1.00 13.57 ? 178 VAL A CG2 1 
ATOM   1283 N  N   . SER A 1 160 ? 27.666  -3.142  -8.697  1.00 16.25 ? 179 SER A N   1 
ATOM   1284 C  CA  . SER A 1 160 ? 28.095  -3.437  -10.050 1.00 15.87 ? 179 SER A CA  1 
ATOM   1285 C  C   . SER A 1 160 ? 26.856  -3.503  -10.954 1.00 16.06 ? 179 SER A C   1 
ATOM   1286 O  O   . SER A 1 160 ? 25.714  -3.610  -10.473 1.00 15.95 ? 179 SER A O   1 
ATOM   1287 C  CB  . SER A 1 160 ? 28.837  -4.767  -10.121 1.00 16.40 ? 179 SER A CB  1 
ATOM   1288 O  OG  . SER A 1 160 ? 27.920  -5.835  -9.896  1.00 17.81 ? 179 SER A OG  1 
ATOM   1289 N  N   . TYR A 1 161 ? 27.106  -3.453  -12.255 1.00 15.82 ? 180 TYR A N   1 
ATOM   1290 C  CA  . TYR A 1 161 ? 26.035  -3.555  -13.263 1.00 15.35 ? 180 TYR A CA  1 
ATOM   1291 C  C   . TYR A 1 161 ? 25.128  -4.769  -12.997 1.00 15.72 ? 180 TYR A C   1 
ATOM   1292 O  O   . TYR A 1 161 ? 23.908  -4.623  -12.907 1.00 16.11 ? 180 TYR A O   1 
ATOM   1293 C  CB  . TYR A 1 161 ? 26.681  -3.629  -14.646 1.00 15.63 ? 180 TYR A CB  1 
ATOM   1294 C  CG  . TYR A 1 161 ? 25.766  -3.907  -15.815 1.00 14.54 ? 180 TYR A CG  1 
ATOM   1295 C  CD1 . TYR A 1 161 ? 24.642  -3.114  -16.077 1.00 12.90 ? 180 TYR A CD1 1 
ATOM   1296 C  CD2 . TYR A 1 161 ? 26.067  -4.950  -16.696 1.00 16.29 ? 180 TYR A CD2 1 
ATOM   1297 C  CE1 . TYR A 1 161 ? 23.826  -3.368  -17.192 1.00 13.46 ? 180 TYR A CE1 1 
ATOM   1298 C  CE2 . TYR A 1 161 ? 25.280  -5.212  -17.795 1.00 16.33 ? 180 TYR A CE2 1 
ATOM   1299 C  CZ  . TYR A 1 161 ? 24.156  -4.425  -18.042 1.00 15.89 ? 180 TYR A CZ  1 
ATOM   1300 O  OH  . TYR A 1 161 ? 23.400  -4.710  -19.154 1.00 15.40 ? 180 TYR A OH  1 
ATOM   1301 N  N   . GLU A 1 162 ? 25.719  -5.948  -12.814 1.00 17.56 ? 181 GLU A N   1 
ATOM   1302 C  CA  . GLU A 1 162 ? 24.930  -7.169  -12.577 1.00 17.93 ? 181 GLU A CA  1 
ATOM   1303 C  C   . GLU A 1 162 ? 24.271  -7.245  -11.202 1.00 17.99 ? 181 GLU A C   1 
ATOM   1304 O  O   . GLU A 1 162 ? 23.170  -7.786  -11.075 1.00 17.88 ? 181 GLU A O   1 
ATOM   1305 C  CB  . GLU A 1 162 ? 25.742  -8.436  -12.887 1.00 19.32 ? 181 GLU A CB  1 
ATOM   1306 C  CG  . GLU A 1 162 ? 25.702  -8.790  -14.359 1.00 19.55 ? 181 GLU A CG  1 
ATOM   1307 C  CD  . GLU A 1 162 ? 26.437  -10.072 -14.706 1.00 20.95 ? 181 GLU A CD  1 
ATOM   1308 O  OE1 . GLU A 1 162 ? 26.244  -11.082 -14.004 1.00 20.86 ? 181 GLU A OE1 1 
ATOM   1309 O  OE2 . GLU A 1 162 ? 27.195  -10.042 -15.689 1.00 21.03 ? 181 GLU A OE2 1 
ATOM   1310 N  N   . GLN A 1 163 ? 24.915  -6.680  -10.176 1.00 17.76 ? 182 GLN A N   1 
ATOM   1311 C  CA  . GLN A 1 163 ? 24.256  -6.531  -8.874  1.00 16.92 ? 182 GLN A CA  1 
ATOM   1312 C  C   . GLN A 1 163 ? 23.000  -5.665  -8.996  1.00 16.47 ? 182 GLN A C   1 
ATOM   1313 O  O   . GLN A 1 163 ? 21.936  -6.015  -8.488  1.00 16.75 ? 182 GLN A O   1 
ATOM   1314 C  CB  . GLN A 1 163 ? 25.221  -5.943  -7.825  1.00 17.44 ? 182 GLN A CB  1 
ATOM   1315 C  CG  . GLN A 1 163 ? 26.272  -6.966  -7.361  1.00 18.92 ? 182 GLN A CG  1 
ATOM   1316 C  CD  . GLN A 1 163 ? 27.456  -6.333  -6.632  1.00 23.22 ? 182 GLN A CD  1 
ATOM   1317 O  OE1 . GLN A 1 163 ? 27.507  -5.129  -6.425  1.00 21.57 ? 182 GLN A OE1 1 
ATOM   1318 N  NE2 . GLN A 1 163 ? 28.430  -7.171  -6.246  1.00 27.87 ? 182 GLN A NE2 1 
ATOM   1319 N  N   . TYR A 1 164 ? 23.143  -4.542  -9.695  1.00 14.68 ? 183 TYR A N   1 
ATOM   1320 C  CA  . TYR A 1 164 ? 22.048  -3.634  -9.988  1.00 14.18 ? 183 TYR A CA  1 
ATOM   1321 C  C   . TYR A 1 164 ? 20.881  -4.333  -10.725 1.00 14.63 ? 183 TYR A C   1 
ATOM   1322 O  O   . TYR A 1 164 ? 19.722  -4.151  -10.362 1.00 14.51 ? 183 TYR A O   1 
ATOM   1323 C  CB  . TYR A 1 164 ? 22.611  -2.452  -10.793 1.00 14.42 ? 183 TYR A CB  1 
ATOM   1324 C  CG  . TYR A 1 164 ? 21.627  -1.712  -11.659 1.00 14.59 ? 183 TYR A CG  1 
ATOM   1325 C  CD1 . TYR A 1 164 ? 20.867  -0.676  -11.144 1.00 12.77 ? 183 TYR A CD1 1 
ATOM   1326 C  CD2 . TYR A 1 164 ? 21.479  -2.042  -13.014 1.00 14.84 ? 183 TYR A CD2 1 
ATOM   1327 C  CE1 . TYR A 1 164 ? 19.959  0.034   -11.941 1.00 14.87 ? 183 TYR A CE1 1 
ATOM   1328 C  CE2 . TYR A 1 164 ? 20.563  -1.346  -13.830 1.00 12.41 ? 183 TYR A CE2 1 
ATOM   1329 C  CZ  . TYR A 1 164 ? 19.813  -0.324  -13.292 1.00 12.21 ? 183 TYR A CZ  1 
ATOM   1330 O  OH  . TYR A 1 164 ? 18.941  0.389   -14.074 1.00 13.10 ? 183 TYR A OH  1 
ATOM   1331 N  N   . LEU A 1 165 ? 21.187  -5.112  -11.754 1.00 15.16 ? 184 LEU A N   1 
ATOM   1332 C  CA  . LEU A 1 165 ? 20.116  -5.839  -12.492 1.00 15.75 ? 184 LEU A CA  1 
ATOM   1333 C  C   . LEU A 1 165 ? 19.345  -6.760  -11.552 1.00 16.34 ? 184 LEU A C   1 
ATOM   1334 O  O   . LEU A 1 165 ? 18.110  -6.740  -11.516 1.00 16.99 ? 184 LEU A O   1 
ATOM   1335 C  CB  . LEU A 1 165 ? 20.684  -6.632  -13.661 1.00 15.26 ? 184 LEU A CB  1 
ATOM   1336 C  CG  . LEU A 1 165 ? 21.247  -5.742  -14.784 1.00 14.88 ? 184 LEU A CG  1 
ATOM   1337 C  CD1 . LEU A 1 165 ? 21.897  -6.579  -15.872 1.00 16.02 ? 184 LEU A CD1 1 
ATOM   1338 C  CD2 . LEU A 1 165 ? 20.134  -4.822  -15.371 1.00 12.91 ? 184 LEU A CD2 1 
ATOM   1339 N  N   . SER A 1 166 ? 20.087  -7.542  -10.779 1.00 17.28 ? 185 SER A N   1 
ATOM   1340 C  CA  . SER A 1 166 ? 19.468  -8.446  -9.778  1.00 18.62 ? 185 SER A CA  1 
ATOM   1341 C  C   . SER A 1 166 ? 18.678  -7.689  -8.709  1.00 18.58 ? 185 SER A C   1 
ATOM   1342 O  O   . SER A 1 166 ? 17.587  -8.107  -8.316  1.00 18.91 ? 185 SER A O   1 
ATOM   1343 C  CB  . SER A 1 166 ? 20.517  -9.383  -9.174  1.00 18.62 ? 185 SER A CB  1 
ATOM   1344 O  OG  . SER A 1 166 ? 20.618  -10.555 -9.988  1.00 22.15 ? 185 SER A OG  1 
ATOM   1345 N  N   . MET A 1 167 ? 19.222  -6.560  -8.256  1.00 17.69 ? 186 MET A N   1 
ATOM   1346 C  CA  . MET A 1 167 ? 18.534  -5.670  -7.350  1.00 17.80 ? 186 MET A CA  1 
ATOM   1347 C  C   . MET A 1 167 ? 17.180  -5.225  -7.901  1.00 17.62 ? 186 MET A C   1 
ATOM   1348 O  O   . MET A 1 167 ? 16.179  -5.350  -7.230  1.00 17.84 ? 186 MET A O   1 
ATOM   1349 C  CB  . MET A 1 167 ? 19.458  -4.479  -7.012  1.00 18.01 ? 186 MET A CB  1 
ATOM   1350 C  CG  . MET A 1 167 ? 18.966  -3.533  -5.970  1.00 17.91 ? 186 MET A CG  1 
ATOM   1351 S  SD  . MET A 1 167 ? 20.136  -2.149  -5.725  1.00 19.75 ? 186 MET A SD  1 
ATOM   1352 C  CE  . MET A 1 167 ? 19.902  -1.208  -7.249  1.00 21.02 ? 186 MET A CE  1 
ATOM   1353 N  N   . VAL A 1 168 ? 17.141  -4.726  -9.140  1.00 16.38 ? 187 VAL A N   1 
ATOM   1354 C  CA  . VAL A 1 168 ? 15.888  -4.289  -9.738  1.00 16.69 ? 187 VAL A CA  1 
ATOM   1355 C  C   . VAL A 1 168 ? 14.920  -5.471  -9.941  1.00 16.73 ? 187 VAL A C   1 
ATOM   1356 O  O   . VAL A 1 168 ? 13.710  -5.341  -9.709  1.00 17.08 ? 187 VAL A O   1 
ATOM   1357 C  CB  . VAL A 1 168 ? 16.145  -3.538  -11.080 1.00 17.32 ? 187 VAL A CB  1 
ATOM   1358 C  CG1 . VAL A 1 168 ? 14.843  -3.232  -11.792 1.00 17.35 ? 187 VAL A CG1 1 
ATOM   1359 C  CG2 . VAL A 1 168 ? 16.902  -2.243  -10.812 1.00 16.36 ? 187 VAL A CG2 1 
ATOM   1360 N  N   . PHE A 1 169 ? 15.471  -6.608  -10.348 1.00 17.16 ? 188 PHE A N   1 
ATOM   1361 C  CA  . PHE A 1 169 ? 14.673  -7.820  -10.569 1.00 19.09 ? 188 PHE A CA  1 
ATOM   1362 C  C   . PHE A 1 169 ? 14.018  -8.312  -9.270  1.00 20.64 ? 188 PHE A C   1 
ATOM   1363 O  O   . PHE A 1 169 ? 13.013  -9.014  -9.304  1.00 22.15 ? 188 PHE A O   1 
ATOM   1364 C  CB  . PHE A 1 169 ? 15.527  -8.918  -11.172 1.00 19.68 ? 188 PHE A CB  1 
ATOM   1365 C  CG  . PHE A 1 169 ? 15.784  -8.764  -12.655 1.00 18.38 ? 188 PHE A CG  1 
ATOM   1366 C  CD1 . PHE A 1 169 ? 15.237  -7.707  -13.388 1.00 19.29 ? 188 PHE A CD1 1 
ATOM   1367 C  CD2 . PHE A 1 169 ? 16.531  -9.726  -13.329 1.00 19.58 ? 188 PHE A CD2 1 
ATOM   1368 C  CE1 . PHE A 1 169 ? 15.470  -7.589  -14.782 1.00 17.41 ? 188 PHE A CE1 1 
ATOM   1369 C  CE2 . PHE A 1 169 ? 16.763  -9.618  -14.709 1.00 19.68 ? 188 PHE A CE2 1 
ATOM   1370 C  CZ  . PHE A 1 169 ? 16.247  -8.543  -15.429 1.00 18.67 ? 188 PHE A CZ  1 
ATOM   1371 N  N   . SER A 1 170 ? 14.581  -7.930  -8.133  1.00 22.19 ? 189 SER A N   1 
ATOM   1372 C  CA  . SER A 1 170 ? 14.044  -8.394  -6.848  1.00 23.58 ? 189 SER A CA  1 
ATOM   1373 C  C   . SER A 1 170 ? 12.864  -7.566  -6.328  1.00 25.43 ? 189 SER A C   1 
ATOM   1374 O  O   . SER A 1 170 ? 12.275  -7.905  -5.293  1.00 26.53 ? 189 SER A O   1 
ATOM   1375 C  CB  . SER A 1 170 ? 15.160  -8.444  -5.813  1.00 23.39 ? 189 SER A CB  1 
ATOM   1376 O  OG  . SER A 1 170 ? 15.446  -7.138  -5.354  1.00 22.64 ? 189 SER A OG  1 
ATOM   1377 N  N   . ILE A 1 171 ? 12.487  -6.513  -7.043  1.00 26.98 ? 190 ILE A N   1 
ATOM   1378 C  CA  . ILE A 1 171 ? 11.453  -5.574  -6.562  1.00 29.53 ? 190 ILE A CA  1 
ATOM   1379 C  C   . ILE A 1 171 ? 10.044  -6.098  -6.084  1.00 32.09 ? 190 ILE A C   1 
ATOM   1380 O  O   . ILE A 1 171 ? 9.732   -5.944  -4.913  1.00 34.27 ? 190 ILE A O   1 
ATOM   1381 C  CB  . ILE A 1 171 ? 11.367  -4.287  -7.433  1.00 29.08 ? 190 ILE A CB  1 
ATOM   1382 C  CG1 . ILE A 1 171 ? 12.658  -3.470  -7.246  1.00 27.45 ? 190 ILE A CG1 1 
ATOM   1383 C  CG2 . ILE A 1 171 ? 10.122  -3.450  -7.068  1.00 28.15 ? 190 ILE A CG2 1 
ATOM   1384 C  CD1 . ILE A 1 171 ? 12.853  -2.363  -8.253  1.00 28.24 ? 190 ILE A CD1 1 
ATOM   1385 N  N   . VAL A 1 172 ? 9.214   -6.759  -6.883  1.00 34.63 ? 191 VAL A N   1 
ATOM   1386 C  CA  . VAL A 1 172 ? 9.507   -7.437  -8.121  1.00 35.54 ? 191 VAL A CA  1 
ATOM   1387 C  C   . VAL A 1 172 ? 8.734   -6.748  -9.246  1.00 36.06 ? 191 VAL A C   1 
ATOM   1388 O  O   . VAL A 1 172 ? 7.654   -6.196  -9.031  1.00 36.55 ? 191 VAL A O   1 
ATOM   1389 C  CB  . VAL A 1 172 ? 9.025   -8.917  -8.019  1.00 35.76 ? 191 VAL A CB  1 
ATOM   1390 C  CG1 . VAL A 1 172 ? 8.955   -9.570  -9.373  1.00 36.44 ? 191 VAL A CG1 1 
ATOM   1391 C  CG2 . VAL A 1 172 ? 9.916   -9.737  -7.072  1.00 36.89 ? 191 VAL A CG2 1 
HETATM 1392 C  C1  . MRD B 2 .   ? -2.679  -14.214 -4.983  1.00 33.95 ? 1   MRD A C1  1 
HETATM 1393 C  C2  . MRD B 2 .   ? -1.487  -14.734 -5.746  1.00 32.64 ? 1   MRD A C2  1 
HETATM 1394 O  O2  . MRD B 2 .   ? -1.940  -15.805 -6.586  1.00 32.14 ? 1   MRD A O2  1 
HETATM 1395 C  CM  . MRD B 2 .   ? -0.923  -13.727 -6.672  1.00 31.68 ? 1   MRD A CM  1 
HETATM 1396 C  C3  . MRD B 2 .   ? -0.338  -15.097 -4.819  1.00 35.08 ? 1   MRD A C3  1 
HETATM 1397 C  C4  . MRD B 2 .   ? 0.601   -13.913 -4.537  1.00 38.51 ? 1   MRD A C4  1 
HETATM 1398 O  O4  . MRD B 2 .   ? 1.525   -14.025 -3.508  1.00 39.53 ? 1   MRD A O4  1 
HETATM 1399 C  C5  . MRD B 2 .   ? 1.258   -13.278 -5.767  1.00 40.56 ? 1   MRD A C5  1 
HETATM 1400 C  C1  . MRD C 2 .   ? -12.603 4.846   3.935   1.00 29.29 ? 2   MRD A C1  1 
HETATM 1401 C  C2  . MRD C 2 .   ? -11.831 6.052   3.392   1.00 30.64 ? 2   MRD A C2  1 
HETATM 1402 O  O2  . MRD C 2 .   ? -11.277 5.672   2.105   1.00 32.83 ? 2   MRD A O2  1 
HETATM 1403 C  CM  . MRD C 2 .   ? -12.767 7.229   3.142   1.00 28.77 ? 2   MRD A CM  1 
HETATM 1404 C  C3  . MRD C 2 .   ? -10.643 6.438   4.281   1.00 30.45 ? 2   MRD A C3  1 
HETATM 1405 C  C4  . MRD C 2 .   ? -10.973 6.826   5.709   1.00 30.96 ? 2   MRD A C4  1 
HETATM 1406 O  O4  . MRD C 2 .   ? -11.366 5.673   6.429   1.00 33.22 ? 2   MRD A O4  1 
HETATM 1407 C  C5  . MRD C 2 .   ? -9.744  7.419   6.392   1.00 27.67 ? 2   MRD A C5  1 
HETATM 1408 C  C1  . MRD D 2 .   ? 17.383  2.331   4.172   1.00 35.68 ? 3   MRD A C1  1 
HETATM 1409 C  C2  . MRD D 2 .   ? 17.751  3.623   4.841   1.00 36.56 ? 3   MRD A C2  1 
HETATM 1410 O  O2  . MRD D 2 .   ? 18.510  4.390   3.916   1.00 39.25 ? 3   MRD A O2  1 
HETATM 1411 C  CM  . MRD D 2 .   ? 16.510  4.396   5.261   1.00 36.71 ? 3   MRD A CM  1 
HETATM 1412 C  C3  . MRD D 2 .   ? 18.740  3.332   5.932   1.00 35.64 ? 3   MRD A C3  1 
HETATM 1413 C  C4  . MRD D 2 .   ? 20.095  3.083   5.250   1.00 35.15 ? 3   MRD A C4  1 
HETATM 1414 O  O4  . MRD D 2 .   ? 20.992  4.004   5.754   1.00 32.84 ? 3   MRD A O4  1 
HETATM 1415 C  C5  . MRD D 2 .   ? 20.738  1.727   5.370   1.00 36.66 ? 3   MRD A C5  1 
HETATM 1416 C  C1  . MRD E 2 .   ? -0.452  1.270   8.566   1.00 61.89 ? 4   MRD A C1  1 
HETATM 1417 C  C2  . MRD E 2 .   ? 0.547   0.123   8.552   1.00 62.66 ? 4   MRD A C2  1 
HETATM 1418 O  O2  . MRD E 2 .   ? 0.747   -0.302  9.925   1.00 62.71 ? 4   MRD A O2  1 
HETATM 1419 C  CM  . MRD E 2 .   ? -0.041  -1.045  7.758   1.00 61.99 ? 4   MRD A CM  1 
HETATM 1420 C  C3  . MRD E 2 .   ? 1.861   0.640   7.961   1.00 63.20 ? 4   MRD A C3  1 
HETATM 1421 C  C4  . MRD E 2 .   ? 3.084   -0.243  8.199   1.00 64.08 ? 4   MRD A C4  1 
HETATM 1422 O  O4  . MRD E 2 .   ? 3.162   -1.214  7.178   1.00 64.77 ? 4   MRD A O4  1 
HETATM 1423 C  C5  . MRD E 2 .   ? 4.365   0.585   8.206   1.00 64.12 ? 4   MRD A C5  1 
HETATM 1424 C  C1  . MRD F 2 .   ? 9.551   0.735   5.808   1.00 39.64 ? 5   MRD A C1  1 
HETATM 1425 C  C2  . MRD F 2 .   ? 9.088   1.094   7.210   1.00 42.17 ? 5   MRD A C2  1 
HETATM 1426 O  O2  . MRD F 2 .   ? 7.712   1.558   7.098   1.00 42.50 ? 5   MRD A O2  1 
HETATM 1427 C  CM  . MRD F 2 .   ? 9.071   -0.151  8.097   1.00 42.35 ? 5   MRD A CM  1 
HETATM 1428 C  C3  . MRD F 2 .   ? 9.928   2.233   7.805   1.00 42.36 ? 5   MRD A C3  1 
HETATM 1429 C  C4  . MRD F 2 .   ? 11.453  2.069   7.747   1.00 43.31 ? 5   MRD A C4  1 
HETATM 1430 O  O4  . MRD F 2 .   ? 12.028  3.272   7.275   1.00 43.89 ? 5   MRD A O4  1 
HETATM 1431 C  C5  . MRD F 2 .   ? 12.024  1.760   9.126   1.00 43.32 ? 5   MRD A C5  1 
HETATM 1432 P  P   . PO4 G 3 .   ? -9.290  7.265   -11.984 1.00 73.43 ? 192 PO4 A P   1 
HETATM 1433 O  O1  . PO4 G 3 .   ? -9.525  8.706   -12.377 1.00 72.78 ? 192 PO4 A O1  1 
HETATM 1434 O  O2  . PO4 G 3 .   ? -8.579  7.233   -10.651 1.00 73.15 ? 192 PO4 A O2  1 
HETATM 1435 O  O3  . PO4 G 3 .   ? -8.436  6.577   -13.024 1.00 73.08 ? 192 PO4 A O3  1 
HETATM 1436 O  O4  . PO4 G 3 .   ? -10.611 6.534   -11.874 1.00 72.92 ? 192 PO4 A O4  1 
HETATM 1437 P  P   . PO4 H 3 .   ? 7.438   1.084   -9.588  1.00 86.83 ? 193 PO4 A P   1 
HETATM 1438 O  O1  . PO4 H 3 .   ? 7.642   -0.356  -9.174  1.00 86.39 ? 193 PO4 A O1  1 
HETATM 1439 O  O2  . PO4 H 3 .   ? 7.378   1.165   -11.092 1.00 86.76 ? 193 PO4 A O2  1 
HETATM 1440 O  O3  . PO4 H 3 .   ? 8.589   1.931   -9.096  1.00 86.74 ? 193 PO4 A O3  1 
HETATM 1441 O  O4  . PO4 H 3 .   ? 6.141   1.605   -9.008  1.00 86.58 ? 193 PO4 A O4  1 
HETATM 1442 NA NA  . NA  I 4 .   ? -15.355 -15.264 -3.448  1.00 15.25 ? 194 NA  A NA  1 
HETATM 1443 NA NA  . NA  J 4 .   ? -6.831  16.673  2.880   1.00 17.17 ? 195 NA  A NA  1 
HETATM 1444 NA NA  . NA  K 4 .   ? 26.786  2.422   2.292   1.00 17.08 ? 196 NA  A NA  1 
HETATM 1445 O  O   . HOH L 5 .   ? -13.946 0.191   -5.578  1.00 14.42 ? 197 HOH A O   1 
HETATM 1446 O  O   . HOH L 5 .   ? -4.538  9.948   -5.549  1.00 12.54 ? 198 HOH A O   1 
HETATM 1447 O  O   . HOH L 5 .   ? -8.994  8.962   -0.058  1.00 13.28 ? 199 HOH A O   1 
HETATM 1448 O  O   . HOH L 5 .   ? -7.167  6.992   -6.540  1.00 11.66 ? 200 HOH A O   1 
HETATM 1449 O  O   . HOH L 5 .   ? -17.261 -8.020  -2.633  1.00 15.30 ? 201 HOH A O   1 
HETATM 1450 O  O   . HOH L 5 .   ? -19.523 -22.189 0.389   1.00 16.43 ? 202 HOH A O   1 
HETATM 1451 O  O   . HOH L 5 .   ? -25.801 -20.995 -3.647  1.00 15.15 ? 203 HOH A O   1 
HETATM 1452 O  O   . HOH L 5 .   ? -9.290  12.573  8.341   1.00 13.00 ? 204 HOH A O   1 
HETATM 1453 O  O   . HOH L 5 .   ? 21.670  -1.143  5.731   1.00 16.77 ? 205 HOH A O   1 
HETATM 1454 O  O   . HOH L 5 .   ? 26.981  -0.836  -1.130  1.00 18.62 ? 206 HOH A O   1 
HETATM 1455 O  O   . HOH L 5 .   ? 11.757  -0.260  4.933   1.00 18.80 ? 207 HOH A O   1 
HETATM 1456 O  O   . HOH L 5 .   ? 3.225   0.335   -8.423  1.00 20.33 ? 208 HOH A O   1 
HETATM 1457 O  O   . HOH L 5 .   ? -14.288 4.194   -3.913  1.00 17.16 ? 209 HOH A O   1 
HETATM 1458 O  O   . HOH L 5 .   ? -18.089 -12.552 -6.970  1.00 15.53 ? 210 HOH A O   1 
HETATM 1459 O  O   . HOH L 5 .   ? 0.357   11.808  -10.904 1.00 18.93 ? 211 HOH A O   1 
HETATM 1460 O  O   . HOH L 5 .   ? -11.139 11.081  6.796   1.00 16.38 ? 212 HOH A O   1 
HETATM 1461 O  O   . HOH L 5 .   ? -10.290 2.358   10.262  1.00 20.05 ? 213 HOH A O   1 
HETATM 1462 O  O   . HOH L 5 .   ? -22.139 -13.060 0.395   1.00 25.45 ? 214 HOH A O   1 
HETATM 1463 O  O   . HOH L 5 .   ? -8.281  -12.606 -7.857  1.00 20.89 ? 215 HOH A O   1 
HETATM 1464 O  O   . HOH L 5 .   ? -9.767  10.693  4.526   1.00 15.32 ? 216 HOH A O   1 
HETATM 1465 O  O   . HOH L 5 .   ? -2.575  19.423  7.647   1.00 17.36 ? 217 HOH A O   1 
HETATM 1466 O  O   . HOH L 5 .   ? -13.506 0.603   2.332   1.00 22.47 ? 218 HOH A O   1 
HETATM 1467 O  O   . HOH L 5 .   ? -10.238 3.560   -10.525 1.00 19.29 ? 219 HOH A O   1 
HETATM 1468 O  O   . HOH L 5 .   ? 29.019  0.205   9.920   1.00 23.25 ? 220 HOH A O   1 
HETATM 1469 O  O   . HOH L 5 .   ? -5.032  17.969  2.206   1.00 18.94 ? 221 HOH A O   1 
HETATM 1470 O  O   . HOH L 5 .   ? -0.269  14.255  -9.276  1.00 21.64 ? 222 HOH A O   1 
HETATM 1471 O  O   . HOH L 5 .   ? 27.590  0.222   1.496   1.00 19.85 ? 223 HOH A O   1 
HETATM 1472 O  O   . HOH L 5 .   ? -1.510  -14.174 5.155   1.00 24.89 ? 224 HOH A O   1 
HETATM 1473 O  O   . HOH L 5 .   ? -12.253 -19.179 3.865   1.00 19.30 ? 225 HOH A O   1 
HETATM 1474 O  O   . HOH L 5 .   ? -6.507  -6.225  -8.752  1.00 22.15 ? 226 HOH A O   1 
HETATM 1475 O  O   . HOH L 5 .   ? 20.820  -1.155  8.319   1.00 18.62 ? 227 HOH A O   1 
HETATM 1476 O  O   . HOH L 5 .   ? -3.639  20.229  -4.864  1.00 23.94 ? 228 HOH A O   1 
HETATM 1477 O  O   . HOH L 5 .   ? 11.173  11.932  6.284   1.00 25.30 ? 229 HOH A O   1 
HETATM 1478 O  O   . HOH L 5 .   ? 0.712   18.702  -2.095  1.00 24.73 ? 230 HOH A O   1 
HETATM 1479 O  O   . HOH L 5 .   ? -9.475  -19.740 6.880   1.00 24.61 ? 231 HOH A O   1 
HETATM 1480 O  O   . HOH L 5 .   ? 8.854   12.140  5.392   1.00 27.11 ? 232 HOH A O   1 
HETATM 1481 O  O   . HOH L 5 .   ? 28.094  -4.181  -4.040  1.00 30.26 ? 233 HOH A O   1 
HETATM 1482 O  O   . HOH L 5 .   ? 14.027  6.064   5.013   1.00 23.32 ? 234 HOH A O   1 
HETATM 1483 O  O   . HOH L 5 .   ? -15.955 5.408   2.117   1.00 23.51 ? 235 HOH A O   1 
HETATM 1484 O  O   . HOH L 5 .   ? 5.752   2.245   3.804   1.00 28.23 ? 236 HOH A O   1 
HETATM 1485 O  O   . HOH L 5 .   ? -23.415 -13.810 -1.901  1.00 20.58 ? 237 HOH A O   1 
HETATM 1486 O  O   . HOH L 5 .   ? 28.550  -6.491  -13.442 1.00 23.80 ? 238 HOH A O   1 
HETATM 1487 O  O   . HOH L 5 .   ? -16.941 -13.355 -9.238  1.00 26.06 ? 239 HOH A O   1 
HETATM 1488 O  O   . HOH L 5 .   ? -7.365  17.990  -0.486  1.00 21.65 ? 240 HOH A O   1 
HETATM 1489 O  O   . HOH L 5 .   ? -10.716 -11.139 -9.413  1.00 24.32 ? 241 HOH A O   1 
HETATM 1490 O  O   . HOH L 5 .   ? -1.030  2.468   -9.248  1.00 28.36 ? 242 HOH A O   1 
HETATM 1491 O  O   . HOH L 5 .   ? 28.578  -2.277  8.795   1.00 24.20 ? 243 HOH A O   1 
HETATM 1492 O  O   . HOH L 5 .   ? 28.463  -7.895  -16.193 1.00 31.90 ? 244 HOH A O   1 
HETATM 1493 O  O   . HOH L 5 .   ? -0.919  4.612   -7.369  1.00 30.60 ? 245 HOH A O   1 
HETATM 1494 O  O   . HOH L 5 .   ? -11.185 1.600   2.455   1.00 25.48 ? 246 HOH A O   1 
HETATM 1495 O  O   . HOH L 5 .   ? 25.092  -4.106  7.957   1.00 33.33 ? 247 HOH A O   1 
HETATM 1496 O  O   . HOH L 5 .   ? 10.345  -6.181  1.569   1.00 32.43 ? 248 HOH A O   1 
HETATM 1497 O  O   . HOH L 5 .   ? 7.493   11.231  -10.014 1.00 25.42 ? 249 HOH A O   1 
HETATM 1498 O  O   . HOH L 5 .   ? -10.413 1.665   -12.359 1.00 25.15 ? 250 HOH A O   1 
HETATM 1499 O  O   . HOH L 5 .   ? -5.689  19.668  4.923   1.00 29.04 ? 251 HOH A O   1 
HETATM 1500 O  O   . HOH L 5 .   ? 29.111  3.399   1.558   1.00 29.39 ? 252 HOH A O   1 
HETATM 1501 O  O   . HOH L 5 .   ? 14.447  18.612  2.524   1.00 28.84 ? 253 HOH A O   1 
HETATM 1502 O  O   . HOH L 5 .   ? -4.118  1.246   -11.420 1.00 30.07 ? 254 HOH A O   1 
HETATM 1503 O  O   . HOH L 5 .   ? -6.940  -2.149  12.809  1.00 33.36 ? 255 HOH A O   1 
HETATM 1504 O  O   . HOH L 5 .   ? -23.266 -14.729 -5.509  1.00 27.67 ? 256 HOH A O   1 
HETATM 1505 O  O   . HOH L 5 .   ? -5.917  2.779   -12.540 1.00 25.56 ? 257 HOH A O   1 
HETATM 1506 O  O   . HOH L 5 .   ? -15.746 1.813   -4.255  1.00 24.48 ? 258 HOH A O   1 
HETATM 1507 O  O   . HOH L 5 .   ? -2.343  2.498   11.940  1.00 32.65 ? 259 HOH A O   1 
HETATM 1508 O  O   . HOH L 5 .   ? 3.270   4.045   -10.260 1.00 30.17 ? 260 HOH A O   1 
HETATM 1509 O  O   . HOH L 5 .   ? 24.958  -6.553  -0.082  1.00 43.42 ? 261 HOH A O   1 
HETATM 1510 O  O   . HOH L 5 .   ? -12.823 13.067  -2.073  1.00 29.18 ? 262 HOH A O   1 
HETATM 1511 O  O   . HOH L 5 .   ? 21.490  9.152   1.703   1.00 26.04 ? 263 HOH A O   1 
HETATM 1512 O  O   . HOH L 5 .   ? -14.479 -13.495 -8.058  1.00 27.54 ? 264 HOH A O   1 
HETATM 1513 O  O   . HOH L 5 .   ? 2.880   8.191   10.742  1.00 30.55 ? 265 HOH A O   1 
HETATM 1514 O  O   . HOH L 5 .   ? 2.016   -14.216 0.157   1.00 30.04 ? 266 HOH A O   1 
HETATM 1515 O  O   . HOH L 5 .   ? -3.082  -19.236 4.522   1.00 38.87 ? 267 HOH A O   1 
HETATM 1516 O  O   . HOH L 5 .   ? -14.332 -15.644 -5.798  1.00 22.90 ? 268 HOH A O   1 
HETATM 1517 O  O   . HOH L 5 .   ? -11.288 16.373  10.088  1.00 36.84 ? 269 HOH A O   1 
HETATM 1518 O  O   . HOH L 5 .   ? -0.336  21.479  4.471   1.00 31.69 ? 270 HOH A O   1 
HETATM 1519 O  O   . HOH L 5 .   ? -7.852  -21.633 1.268   1.00 27.43 ? 271 HOH A O   1 
HETATM 1520 O  O   . HOH L 5 .   ? 30.533  -2.264  4.359   1.00 31.95 ? 272 HOH A O   1 
HETATM 1521 O  O   . HOH L 5 .   ? -4.092  1.188   13.633  1.00 28.67 ? 273 HOH A O   1 
HETATM 1522 O  O   . HOH L 5 .   ? -2.417  -7.343  9.038   1.00 26.05 ? 274 HOH A O   1 
HETATM 1523 O  O   . HOH L 5 .   ? -18.336 -9.964  -7.921  1.00 28.04 ? 275 HOH A O   1 
HETATM 1524 O  O   . HOH L 5 .   ? -10.816 -0.930  -11.915 1.00 29.10 ? 276 HOH A O   1 
HETATM 1525 O  O   . HOH L 5 .   ? -7.877  4.202   15.366  1.00 39.74 ? 277 HOH A O   1 
HETATM 1526 O  O   . HOH L 5 .   ? 22.504  -7.962  -6.361  1.00 27.02 ? 278 HOH A O   1 
HETATM 1527 O  O   . HOH L 5 .   ? -1.374  -4.706  9.498   1.00 33.29 ? 279 HOH A O   1 
HETATM 1528 O  O   . HOH L 5 .   ? 9.463   2.635   -12.032 1.00 39.18 ? 280 HOH A O   1 
HETATM 1529 O  O   . HOH L 5 .   ? 31.112  3.759   -7.741  1.00 36.41 ? 281 HOH A O   1 
HETATM 1530 O  O   . HOH L 5 .   ? -15.469 16.631  7.556   1.00 27.79 ? 282 HOH A O   1 
HETATM 1531 O  O   . HOH L 5 .   ? 11.514  16.095  4.720   1.00 36.62 ? 283 HOH A O   1 
HETATM 1532 O  O   . HOH L 5 .   ? 3.126   -3.639  -7.172  1.00 31.62 ? 284 HOH A O   1 
HETATM 1533 O  O   . HOH L 5 .   ? 2.433   17.505  -5.215  1.00 33.88 ? 285 HOH A O   1 
HETATM 1534 O  O   . HOH L 5 .   ? -19.004 -5.995  -1.703  1.00 44.63 ? 286 HOH A O   1 
HETATM 1535 O  O   . HOH L 5 .   ? 3.230   -2.748  4.479   1.00 39.79 ? 287 HOH A O   1 
HETATM 1536 O  O   . HOH L 5 .   ? -3.422  21.479  1.309   1.00 38.86 ? 288 HOH A O   1 
HETATM 1537 O  O   . HOH L 5 .   ? -15.623 -0.636  -7.608  1.00 31.94 ? 289 HOH A O   1 
HETATM 1538 O  O   . HOH L 5 .   ? 3.729   16.271  -7.128  1.00 30.04 ? 290 HOH A O   1 
HETATM 1539 O  O   . HOH L 5 .   ? 0.119   20.194  7.073   1.00 42.53 ? 291 HOH A O   1 
HETATM 1540 O  O   . HOH L 5 .   ? 4.559   -0.129  4.441   1.00 38.07 ? 292 HOH A O   1 
HETATM 1541 O  O   . HOH L 5 .   ? 29.017  -8.038  -10.839 1.00 37.60 ? 293 HOH A O   1 
HETATM 1542 O  O   . HOH L 5 .   ? -5.779  20.522  2.343   1.00 28.49 ? 294 HOH A O   1 
HETATM 1543 O  O   . HOH L 5 .   ? 9.462   9.757   -10.501 1.00 31.00 ? 295 HOH A O   1 
HETATM 1544 O  O   . HOH L 5 .   ? -8.050  1.506   -13.892 1.00 30.27 ? 296 HOH A O   1 
HETATM 1545 O  O   . HOH L 5 .   ? 1.485   2.031   -9.793  1.00 32.49 ? 297 HOH A O   1 
HETATM 1546 O  O   . HOH L 5 .   ? -0.101  -11.624 8.914   1.00 39.26 ? 298 HOH A O   1 
HETATM 1547 O  O   . HOH L 5 .   ? -12.957 -1.375  5.485   1.00 44.26 ? 299 HOH A O   1 
HETATM 1548 O  O   . HOH L 5 .   ? -13.194 -3.793  4.441   1.00 58.95 ? 300 HOH A O   1 
HETATM 1549 O  O   . HOH L 5 .   ? -13.350 12.327  -7.048  1.00 41.47 ? 301 HOH A O   1 
HETATM 1550 O  O   . HOH L 5 .   ? -12.852 13.930  -4.537  1.00 35.63 ? 302 HOH A O   1 
HETATM 1551 O  O   . HOH L 5 .   ? -0.361  -5.032  -10.157 1.00 29.75 ? 303 HOH A O   1 
HETATM 1552 O  O   . HOH L 5 .   ? 0.699   -5.047  -7.416  1.00 37.55 ? 304 HOH A O   1 
HETATM 1553 O  O   . HOH L 5 .   ? 5.299   -4.876  -5.523  1.00 34.93 ? 305 HOH A O   1 
HETATM 1554 O  O   . HOH L 5 .   ? 4.059   -6.368  -3.603  1.00 46.41 ? 306 HOH A O   1 
HETATM 1555 O  O   . HOH L 5 .   ? 0.386   -16.756 -2.640  1.00 34.04 ? 307 HOH A O   1 
HETATM 1556 O  O   . HOH L 5 .   ? -2.567  -12.877 7.802   1.00 39.57 ? 308 HOH A O   1 
HETATM 1557 O  O   . HOH L 5 .   ? -4.316  -18.722 -9.610  1.00 50.95 ? 309 HOH A O   1 
HETATM 1558 O  O   . HOH L 5 .   ? -9.866  -16.459 -6.597  1.00 49.55 ? 310 HOH A O   1 
HETATM 1559 O  O   . HOH L 5 .   ? -12.212 -16.607 -5.453  1.00 37.18 ? 311 HOH A O   1 
HETATM 1560 O  O   . HOH L 5 .   ? -11.345 -21.378 1.460   1.00 39.39 ? 312 HOH A O   1 
HETATM 1561 O  O   . HOH L 5 .   ? -9.603  22.831  3.447   1.00 35.60 ? 313 HOH A O   1 
HETATM 1562 O  O   . HOH L 5 .   ? -6.414  23.057  3.014   1.00 44.78 ? 314 HOH A O   1 
HETATM 1563 O  O   . HOH L 5 .   ? -6.038  21.213  7.039   1.00 28.74 ? 315 HOH A O   1 
HETATM 1564 O  O   . HOH L 5 .   ? 11.747  10.108  10.474  1.00 41.04 ? 316 HOH A O   1 
HETATM 1565 O  O   . HOH L 5 .   ? 1.722   15.960  -8.781  1.00 33.54 ? 317 HOH A O   1 
HETATM 1566 O  O   . HOH L 5 .   ? 4.363   17.837  -3.526  1.00 46.43 ? 318 HOH A O   1 
HETATM 1567 O  O   . HOH L 5 .   ? -0.135  7.103   -11.957 1.00 43.81 ? 319 HOH A O   1 
HETATM 1568 O  O   . HOH L 5 .   ? -5.315  8.301   -13.839 1.00 37.69 ? 320 HOH A O   1 
HETATM 1569 O  O   . HOH L 5 .   ? -4.913  17.010  -13.710 1.00 34.93 ? 321 HOH A O   1 
HETATM 1570 O  O   . HOH L 5 .   ? -1.307  20.936  -4.924  1.00 32.14 ? 322 HOH A O   1 
HETATM 1571 O  O   . HOH L 5 .   ? 7.827   -5.541  0.909   1.00 39.84 ? 323 HOH A O   1 
HETATM 1572 O  O   . HOH L 5 .   ? 29.429  -1.796  -1.249  1.00 42.84 ? 324 HOH A O   1 
HETATM 1573 O  O   . HOH L 5 .   ? 16.869  -10.678 -8.033  1.00 35.75 ? 325 HOH A O   1 
HETATM 1574 O  O   . HOH L 5 .   ? -3.876  20.870  4.153   1.00 39.15 ? 326 HOH A O   1 
HETATM 1575 O  O   . HOH L 5 .   ? 13.991  19.148  -0.934  1.00 32.42 ? 327 HOH A O   1 
# 
loop_
_pdbx_poly_seq_scheme.asym_id 
_pdbx_poly_seq_scheme.entity_id 
_pdbx_poly_seq_scheme.seq_id 
_pdbx_poly_seq_scheme.mon_id 
_pdbx_poly_seq_scheme.ndb_seq_num 
_pdbx_poly_seq_scheme.pdb_seq_num 
_pdbx_poly_seq_scheme.auth_seq_num 
_pdbx_poly_seq_scheme.pdb_mon_id 
_pdbx_poly_seq_scheme.auth_mon_id 
_pdbx_poly_seq_scheme.pdb_strand_id 
_pdbx_poly_seq_scheme.pdb_ins_code 
_pdbx_poly_seq_scheme.hetero 
A 1 1   ALA 1   20  ?   ?   ?   A . n 
A 1 2   ALA 2   21  ?   ?   ?   A . n 
A 1 3   LEU 3   22  ?   ?   ?   A . n 
A 1 4   PRO 4   23  ?   ?   ?   A . n 
A 1 5   ASP 5   24  ?   ?   ?   A . n 
A 1 6   GLN 6   25  25  GLN GLN A . n 
A 1 7   SER 7   26  26  SER SER A . n 
A 1 8   PHE 8   27  27  PHE PHE A . n 
A 1 9   LEU 9   28  28  LEU LEU A . n 
A 1 10  TRP 10  29  29  TRP TRP A . n 
A 1 11  ASN 11  30  30  ASN ASN A . n 
A 1 12  VAL 12  31  31  VAL VAL A . n 
A 1 13  PHE 13  32  32  PHE PHE A . n 
A 1 14  GLN 14  33  33  GLN GLN A . n 
A 1 15  ARG 15  34  34  ARG ARG A . n 
A 1 16  VAL 16  35  35  VAL VAL A . n 
A 1 17  ASP 17  36  36  ASP ASP A . n 
A 1 18  LYS 18  37  37  LYS LYS A . n 
A 1 19  ASP 19  38  38  ASP ASP A . n 
A 1 20  ARG 20  39  39  ARG ARG A . n 
A 1 21  SER 21  40  40  SER SER A . n 
A 1 22  GLY 22  41  41  GLY GLY A . n 
A 1 23  VAL 23  42  42  VAL VAL A . n 
A 1 24  ILE 24  43  43  ILE ILE A . n 
A 1 25  SER 25  44  44  SER SER A . n 
A 1 26  ASP 26  45  45  ASP ASP A . n 
A 1 27  THR 27  46  46  THR THR A . n 
A 1 28  GLU 28  47  47  GLU GLU A . n 
A 1 29  LEU 29  48  48  LEU LEU A . n 
A 1 30  GLN 30  49  49  GLN GLN A . n 
A 1 31  GLN 31  50  50  GLN GLN A . n 
A 1 32  ALA 32  51  51  ALA ALA A . n 
A 1 33  LEU 33  52  52  LEU LEU A . n 
A 1 34  SER 34  53  53  SER SER A . n 
A 1 35  ASN 35  54  54  ASN ASN A . n 
A 1 36  GLY 36  55  55  GLY GLY A . n 
A 1 37  THR 37  56  56  THR THR A . n 
A 1 38  TRP 38  57  57  TRP TRP A . n 
A 1 39  THR 39  58  58  THR THR A . n 
A 1 40  PRO 40  59  59  PRO PRO A . n 
A 1 41  PHE 41  60  60  PHE PHE A . n 
A 1 42  ASN 42  61  61  ASN ASN A . n 
A 1 43  PRO 43  62  62  PRO PRO A . n 
A 1 44  VAL 44  63  63  VAL VAL A . n 
A 1 45  THR 45  64  64  THR THR A . n 
A 1 46  VAL 46  65  65  VAL VAL A . n 
A 1 47  ARG 47  66  66  ARG ARG A . n 
A 1 48  SER 48  67  67  SER SER A . n 
A 1 49  ILE 49  68  68  ILE ILE A . n 
A 1 50  ILE 50  69  69  ILE ILE A . n 
A 1 51  SER 51  70  70  SER SER A . n 
A 1 52  MET 52  71  71  MET MET A . n 
A 1 53  PHE 53  72  72  PHE PHE A . n 
A 1 54  ASP 54  73  73  ASP ASP A . n 
A 1 55  ARG 55  74  74  ARG ARG A . n 
A 1 56  GLU 56  75  75  GLU GLU A . n 
A 1 57  ASN 57  76  76  ASN ASN A . n 
A 1 58  LYS 58  77  77  LYS LYS A . n 
A 1 59  ALA 59  78  78  ALA ALA A . n 
A 1 60  GLY 60  79  79  GLY GLY A . n 
A 1 61  VAL 61  80  80  VAL VAL A . n 
A 1 62  ASN 62  81  81  ASN ASN A . n 
A 1 63  PHE 63  82  82  PHE PHE A . n 
A 1 64  SER 64  83  83  SER SER A . n 
A 1 65  GLU 65  84  84  GLU GLU A . n 
A 1 66  PHE 66  85  85  PHE PHE A . n 
A 1 67  THR 67  86  86  THR THR A . n 
A 1 68  GLY 68  87  87  GLY GLY A . n 
A 1 69  VAL 69  88  88  VAL VAL A . n 
A 1 70  TRP 70  89  89  TRP TRP A . n 
A 1 71  LYS 71  90  90  LYS LYS A . n 
A 1 72  TYR 72  91  91  TYR TYR A . n 
A 1 73  ILE 73  92  92  ILE ILE A . n 
A 1 74  THR 74  93  93  THR THR A . n 
A 1 75  ASP 75  94  94  ASP ASP A . n 
A 1 76  TRP 76  95  95  TRP TRP A . n 
A 1 77  GLN 77  96  96  GLN GLN A . n 
A 1 78  ASN 78  97  97  ASN ASN A . n 
A 1 79  VAL 79  98  98  VAL VAL A . n 
A 1 80  PHE 80  99  99  PHE PHE A . n 
A 1 81  ARG 81  100 100 ARG ARG A . n 
A 1 82  THR 82  101 101 THR THR A . n 
A 1 83  TYR 83  102 102 TYR TYR A . n 
A 1 84  ASP 84  103 103 ASP ASP A . n 
A 1 85  ARG 85  104 104 ARG ARG A . n 
A 1 86  ASP 86  105 105 ASP ASP A . n 
A 1 87  ASN 87  106 106 ASN ASN A . n 
A 1 88  SER 88  107 107 SER SER A . n 
A 1 89  GLY 89  108 108 GLY GLY A . n 
A 1 90  MET 90  109 109 MET MET A . n 
A 1 91  ILE 91  110 110 ILE ILE A . n 
A 1 92  ASP 92  111 111 ASP ASP A . n 
A 1 93  LYS 93  112 112 LYS LYS A . n 
A 1 94  ASN 94  113 113 ASN ASN A . n 
A 1 95  GLU 95  114 114 GLU GLU A . n 
A 1 96  LEU 96  115 115 LEU LEU A . n 
A 1 97  LYS 97  116 116 LYS LYS A . n 
A 1 98  GLN 98  117 117 GLN GLN A . n 
A 1 99  ALA 99  118 118 ALA ALA A . n 
A 1 100 LEU 100 119 119 LEU LEU A . n 
A 1 101 SER 101 120 120 SER SER A . n 
A 1 102 GLY 102 121 121 GLY GLY A . n 
A 1 103 PHE 103 122 122 PHE PHE A . n 
A 1 104 GLY 104 123 123 GLY GLY A . n 
A 1 105 TYR 105 124 124 TYR TYR A . n 
A 1 106 ARG 106 125 125 ARG ARG A . n 
A 1 107 LEU 107 126 126 LEU LEU A . n 
A 1 108 SER 108 127 127 SER SER A . n 
A 1 109 ASP 109 128 128 ASP ASP A . n 
A 1 110 GLN 110 129 129 GLN GLN A . n 
A 1 111 PHE 111 130 130 PHE PHE A . n 
A 1 112 HIS 112 131 131 HIS HIS A . n 
A 1 113 ASP 113 132 132 ASP ASP A . n 
A 1 114 ILE 114 133 133 ILE ILE A . n 
A 1 115 LEU 115 134 134 LEU LEU A . n 
A 1 116 ILE 116 135 135 ILE ILE A . n 
A 1 117 ARG 117 136 136 ARG ARG A . n 
A 1 118 LYS 118 137 137 LYS LYS A . n 
A 1 119 PHE 119 138 138 PHE PHE A . n 
A 1 120 ASP 120 139 139 ASP ASP A . n 
A 1 121 ARG 121 140 140 ARG ARG A . n 
A 1 122 GLN 122 141 141 GLN GLN A . n 
A 1 123 GLY 123 142 142 GLY GLY A . n 
A 1 124 ARG 124 143 143 ARG ARG A . n 
A 1 125 GLY 125 144 144 GLY GLY A . n 
A 1 126 GLN 126 145 145 GLN GLN A . n 
A 1 127 ILE 127 146 146 ILE ILE A . n 
A 1 128 ALA 128 147 147 ALA ALA A . n 
A 1 129 PHE 129 148 148 PHE PHE A . n 
A 1 130 ASP 130 149 149 ASP ASP A . n 
A 1 131 ASP 131 150 150 ASP ASP A . n 
A 1 132 PHE 132 151 151 PHE PHE A . n 
A 1 133 ILE 133 152 152 ILE ILE A . n 
A 1 134 GLN 134 153 153 GLN GLN A . n 
A 1 135 GLY 135 154 154 GLY GLY A . n 
A 1 136 CYS 136 155 155 CYS CYS A . n 
A 1 137 ILE 137 156 156 ILE ILE A . n 
A 1 138 VAL 138 157 157 VAL VAL A . n 
A 1 139 LEU 139 158 158 LEU LEU A . n 
A 1 140 GLN 140 159 159 GLN GLN A . n 
A 1 141 ARG 141 160 160 ARG ARG A . n 
A 1 142 LEU 142 161 161 LEU LEU A . n 
A 1 143 THR 143 162 162 THR THR A . n 
A 1 144 ASP 144 163 163 ASP ASP A . n 
A 1 145 ILE 145 164 164 ILE ILE A . n 
A 1 146 PHE 146 165 165 PHE PHE A . n 
A 1 147 ARG 147 166 166 ARG ARG A . n 
A 1 148 ARG 148 167 167 ARG ARG A . n 
A 1 149 TYR 149 168 168 TYR TYR A . n 
A 1 150 ASP 150 169 169 ASP ASP A . n 
A 1 151 THR 151 170 170 THR THR A . n 
A 1 152 ASP 152 171 171 ASP ASP A . n 
A 1 153 GLN 153 172 172 GLN GLN A . n 
A 1 154 ASP 154 173 173 ASP ASP A . n 
A 1 155 GLY 155 174 174 GLY GLY A . n 
A 1 156 TRP 156 175 175 TRP TRP A . n 
A 1 157 ILE 157 176 176 ILE ILE A . n 
A 1 158 GLN 158 177 177 GLN GLN A . n 
A 1 159 VAL 159 178 178 VAL VAL A . n 
A 1 160 SER 160 179 179 SER SER A . n 
A 1 161 TYR 161 180 180 TYR TYR A . n 
A 1 162 GLU 162 181 181 GLU GLU A . n 
A 1 163 GLN 163 182 182 GLN GLN A . n 
A 1 164 TYR 164 183 183 TYR TYR A . n 
A 1 165 LEU 165 184 184 LEU LEU A . n 
A 1 166 SER 166 185 185 SER SER A . n 
A 1 167 MET 167 186 186 MET MET A . n 
A 1 168 VAL 168 187 187 VAL VAL A . n 
A 1 169 PHE 169 188 188 PHE PHE A . n 
A 1 170 SER 170 189 189 SER SER A . n 
A 1 171 ILE 171 190 190 ILE ILE A . n 
A 1 172 VAL 172 191 191 VAL VAL A . n 
# 
loop_
_pdbx_nonpoly_scheme.asym_id 
_pdbx_nonpoly_scheme.entity_id 
_pdbx_nonpoly_scheme.mon_id 
_pdbx_nonpoly_scheme.ndb_seq_num 
_pdbx_nonpoly_scheme.pdb_seq_num 
_pdbx_nonpoly_scheme.auth_seq_num 
_pdbx_nonpoly_scheme.pdb_mon_id 
_pdbx_nonpoly_scheme.auth_mon_id 
_pdbx_nonpoly_scheme.pdb_strand_id 
_pdbx_nonpoly_scheme.pdb_ins_code 
B 2 MRD 1   1   1   MRD MRD A . 
C 2 MRD 1   2   2   MRD MRD A . 
D 2 MRD 1   3   3   MRD MRD A . 
E 2 MRD 1   4   4   MRD MRD A . 
F 2 MRD 1   5   5   MRD MRD A . 
G 3 PO4 1   192 192 PO4 PO4 A . 
H 3 PO4 1   193 193 PO4 PO4 A . 
I 4 NA  1   194 194 NA  NA  A . 
J 4 NA  1   195 195 NA  NA  A . 
K 4 NA  1   196 196 NA  NA  A . 
L 5 HOH 1   197 1   HOH HOH A . 
L 5 HOH 2   198 2   HOH HOH A . 
L 5 HOH 3   199 3   HOH HOH A . 
L 5 HOH 4   200 4   HOH HOH A . 
L 5 HOH 5   201 5   HOH HOH A . 
L 5 HOH 6   202 6   HOH HOH A . 
L 5 HOH 7   203 7   HOH HOH A . 
L 5 HOH 8   204 8   HOH HOH A . 
L 5 HOH 9   205 9   HOH HOH A . 
L 5 HOH 10  206 10  HOH HOH A . 
L 5 HOH 11  207 11  HOH HOH A . 
L 5 HOH 12  208 12  HOH HOH A . 
L 5 HOH 13  209 13  HOH HOH A . 
L 5 HOH 14  210 14  HOH HOH A . 
L 5 HOH 15  211 15  HOH HOH A . 
L 5 HOH 16  212 16  HOH HOH A . 
L 5 HOH 17  213 17  HOH HOH A . 
L 5 HOH 18  214 18  HOH HOH A . 
L 5 HOH 19  215 19  HOH HOH A . 
L 5 HOH 20  216 20  HOH HOH A . 
L 5 HOH 21  217 21  HOH HOH A . 
L 5 HOH 22  218 22  HOH HOH A . 
L 5 HOH 23  219 23  HOH HOH A . 
L 5 HOH 24  220 24  HOH HOH A . 
L 5 HOH 25  221 25  HOH HOH A . 
L 5 HOH 26  222 26  HOH HOH A . 
L 5 HOH 27  223 27  HOH HOH A . 
L 5 HOH 28  224 28  HOH HOH A . 
L 5 HOH 29  225 29  HOH HOH A . 
L 5 HOH 30  226 30  HOH HOH A . 
L 5 HOH 31  227 31  HOH HOH A . 
L 5 HOH 32  228 32  HOH HOH A . 
L 5 HOH 33  229 33  HOH HOH A . 
L 5 HOH 34  230 34  HOH HOH A . 
L 5 HOH 35  231 35  HOH HOH A . 
L 5 HOH 36  232 36  HOH HOH A . 
L 5 HOH 37  233 37  HOH HOH A . 
L 5 HOH 38  234 38  HOH HOH A . 
L 5 HOH 39  235 39  HOH HOH A . 
L 5 HOH 40  236 40  HOH HOH A . 
L 5 HOH 41  237 41  HOH HOH A . 
L 5 HOH 42  238 42  HOH HOH A . 
L 5 HOH 43  239 43  HOH HOH A . 
L 5 HOH 44  240 44  HOH HOH A . 
L 5 HOH 45  241 45  HOH HOH A . 
L 5 HOH 46  242 46  HOH HOH A . 
L 5 HOH 47  243 47  HOH HOH A . 
L 5 HOH 48  244 48  HOH HOH A . 
L 5 HOH 49  245 49  HOH HOH A . 
L 5 HOH 50  246 50  HOH HOH A . 
L 5 HOH 51  247 51  HOH HOH A . 
L 5 HOH 52  248 52  HOH HOH A . 
L 5 HOH 53  249 53  HOH HOH A . 
L 5 HOH 54  250 54  HOH HOH A . 
L 5 HOH 55  251 55  HOH HOH A . 
L 5 HOH 56  252 56  HOH HOH A . 
L 5 HOH 57  253 57  HOH HOH A . 
L 5 HOH 58  254 58  HOH HOH A . 
L 5 HOH 59  255 59  HOH HOH A . 
L 5 HOH 60  256 60  HOH HOH A . 
L 5 HOH 61  257 61  HOH HOH A . 
L 5 HOH 62  258 62  HOH HOH A . 
L 5 HOH 63  259 63  HOH HOH A . 
L 5 HOH 64  260 64  HOH HOH A . 
L 5 HOH 65  261 65  HOH HOH A . 
L 5 HOH 66  262 66  HOH HOH A . 
L 5 HOH 67  263 67  HOH HOH A . 
L 5 HOH 68  264 68  HOH HOH A . 
L 5 HOH 69  265 69  HOH HOH A . 
L 5 HOH 70  266 70  HOH HOH A . 
L 5 HOH 71  267 71  HOH HOH A . 
L 5 HOH 72  268 72  HOH HOH A . 
L 5 HOH 73  269 73  HOH HOH A . 
L 5 HOH 74  270 74  HOH HOH A . 
L 5 HOH 75  271 75  HOH HOH A . 
L 5 HOH 76  272 76  HOH HOH A . 
L 5 HOH 77  273 77  HOH HOH A . 
L 5 HOH 78  274 78  HOH HOH A . 
L 5 HOH 79  275 79  HOH HOH A . 
L 5 HOH 80  276 80  HOH HOH A . 
L 5 HOH 81  277 81  HOH HOH A . 
L 5 HOH 82  278 82  HOH HOH A . 
L 5 HOH 83  279 83  HOH HOH A . 
L 5 HOH 84  280 84  HOH HOH A . 
L 5 HOH 85  281 85  HOH HOH A . 
L 5 HOH 86  282 86  HOH HOH A . 
L 5 HOH 87  283 87  HOH HOH A . 
L 5 HOH 88  284 88  HOH HOH A . 
L 5 HOH 89  285 89  HOH HOH A . 
L 5 HOH 90  286 90  HOH HOH A . 
L 5 HOH 91  287 91  HOH HOH A . 
L 5 HOH 92  288 92  HOH HOH A . 
L 5 HOH 93  289 93  HOH HOH A . 
L 5 HOH 94  290 94  HOH HOH A . 
L 5 HOH 95  291 95  HOH HOH A . 
L 5 HOH 96  292 96  HOH HOH A . 
L 5 HOH 97  293 97  HOH HOH A . 
L 5 HOH 98  294 98  HOH HOH A . 
L 5 HOH 99  295 99  HOH HOH A . 
L 5 HOH 100 296 100 HOH HOH A . 
L 5 HOH 101 297 101 HOH HOH A . 
L 5 HOH 102 298 102 HOH HOH A . 
L 5 HOH 103 299 103 HOH HOH A . 
L 5 HOH 104 300 104 HOH HOH A . 
L 5 HOH 105 301 105 HOH HOH A . 
L 5 HOH 106 302 106 HOH HOH A . 
L 5 HOH 107 303 107 HOH HOH A . 
L 5 HOH 108 304 108 HOH HOH A . 
L 5 HOH 109 305 109 HOH HOH A . 
L 5 HOH 110 306 110 HOH HOH A . 
L 5 HOH 111 307 111 HOH HOH A . 
L 5 HOH 112 308 112 HOH HOH A . 
L 5 HOH 113 309 113 HOH HOH A . 
L 5 HOH 114 310 114 HOH HOH A . 
L 5 HOH 115 311 115 HOH HOH A . 
L 5 HOH 116 312 116 HOH HOH A . 
L 5 HOH 117 313 117 HOH HOH A . 
L 5 HOH 118 314 118 HOH HOH A . 
L 5 HOH 119 315 119 HOH HOH A . 
L 5 HOH 120 316 120 HOH HOH A . 
L 5 HOH 121 317 121 HOH HOH A . 
L 5 HOH 122 318 122 HOH HOH A . 
L 5 HOH 123 319 123 HOH HOH A . 
L 5 HOH 124 320 124 HOH HOH A . 
L 5 HOH 125 321 125 HOH HOH A . 
L 5 HOH 126 322 126 HOH HOH A . 
L 5 HOH 127 323 127 HOH HOH A . 
L 5 HOH 128 324 128 HOH HOH A . 
L 5 HOH 129 325 129 HOH HOH A . 
L 5 HOH 130 326 130 HOH HOH A . 
L 5 HOH 131 327 131 HOH HOH A . 
# 
_pdbx_struct_assembly.id                   1 
_pdbx_struct_assembly.details              author_and_software_defined_assembly 
_pdbx_struct_assembly.method_details       PISA 
_pdbx_struct_assembly.oligomeric_details   dimeric 
_pdbx_struct_assembly.oligomeric_count     2 
# 
_pdbx_struct_assembly_gen.assembly_id       1 
_pdbx_struct_assembly_gen.oper_expression   1,2 
_pdbx_struct_assembly_gen.asym_id_list      A,B,C,D,E,F,G,H,I,J,K,L 
# 
loop_
_pdbx_struct_assembly_prop.biol_id 
_pdbx_struct_assembly_prop.type 
_pdbx_struct_assembly_prop.value 
_pdbx_struct_assembly_prop.details 
1 'ABSA (A^2)' 7450  ? 
1 MORE         -102  ? 
1 'SSA (A^2)'  17840 ? 
# 
loop_
_pdbx_struct_oper_list.id 
_pdbx_struct_oper_list.type 
_pdbx_struct_oper_list.name 
_pdbx_struct_oper_list.symmetry_operation 
_pdbx_struct_oper_list.matrix[1][1] 
_pdbx_struct_oper_list.matrix[1][2] 
_pdbx_struct_oper_list.matrix[1][3] 
_pdbx_struct_oper_list.vector[1] 
_pdbx_struct_oper_list.matrix[2][1] 
_pdbx_struct_oper_list.matrix[2][2] 
_pdbx_struct_oper_list.matrix[2][3] 
_pdbx_struct_oper_list.vector[2] 
_pdbx_struct_oper_list.matrix[3][1] 
_pdbx_struct_oper_list.matrix[3][2] 
_pdbx_struct_oper_list.matrix[3][3] 
_pdbx_struct_oper_list.vector[3] 
1 'identity operation'         1_555 x,y,z     1.0000000000 0.0000000000 0.0000000000 0.0000000000  0.0000000000 1.0000000000  0.0000000000 0.0000000000  0.0000000000 0.0000000000 1.0000000000  0.0000000000   
2 'crystal symmetry operation' 2_565 -x,-y+1,z 0.6764112440 0.4576930415 0.5770484458 10.7596195899 0.4576930415 -0.8750408523 0.1575455063 -6.4981443314 0.5770484458 0.1575455063 -0.8013703917 -26.1042065499 
# 
loop_
_pdbx_audit_revision_history.ordinal 
_pdbx_audit_revision_history.data_content_type 
_pdbx_audit_revision_history.major_revision 
_pdbx_audit_revision_history.minor_revision 
_pdbx_audit_revision_history.revision_date 
1 'Structure model' 1 0 2008-09-09 
2 'Structure model' 1 1 2011-07-13 
3 'Structure model' 1 2 2023-11-01 
# 
_pdbx_audit_revision_details.ordinal             1 
_pdbx_audit_revision_details.revision_ordinal    1 
_pdbx_audit_revision_details.data_content_type   'Structure model' 
_pdbx_audit_revision_details.provider            repository 
_pdbx_audit_revision_details.type                'Initial release' 
_pdbx_audit_revision_details.description         ? 
_pdbx_audit_revision_details.details             ? 
# 
loop_
_pdbx_audit_revision_group.ordinal 
_pdbx_audit_revision_group.revision_ordinal 
_pdbx_audit_revision_group.data_content_type 
_pdbx_audit_revision_group.group 
1 2 'Structure model' 'Version format compliance' 
2 3 'Structure model' 'Data collection'           
3 3 'Structure model' 'Database references'       
4 3 'Structure model' 'Derived calculations'      
5 3 'Structure model' 'Refinement description'    
# 
loop_
_pdbx_audit_revision_category.ordinal 
_pdbx_audit_revision_category.revision_ordinal 
_pdbx_audit_revision_category.data_content_type 
_pdbx_audit_revision_category.category 
1 3 'Structure model' chem_comp_atom                
2 3 'Structure model' chem_comp_bond                
3 3 'Structure model' database_2                    
4 3 'Structure model' pdbx_initial_refinement_model 
5 3 'Structure model' struct_site                   
# 
loop_
_pdbx_audit_revision_item.ordinal 
_pdbx_audit_revision_item.revision_ordinal 
_pdbx_audit_revision_item.data_content_type 
_pdbx_audit_revision_item.item 
1 3 'Structure model' '_database_2.pdbx_DOI'                
2 3 'Structure model' '_database_2.pdbx_database_accession' 
3 3 'Structure model' '_struct_site.pdbx_auth_asym_id'      
4 3 'Structure model' '_struct_site.pdbx_auth_comp_id'      
5 3 'Structure model' '_struct_site.pdbx_auth_seq_id'       
# 
loop_
_software.name 
_software.classification 
_software.version 
_software.citation_id 
_software.pdbx_ordinal 
REFMAC   refinement       5.2.0019 ? 1 
HKL-2000 'data reduction' .        ? 2 
HKL-2000 'data scaling'   .        ? 3 
MOLREP   phasing          .        ? 4 
# 
loop_
_pdbx_validate_chiral.id 
_pdbx_validate_chiral.PDB_model_num 
_pdbx_validate_chiral.auth_atom_id 
_pdbx_validate_chiral.label_alt_id 
_pdbx_validate_chiral.auth_asym_id 
_pdbx_validate_chiral.auth_comp_id 
_pdbx_validate_chiral.auth_seq_id 
_pdbx_validate_chiral.PDB_ins_code 
_pdbx_validate_chiral.details 
_pdbx_validate_chiral.omega 
1 1 C4 ? A MRD 1 ? 'WRONG HAND' . 
2 1 C4 ? A MRD 2 ? 'WRONG HAND' . 
3 1 C4 ? A MRD 3 ? 'WRONG HAND' . 
4 1 C4 ? A MRD 4 ? 'WRONG HAND' . 
5 1 C4 ? A MRD 5 ? 'WRONG HAND' . 
# 
loop_
_pdbx_unobs_or_zero_occ_residues.id 
_pdbx_unobs_or_zero_occ_residues.PDB_model_num 
_pdbx_unobs_or_zero_occ_residues.polymer_flag 
_pdbx_unobs_or_zero_occ_residues.occupancy_flag 
_pdbx_unobs_or_zero_occ_residues.auth_asym_id 
_pdbx_unobs_or_zero_occ_residues.auth_comp_id 
_pdbx_unobs_or_zero_occ_residues.auth_seq_id 
_pdbx_unobs_or_zero_occ_residues.PDB_ins_code 
_pdbx_unobs_or_zero_occ_residues.label_asym_id 
_pdbx_unobs_or_zero_occ_residues.label_comp_id 
_pdbx_unobs_or_zero_occ_residues.label_seq_id 
1 1 Y 1 A ALA 20 ? A ALA 1 
2 1 Y 1 A ALA 21 ? A ALA 2 
3 1 Y 1 A LEU 22 ? A LEU 3 
4 1 Y 1 A PRO 23 ? A PRO 4 
5 1 Y 1 A ASP 24 ? A ASP 5 
# 
loop_
_chem_comp_atom.comp_id 
_chem_comp_atom.atom_id 
_chem_comp_atom.type_symbol 
_chem_comp_atom.pdbx_aromatic_flag 
_chem_comp_atom.pdbx_stereo_config 
_chem_comp_atom.pdbx_ordinal 
ALA N    N  N N 1   
ALA CA   C  N S 2   
ALA C    C  N N 3   
ALA O    O  N N 4   
ALA CB   C  N N 5   
ALA OXT  O  N N 6   
ALA H    H  N N 7   
ALA H2   H  N N 8   
ALA HA   H  N N 9   
ALA HB1  H  N N 10  
ALA HB2  H  N N 11  
ALA HB3  H  N N 12  
ALA HXT  H  N N 13  
ARG N    N  N N 14  
ARG CA   C  N S 15  
ARG C    C  N N 16  
ARG O    O  N N 17  
ARG CB   C  N N 18  
ARG CG   C  N N 19  
ARG CD   C  N N 20  
ARG NE   N  N N 21  
ARG CZ   C  N N 22  
ARG NH1  N  N N 23  
ARG NH2  N  N N 24  
ARG OXT  O  N N 25  
ARG H    H  N N 26  
ARG H2   H  N N 27  
ARG HA   H  N N 28  
ARG HB2  H  N N 29  
ARG HB3  H  N N 30  
ARG HG2  H  N N 31  
ARG HG3  H  N N 32  
ARG HD2  H  N N 33  
ARG HD3  H  N N 34  
ARG HE   H  N N 35  
ARG HH11 H  N N 36  
ARG HH12 H  N N 37  
ARG HH21 H  N N 38  
ARG HH22 H  N N 39  
ARG HXT  H  N N 40  
ASN N    N  N N 41  
ASN CA   C  N S 42  
ASN C    C  N N 43  
ASN O    O  N N 44  
ASN CB   C  N N 45  
ASN CG   C  N N 46  
ASN OD1  O  N N 47  
ASN ND2  N  N N 48  
ASN OXT  O  N N 49  
ASN H    H  N N 50  
ASN H2   H  N N 51  
ASN HA   H  N N 52  
ASN HB2  H  N N 53  
ASN HB3  H  N N 54  
ASN HD21 H  N N 55  
ASN HD22 H  N N 56  
ASN HXT  H  N N 57  
ASP N    N  N N 58  
ASP CA   C  N S 59  
ASP C    C  N N 60  
ASP O    O  N N 61  
ASP CB   C  N N 62  
ASP CG   C  N N 63  
ASP OD1  O  N N 64  
ASP OD2  O  N N 65  
ASP OXT  O  N N 66  
ASP H    H  N N 67  
ASP H2   H  N N 68  
ASP HA   H  N N 69  
ASP HB2  H  N N 70  
ASP HB3  H  N N 71  
ASP HD2  H  N N 72  
ASP HXT  H  N N 73  
CYS N    N  N N 74  
CYS CA   C  N R 75  
CYS C    C  N N 76  
CYS O    O  N N 77  
CYS CB   C  N N 78  
CYS SG   S  N N 79  
CYS OXT  O  N N 80  
CYS H    H  N N 81  
CYS H2   H  N N 82  
CYS HA   H  N N 83  
CYS HB2  H  N N 84  
CYS HB3  H  N N 85  
CYS HG   H  N N 86  
CYS HXT  H  N N 87  
GLN N    N  N N 88  
GLN CA   C  N S 89  
GLN C    C  N N 90  
GLN O    O  N N 91  
GLN CB   C  N N 92  
GLN CG   C  N N 93  
GLN CD   C  N N 94  
GLN OE1  O  N N 95  
GLN NE2  N  N N 96  
GLN OXT  O  N N 97  
GLN H    H  N N 98  
GLN H2   H  N N 99  
GLN HA   H  N N 100 
GLN HB2  H  N N 101 
GLN HB3  H  N N 102 
GLN HG2  H  N N 103 
GLN HG3  H  N N 104 
GLN HE21 H  N N 105 
GLN HE22 H  N N 106 
GLN HXT  H  N N 107 
GLU N    N  N N 108 
GLU CA   C  N S 109 
GLU C    C  N N 110 
GLU O    O  N N 111 
GLU CB   C  N N 112 
GLU CG   C  N N 113 
GLU CD   C  N N 114 
GLU OE1  O  N N 115 
GLU OE2  O  N N 116 
GLU OXT  O  N N 117 
GLU H    H  N N 118 
GLU H2   H  N N 119 
GLU HA   H  N N 120 
GLU HB2  H  N N 121 
GLU HB3  H  N N 122 
GLU HG2  H  N N 123 
GLU HG3  H  N N 124 
GLU HE2  H  N N 125 
GLU HXT  H  N N 126 
GLY N    N  N N 127 
GLY CA   C  N N 128 
GLY C    C  N N 129 
GLY O    O  N N 130 
GLY OXT  O  N N 131 
GLY H    H  N N 132 
GLY H2   H  N N 133 
GLY HA2  H  N N 134 
GLY HA3  H  N N 135 
GLY HXT  H  N N 136 
HIS N    N  N N 137 
HIS CA   C  N S 138 
HIS C    C  N N 139 
HIS O    O  N N 140 
HIS CB   C  N N 141 
HIS CG   C  Y N 142 
HIS ND1  N  Y N 143 
HIS CD2  C  Y N 144 
HIS CE1  C  Y N 145 
HIS NE2  N  Y N 146 
HIS OXT  O  N N 147 
HIS H    H  N N 148 
HIS H2   H  N N 149 
HIS HA   H  N N 150 
HIS HB2  H  N N 151 
HIS HB3  H  N N 152 
HIS HD1  H  N N 153 
HIS HD2  H  N N 154 
HIS HE1  H  N N 155 
HIS HE2  H  N N 156 
HIS HXT  H  N N 157 
HOH O    O  N N 158 
HOH H1   H  N N 159 
HOH H2   H  N N 160 
ILE N    N  N N 161 
ILE CA   C  N S 162 
ILE C    C  N N 163 
ILE O    O  N N 164 
ILE CB   C  N S 165 
ILE CG1  C  N N 166 
ILE CG2  C  N N 167 
ILE CD1  C  N N 168 
ILE OXT  O  N N 169 
ILE H    H  N N 170 
ILE H2   H  N N 171 
ILE HA   H  N N 172 
ILE HB   H  N N 173 
ILE HG12 H  N N 174 
ILE HG13 H  N N 175 
ILE HG21 H  N N 176 
ILE HG22 H  N N 177 
ILE HG23 H  N N 178 
ILE HD11 H  N N 179 
ILE HD12 H  N N 180 
ILE HD13 H  N N 181 
ILE HXT  H  N N 182 
LEU N    N  N N 183 
LEU CA   C  N S 184 
LEU C    C  N N 185 
LEU O    O  N N 186 
LEU CB   C  N N 187 
LEU CG   C  N N 188 
LEU CD1  C  N N 189 
LEU CD2  C  N N 190 
LEU OXT  O  N N 191 
LEU H    H  N N 192 
LEU H2   H  N N 193 
LEU HA   H  N N 194 
LEU HB2  H  N N 195 
LEU HB3  H  N N 196 
LEU HG   H  N N 197 
LEU HD11 H  N N 198 
LEU HD12 H  N N 199 
LEU HD13 H  N N 200 
LEU HD21 H  N N 201 
LEU HD22 H  N N 202 
LEU HD23 H  N N 203 
LEU HXT  H  N N 204 
LYS N    N  N N 205 
LYS CA   C  N S 206 
LYS C    C  N N 207 
LYS O    O  N N 208 
LYS CB   C  N N 209 
LYS CG   C  N N 210 
LYS CD   C  N N 211 
LYS CE   C  N N 212 
LYS NZ   N  N N 213 
LYS OXT  O  N N 214 
LYS H    H  N N 215 
LYS H2   H  N N 216 
LYS HA   H  N N 217 
LYS HB2  H  N N 218 
LYS HB3  H  N N 219 
LYS HG2  H  N N 220 
LYS HG3  H  N N 221 
LYS HD2  H  N N 222 
LYS HD3  H  N N 223 
LYS HE2  H  N N 224 
LYS HE3  H  N N 225 
LYS HZ1  H  N N 226 
LYS HZ2  H  N N 227 
LYS HZ3  H  N N 228 
LYS HXT  H  N N 229 
MET N    N  N N 230 
MET CA   C  N S 231 
MET C    C  N N 232 
MET O    O  N N 233 
MET CB   C  N N 234 
MET CG   C  N N 235 
MET SD   S  N N 236 
MET CE   C  N N 237 
MET OXT  O  N N 238 
MET H    H  N N 239 
MET H2   H  N N 240 
MET HA   H  N N 241 
MET HB2  H  N N 242 
MET HB3  H  N N 243 
MET HG2  H  N N 244 
MET HG3  H  N N 245 
MET HE1  H  N N 246 
MET HE2  H  N N 247 
MET HE3  H  N N 248 
MET HXT  H  N N 249 
MRD C1   C  N N 250 
MRD C2   C  N N 251 
MRD O2   O  N N 252 
MRD CM   C  N N 253 
MRD C3   C  N N 254 
MRD C4   C  N R 255 
MRD O4   O  N N 256 
MRD C5   C  N N 257 
MRD H1C1 H  N N 258 
MRD H1C2 H  N N 259 
MRD H1C3 H  N N 260 
MRD H2   H  N N 261 
MRD HMC1 H  N N 262 
MRD HMC2 H  N N 263 
MRD HMC3 H  N N 264 
MRD H3C1 H  N N 265 
MRD H3C2 H  N N 266 
MRD H4   H  N N 267 
MRD HA   H  N N 268 
MRD H5C1 H  N N 269 
MRD H5C2 H  N N 270 
MRD H5C3 H  N N 271 
NA  NA   NA N N 272 
PHE N    N  N N 273 
PHE CA   C  N S 274 
PHE C    C  N N 275 
PHE O    O  N N 276 
PHE CB   C  N N 277 
PHE CG   C  Y N 278 
PHE CD1  C  Y N 279 
PHE CD2  C  Y N 280 
PHE CE1  C  Y N 281 
PHE CE2  C  Y N 282 
PHE CZ   C  Y N 283 
PHE OXT  O  N N 284 
PHE H    H  N N 285 
PHE H2   H  N N 286 
PHE HA   H  N N 287 
PHE HB2  H  N N 288 
PHE HB3  H  N N 289 
PHE HD1  H  N N 290 
PHE HD2  H  N N 291 
PHE HE1  H  N N 292 
PHE HE2  H  N N 293 
PHE HZ   H  N N 294 
PHE HXT  H  N N 295 
PO4 P    P  N N 296 
PO4 O1   O  N N 297 
PO4 O2   O  N N 298 
PO4 O3   O  N N 299 
PO4 O4   O  N N 300 
PRO N    N  N N 301 
PRO CA   C  N S 302 
PRO C    C  N N 303 
PRO O    O  N N 304 
PRO CB   C  N N 305 
PRO CG   C  N N 306 
PRO CD   C  N N 307 
PRO OXT  O  N N 308 
PRO H    H  N N 309 
PRO HA   H  N N 310 
PRO HB2  H  N N 311 
PRO HB3  H  N N 312 
PRO HG2  H  N N 313 
PRO HG3  H  N N 314 
PRO HD2  H  N N 315 
PRO HD3  H  N N 316 
PRO HXT  H  N N 317 
SER N    N  N N 318 
SER CA   C  N S 319 
SER C    C  N N 320 
SER O    O  N N 321 
SER CB   C  N N 322 
SER OG   O  N N 323 
SER OXT  O  N N 324 
SER H    H  N N 325 
SER H2   H  N N 326 
SER HA   H  N N 327 
SER HB2  H  N N 328 
SER HB3  H  N N 329 
SER HG   H  N N 330 
SER HXT  H  N N 331 
THR N    N  N N 332 
THR CA   C  N S 333 
THR C    C  N N 334 
THR O    O  N N 335 
THR CB   C  N R 336 
THR OG1  O  N N 337 
THR CG2  C  N N 338 
THR OXT  O  N N 339 
THR H    H  N N 340 
THR H2   H  N N 341 
THR HA   H  N N 342 
THR HB   H  N N 343 
THR HG1  H  N N 344 
THR HG21 H  N N 345 
THR HG22 H  N N 346 
THR HG23 H  N N 347 
THR HXT  H  N N 348 
TRP N    N  N N 349 
TRP CA   C  N S 350 
TRP C    C  N N 351 
TRP O    O  N N 352 
TRP CB   C  N N 353 
TRP CG   C  Y N 354 
TRP CD1  C  Y N 355 
TRP CD2  C  Y N 356 
TRP NE1  N  Y N 357 
TRP CE2  C  Y N 358 
TRP CE3  C  Y N 359 
TRP CZ2  C  Y N 360 
TRP CZ3  C  Y N 361 
TRP CH2  C  Y N 362 
TRP OXT  O  N N 363 
TRP H    H  N N 364 
TRP H2   H  N N 365 
TRP HA   H  N N 366 
TRP HB2  H  N N 367 
TRP HB3  H  N N 368 
TRP HD1  H  N N 369 
TRP HE1  H  N N 370 
TRP HE3  H  N N 371 
TRP HZ2  H  N N 372 
TRP HZ3  H  N N 373 
TRP HH2  H  N N 374 
TRP HXT  H  N N 375 
TYR N    N  N N 376 
TYR CA   C  N S 377 
TYR C    C  N N 378 
TYR O    O  N N 379 
TYR CB   C  N N 380 
TYR CG   C  Y N 381 
TYR CD1  C  Y N 382 
TYR CD2  C  Y N 383 
TYR CE1  C  Y N 384 
TYR CE2  C  Y N 385 
TYR CZ   C  Y N 386 
TYR OH   O  N N 387 
TYR OXT  O  N N 388 
TYR H    H  N N 389 
TYR H2   H  N N 390 
TYR HA   H  N N 391 
TYR HB2  H  N N 392 
TYR HB3  H  N N 393 
TYR HD1  H  N N 394 
TYR HD2  H  N N 395 
TYR HE1  H  N N 396 
TYR HE2  H  N N 397 
TYR HH   H  N N 398 
TYR HXT  H  N N 399 
VAL N    N  N N 400 
VAL CA   C  N S 401 
VAL C    C  N N 402 
VAL O    O  N N 403 
VAL CB   C  N N 404 
VAL CG1  C  N N 405 
VAL CG2  C  N N 406 
VAL OXT  O  N N 407 
VAL H    H  N N 408 
VAL H2   H  N N 409 
VAL HA   H  N N 410 
VAL HB   H  N N 411 
VAL HG11 H  N N 412 
VAL HG12 H  N N 413 
VAL HG13 H  N N 414 
VAL HG21 H  N N 415 
VAL HG22 H  N N 416 
VAL HG23 H  N N 417 
VAL HXT  H  N N 418 
# 
loop_
_chem_comp_bond.comp_id 
_chem_comp_bond.atom_id_1 
_chem_comp_bond.atom_id_2 
_chem_comp_bond.value_order 
_chem_comp_bond.pdbx_aromatic_flag 
_chem_comp_bond.pdbx_stereo_config 
_chem_comp_bond.pdbx_ordinal 
ALA N   CA   sing N N 1   
ALA N   H    sing N N 2   
ALA N   H2   sing N N 3   
ALA CA  C    sing N N 4   
ALA CA  CB   sing N N 5   
ALA CA  HA   sing N N 6   
ALA C   O    doub N N 7   
ALA C   OXT  sing N N 8   
ALA CB  HB1  sing N N 9   
ALA CB  HB2  sing N N 10  
ALA CB  HB3  sing N N 11  
ALA OXT HXT  sing N N 12  
ARG N   CA   sing N N 13  
ARG N   H    sing N N 14  
ARG N   H2   sing N N 15  
ARG CA  C    sing N N 16  
ARG CA  CB   sing N N 17  
ARG CA  HA   sing N N 18  
ARG C   O    doub N N 19  
ARG C   OXT  sing N N 20  
ARG CB  CG   sing N N 21  
ARG CB  HB2  sing N N 22  
ARG CB  HB3  sing N N 23  
ARG CG  CD   sing N N 24  
ARG CG  HG2  sing N N 25  
ARG CG  HG3  sing N N 26  
ARG CD  NE   sing N N 27  
ARG CD  HD2  sing N N 28  
ARG CD  HD3  sing N N 29  
ARG NE  CZ   sing N N 30  
ARG NE  HE   sing N N 31  
ARG CZ  NH1  sing N N 32  
ARG CZ  NH2  doub N N 33  
ARG NH1 HH11 sing N N 34  
ARG NH1 HH12 sing N N 35  
ARG NH2 HH21 sing N N 36  
ARG NH2 HH22 sing N N 37  
ARG OXT HXT  sing N N 38  
ASN N   CA   sing N N 39  
ASN N   H    sing N N 40  
ASN N   H2   sing N N 41  
ASN CA  C    sing N N 42  
ASN CA  CB   sing N N 43  
ASN CA  HA   sing N N 44  
ASN C   O    doub N N 45  
ASN C   OXT  sing N N 46  
ASN CB  CG   sing N N 47  
ASN CB  HB2  sing N N 48  
ASN CB  HB3  sing N N 49  
ASN CG  OD1  doub N N 50  
ASN CG  ND2  sing N N 51  
ASN ND2 HD21 sing N N 52  
ASN ND2 HD22 sing N N 53  
ASN OXT HXT  sing N N 54  
ASP N   CA   sing N N 55  
ASP N   H    sing N N 56  
ASP N   H2   sing N N 57  
ASP CA  C    sing N N 58  
ASP CA  CB   sing N N 59  
ASP CA  HA   sing N N 60  
ASP C   O    doub N N 61  
ASP C   OXT  sing N N 62  
ASP CB  CG   sing N N 63  
ASP CB  HB2  sing N N 64  
ASP CB  HB3  sing N N 65  
ASP CG  OD1  doub N N 66  
ASP CG  OD2  sing N N 67  
ASP OD2 HD2  sing N N 68  
ASP OXT HXT  sing N N 69  
CYS N   CA   sing N N 70  
CYS N   H    sing N N 71  
CYS N   H2   sing N N 72  
CYS CA  C    sing N N 73  
CYS CA  CB   sing N N 74  
CYS CA  HA   sing N N 75  
CYS C   O    doub N N 76  
CYS C   OXT  sing N N 77  
CYS CB  SG   sing N N 78  
CYS CB  HB2  sing N N 79  
CYS CB  HB3  sing N N 80  
CYS SG  HG   sing N N 81  
CYS OXT HXT  sing N N 82  
GLN N   CA   sing N N 83  
GLN N   H    sing N N 84  
GLN N   H2   sing N N 85  
GLN CA  C    sing N N 86  
GLN CA  CB   sing N N 87  
GLN CA  HA   sing N N 88  
GLN C   O    doub N N 89  
GLN C   OXT  sing N N 90  
GLN CB  CG   sing N N 91  
GLN CB  HB2  sing N N 92  
GLN CB  HB3  sing N N 93  
GLN CG  CD   sing N N 94  
GLN CG  HG2  sing N N 95  
GLN CG  HG3  sing N N 96  
GLN CD  OE1  doub N N 97  
GLN CD  NE2  sing N N 98  
GLN NE2 HE21 sing N N 99  
GLN NE2 HE22 sing N N 100 
GLN OXT HXT  sing N N 101 
GLU N   CA   sing N N 102 
GLU N   H    sing N N 103 
GLU N   H2   sing N N 104 
GLU CA  C    sing N N 105 
GLU CA  CB   sing N N 106 
GLU CA  HA   sing N N 107 
GLU C   O    doub N N 108 
GLU C   OXT  sing N N 109 
GLU CB  CG   sing N N 110 
GLU CB  HB2  sing N N 111 
GLU CB  HB3  sing N N 112 
GLU CG  CD   sing N N 113 
GLU CG  HG2  sing N N 114 
GLU CG  HG3  sing N N 115 
GLU CD  OE1  doub N N 116 
GLU CD  OE2  sing N N 117 
GLU OE2 HE2  sing N N 118 
GLU OXT HXT  sing N N 119 
GLY N   CA   sing N N 120 
GLY N   H    sing N N 121 
GLY N   H2   sing N N 122 
GLY CA  C    sing N N 123 
GLY CA  HA2  sing N N 124 
GLY CA  HA3  sing N N 125 
GLY C   O    doub N N 126 
GLY C   OXT  sing N N 127 
GLY OXT HXT  sing N N 128 
HIS N   CA   sing N N 129 
HIS N   H    sing N N 130 
HIS N   H2   sing N N 131 
HIS CA  C    sing N N 132 
HIS CA  CB   sing N N 133 
HIS CA  HA   sing N N 134 
HIS C   O    doub N N 135 
HIS C   OXT  sing N N 136 
HIS CB  CG   sing N N 137 
HIS CB  HB2  sing N N 138 
HIS CB  HB3  sing N N 139 
HIS CG  ND1  sing Y N 140 
HIS CG  CD2  doub Y N 141 
HIS ND1 CE1  doub Y N 142 
HIS ND1 HD1  sing N N 143 
HIS CD2 NE2  sing Y N 144 
HIS CD2 HD2  sing N N 145 
HIS CE1 NE2  sing Y N 146 
HIS CE1 HE1  sing N N 147 
HIS NE2 HE2  sing N N 148 
HIS OXT HXT  sing N N 149 
HOH O   H1   sing N N 150 
HOH O   H2   sing N N 151 
ILE N   CA   sing N N 152 
ILE N   H    sing N N 153 
ILE N   H2   sing N N 154 
ILE CA  C    sing N N 155 
ILE CA  CB   sing N N 156 
ILE CA  HA   sing N N 157 
ILE C   O    doub N N 158 
ILE C   OXT  sing N N 159 
ILE CB  CG1  sing N N 160 
ILE CB  CG2  sing N N 161 
ILE CB  HB   sing N N 162 
ILE CG1 CD1  sing N N 163 
ILE CG1 HG12 sing N N 164 
ILE CG1 HG13 sing N N 165 
ILE CG2 HG21 sing N N 166 
ILE CG2 HG22 sing N N 167 
ILE CG2 HG23 sing N N 168 
ILE CD1 HD11 sing N N 169 
ILE CD1 HD12 sing N N 170 
ILE CD1 HD13 sing N N 171 
ILE OXT HXT  sing N N 172 
LEU N   CA   sing N N 173 
LEU N   H    sing N N 174 
LEU N   H2   sing N N 175 
LEU CA  C    sing N N 176 
LEU CA  CB   sing N N 177 
LEU CA  HA   sing N N 178 
LEU C   O    doub N N 179 
LEU C   OXT  sing N N 180 
LEU CB  CG   sing N N 181 
LEU CB  HB2  sing N N 182 
LEU CB  HB3  sing N N 183 
LEU CG  CD1  sing N N 184 
LEU CG  CD2  sing N N 185 
LEU CG  HG   sing N N 186 
LEU CD1 HD11 sing N N 187 
LEU CD1 HD12 sing N N 188 
LEU CD1 HD13 sing N N 189 
LEU CD2 HD21 sing N N 190 
LEU CD2 HD22 sing N N 191 
LEU CD2 HD23 sing N N 192 
LEU OXT HXT  sing N N 193 
LYS N   CA   sing N N 194 
LYS N   H    sing N N 195 
LYS N   H2   sing N N 196 
LYS CA  C    sing N N 197 
LYS CA  CB   sing N N 198 
LYS CA  HA   sing N N 199 
LYS C   O    doub N N 200 
LYS C   OXT  sing N N 201 
LYS CB  CG   sing N N 202 
LYS CB  HB2  sing N N 203 
LYS CB  HB3  sing N N 204 
LYS CG  CD   sing N N 205 
LYS CG  HG2  sing N N 206 
LYS CG  HG3  sing N N 207 
LYS CD  CE   sing N N 208 
LYS CD  HD2  sing N N 209 
LYS CD  HD3  sing N N 210 
LYS CE  NZ   sing N N 211 
LYS CE  HE2  sing N N 212 
LYS CE  HE3  sing N N 213 
LYS NZ  HZ1  sing N N 214 
LYS NZ  HZ2  sing N N 215 
LYS NZ  HZ3  sing N N 216 
LYS OXT HXT  sing N N 217 
MET N   CA   sing N N 218 
MET N   H    sing N N 219 
MET N   H2   sing N N 220 
MET CA  C    sing N N 221 
MET CA  CB   sing N N 222 
MET CA  HA   sing N N 223 
MET C   O    doub N N 224 
MET C   OXT  sing N N 225 
MET CB  CG   sing N N 226 
MET CB  HB2  sing N N 227 
MET CB  HB3  sing N N 228 
MET CG  SD   sing N N 229 
MET CG  HG2  sing N N 230 
MET CG  HG3  sing N N 231 
MET SD  CE   sing N N 232 
MET CE  HE1  sing N N 233 
MET CE  HE2  sing N N 234 
MET CE  HE3  sing N N 235 
MET OXT HXT  sing N N 236 
MRD C1  C2   sing N N 237 
MRD C1  H1C1 sing N N 238 
MRD C1  H1C2 sing N N 239 
MRD C1  H1C3 sing N N 240 
MRD C2  O2   sing N N 241 
MRD C2  CM   sing N N 242 
MRD C2  C3   sing N N 243 
MRD O2  H2   sing N N 244 
MRD CM  HMC1 sing N N 245 
MRD CM  HMC2 sing N N 246 
MRD CM  HMC3 sing N N 247 
MRD C3  C4   sing N N 248 
MRD C3  H3C1 sing N N 249 
MRD C3  H3C2 sing N N 250 
MRD C4  O4   sing N N 251 
MRD C4  C5   sing N N 252 
MRD C4  H4   sing N N 253 
MRD O4  HA   sing N N 254 
MRD C5  H5C1 sing N N 255 
MRD C5  H5C2 sing N N 256 
MRD C5  H5C3 sing N N 257 
PHE N   CA   sing N N 258 
PHE N   H    sing N N 259 
PHE N   H2   sing N N 260 
PHE CA  C    sing N N 261 
PHE CA  CB   sing N N 262 
PHE CA  HA   sing N N 263 
PHE C   O    doub N N 264 
PHE C   OXT  sing N N 265 
PHE CB  CG   sing N N 266 
PHE CB  HB2  sing N N 267 
PHE CB  HB3  sing N N 268 
PHE CG  CD1  doub Y N 269 
PHE CG  CD2  sing Y N 270 
PHE CD1 CE1  sing Y N 271 
PHE CD1 HD1  sing N N 272 
PHE CD2 CE2  doub Y N 273 
PHE CD2 HD2  sing N N 274 
PHE CE1 CZ   doub Y N 275 
PHE CE1 HE1  sing N N 276 
PHE CE2 CZ   sing Y N 277 
PHE CE2 HE2  sing N N 278 
PHE CZ  HZ   sing N N 279 
PHE OXT HXT  sing N N 280 
PO4 P   O1   doub N N 281 
PO4 P   O2   sing N N 282 
PO4 P   O3   sing N N 283 
PO4 P   O4   sing N N 284 
PRO N   CA   sing N N 285 
PRO N   CD   sing N N 286 
PRO N   H    sing N N 287 
PRO CA  C    sing N N 288 
PRO CA  CB   sing N N 289 
PRO CA  HA   sing N N 290 
PRO C   O    doub N N 291 
PRO C   OXT  sing N N 292 
PRO CB  CG   sing N N 293 
PRO CB  HB2  sing N N 294 
PRO CB  HB3  sing N N 295 
PRO CG  CD   sing N N 296 
PRO CG  HG2  sing N N 297 
PRO CG  HG3  sing N N 298 
PRO CD  HD2  sing N N 299 
PRO CD  HD3  sing N N 300 
PRO OXT HXT  sing N N 301 
SER N   CA   sing N N 302 
SER N   H    sing N N 303 
SER N   H2   sing N N 304 
SER CA  C    sing N N 305 
SER CA  CB   sing N N 306 
SER CA  HA   sing N N 307 
SER C   O    doub N N 308 
SER C   OXT  sing N N 309 
SER CB  OG   sing N N 310 
SER CB  HB2  sing N N 311 
SER CB  HB3  sing N N 312 
SER OG  HG   sing N N 313 
SER OXT HXT  sing N N 314 
THR N   CA   sing N N 315 
THR N   H    sing N N 316 
THR N   H2   sing N N 317 
THR CA  C    sing N N 318 
THR CA  CB   sing N N 319 
THR CA  HA   sing N N 320 
THR C   O    doub N N 321 
THR C   OXT  sing N N 322 
THR CB  OG1  sing N N 323 
THR CB  CG2  sing N N 324 
THR CB  HB   sing N N 325 
THR OG1 HG1  sing N N 326 
THR CG2 HG21 sing N N 327 
THR CG2 HG22 sing N N 328 
THR CG2 HG23 sing N N 329 
THR OXT HXT  sing N N 330 
TRP N   CA   sing N N 331 
TRP N   H    sing N N 332 
TRP N   H2   sing N N 333 
TRP CA  C    sing N N 334 
TRP CA  CB   sing N N 335 
TRP CA  HA   sing N N 336 
TRP C   O    doub N N 337 
TRP C   OXT  sing N N 338 
TRP CB  CG   sing N N 339 
TRP CB  HB2  sing N N 340 
TRP CB  HB3  sing N N 341 
TRP CG  CD1  doub Y N 342 
TRP CG  CD2  sing Y N 343 
TRP CD1 NE1  sing Y N 344 
TRP CD1 HD1  sing N N 345 
TRP CD2 CE2  doub Y N 346 
TRP CD2 CE3  sing Y N 347 
TRP NE1 CE2  sing Y N 348 
TRP NE1 HE1  sing N N 349 
TRP CE2 CZ2  sing Y N 350 
TRP CE3 CZ3  doub Y N 351 
TRP CE3 HE3  sing N N 352 
TRP CZ2 CH2  doub Y N 353 
TRP CZ2 HZ2  sing N N 354 
TRP CZ3 CH2  sing Y N 355 
TRP CZ3 HZ3  sing N N 356 
TRP CH2 HH2  sing N N 357 
TRP OXT HXT  sing N N 358 
TYR N   CA   sing N N 359 
TYR N   H    sing N N 360 
TYR N   H2   sing N N 361 
TYR CA  C    sing N N 362 
TYR CA  CB   sing N N 363 
TYR CA  HA   sing N N 364 
TYR C   O    doub N N 365 
TYR C   OXT  sing N N 366 
TYR CB  CG   sing N N 367 
TYR CB  HB2  sing N N 368 
TYR CB  HB3  sing N N 369 
TYR CG  CD1  doub Y N 370 
TYR CG  CD2  sing Y N 371 
TYR CD1 CE1  sing Y N 372 
TYR CD1 HD1  sing N N 373 
TYR CD2 CE2  doub Y N 374 
TYR CD2 HD2  sing N N 375 
TYR CE1 CZ   doub Y N 376 
TYR CE1 HE1  sing N N 377 
TYR CE2 CZ   sing Y N 378 
TYR CE2 HE2  sing N N 379 
TYR CZ  OH   sing N N 380 
TYR OH  HH   sing N N 381 
TYR OXT HXT  sing N N 382 
VAL N   CA   sing N N 383 
VAL N   H    sing N N 384 
VAL N   H2   sing N N 385 
VAL CA  C    sing N N 386 
VAL CA  CB   sing N N 387 
VAL CA  HA   sing N N 388 
VAL C   O    doub N N 389 
VAL C   OXT  sing N N 390 
VAL CB  CG1  sing N N 391 
VAL CB  CG2  sing N N 392 
VAL CB  HB   sing N N 393 
VAL CG1 HG11 sing N N 394 
VAL CG1 HG12 sing N N 395 
VAL CG1 HG13 sing N N 396 
VAL CG2 HG21 sing N N 397 
VAL CG2 HG22 sing N N 398 
VAL CG2 HG23 sing N N 399 
VAL OXT HXT  sing N N 400 
# 
loop_
_pdbx_entity_nonpoly.entity_id 
_pdbx_entity_nonpoly.name 
_pdbx_entity_nonpoly.comp_id 
2 '(4R)-2-METHYLPENTANE-2,4-DIOL' MRD 
3 'PHOSPHATE ION'                 PO4 
4 'SODIUM ION'                    NA  
5 water                           HOH 
# 
_pdbx_initial_refinement_model.id               1 
_pdbx_initial_refinement_model.entity_id_list   ? 
_pdbx_initial_refinement_model.type             'experimental model' 
_pdbx_initial_refinement_model.source_name      PDB 
_pdbx_initial_refinement_model.accession_code   1HQV 
_pdbx_initial_refinement_model.details          'PDB ENTRY 1HQV' 
# 
